data_2HH3
#
_entry.id   2HH3
#
_entity_poly.entity_id   1
_entity_poly.type   'polypeptide(L)'
_entity_poly.pdbx_seq_one_letter_code
;GAMATGSRIGGGIDVPVPRHSVGVVIGRSGEMIKKIQNDAGVRIQFKQDDGTGPEKIAHIMGPPDRCEHAARIINDLLQS
LRSGPPGPPGGPGMPPGGRGRGRGQG
;
_entity_poly.pdbx_strand_id   A
#
# COMPACT_ATOMS: atom_id res chain seq x y z
N GLY A 12 -7.04 -10.99 0.89
CA GLY A 12 -5.90 -10.16 0.59
C GLY A 12 -4.89 -10.15 1.71
N ILE A 13 -4.07 -9.11 1.75
CA ILE A 13 -3.03 -9.00 2.75
C ILE A 13 -3.10 -7.66 3.47
N ASP A 14 -2.82 -7.67 4.76
CA ASP A 14 -2.73 -6.46 5.55
C ASP A 14 -1.27 -6.07 5.68
N VAL A 15 -0.90 -4.94 5.09
CA VAL A 15 0.51 -4.57 4.96
C VAL A 15 0.82 -3.26 5.68
N PRO A 16 1.90 -3.25 6.47
CA PRO A 16 2.34 -2.04 7.17
C PRO A 16 2.84 -0.96 6.20
N VAL A 17 2.25 0.22 6.29
CA VAL A 17 2.67 1.37 5.52
C VAL A 17 2.82 2.60 6.41
N PRO A 18 4.06 3.06 6.61
CA PRO A 18 4.35 4.18 7.52
C PRO A 18 3.50 5.41 7.23
N ARG A 19 2.93 5.99 8.28
CA ARG A 19 2.05 7.15 8.15
C ARG A 19 2.84 8.36 7.66
N HIS A 20 4.15 8.26 7.75
CA HIS A 20 5.05 9.30 7.25
C HIS A 20 5.38 9.03 5.78
N SER A 21 5.07 7.83 5.32
CA SER A 21 5.42 7.40 3.97
C SER A 21 4.21 7.34 3.05
N VAL A 22 3.01 7.25 3.62
CA VAL A 22 1.79 7.19 2.86
C VAL A 22 1.63 8.42 1.95
N GLY A 23 2.26 9.51 2.34
CA GLY A 23 2.25 10.71 1.53
C GLY A 23 2.81 10.45 0.14
N VAL A 24 3.86 9.63 0.08
CA VAL A 24 4.51 9.29 -1.18
C VAL A 24 3.67 8.27 -1.94
N VAL A 25 3.09 7.33 -1.20
CA VAL A 25 2.28 6.27 -1.79
C VAL A 25 0.99 6.83 -2.40
N ILE A 26 0.43 7.82 -1.73
CA ILE A 26 -0.81 8.44 -2.19
C ILE A 26 -0.53 9.45 -3.30
N GLY A 27 0.57 10.18 -3.17
CA GLY A 27 0.87 11.23 -4.12
C GLY A 27 -0.07 12.38 -3.96
N ARG A 28 -0.81 12.70 -5.02
CA ARG A 28 -1.86 13.70 -4.94
C ARG A 28 -3.18 13.05 -5.32
N SER A 29 -4.22 13.27 -4.51
CA SER A 29 -5.56 12.74 -4.78
C SER A 29 -5.61 11.22 -4.59
N GLY A 30 -4.47 10.61 -4.35
CA GLY A 30 -4.37 9.17 -4.37
C GLY A 30 -4.13 8.68 -5.77
N GLU A 31 -3.77 9.61 -6.65
CA GLU A 31 -3.54 9.32 -8.05
C GLU A 31 -2.42 8.30 -8.21
N MET A 32 -1.39 8.44 -7.38
CA MET A 32 -0.24 7.53 -7.43
C MET A 32 -0.65 6.12 -7.03
N ILE A 33 -1.40 6.01 -5.94
CA ILE A 33 -1.81 4.71 -5.45
C ILE A 33 -2.84 4.08 -6.39
N LYS A 34 -3.58 4.92 -7.11
CA LYS A 34 -4.49 4.44 -8.14
C LYS A 34 -3.70 3.85 -9.29
N LYS A 35 -2.57 4.48 -9.60
CA LYS A 35 -1.68 4.00 -10.64
C LYS A 35 -1.08 2.66 -10.24
N ILE A 36 -0.82 2.49 -8.95
CA ILE A 36 -0.36 1.22 -8.43
C ILE A 36 -1.44 0.15 -8.60
N GLN A 37 -2.63 0.46 -8.09
CA GLN A 37 -3.78 -0.43 -8.20
C GLN A 37 -4.09 -0.75 -9.66
N ASN A 38 -3.82 0.21 -10.54
CA ASN A 38 -4.05 0.05 -11.96
C ASN A 38 -3.11 -0.98 -12.56
N ASP A 39 -1.81 -0.79 -12.37
CA ASP A 39 -0.81 -1.64 -13.01
C ASP A 39 -0.72 -2.99 -12.33
N ALA A 40 -1.02 -3.03 -11.04
CA ALA A 40 -1.00 -4.28 -10.31
C ALA A 40 -2.31 -5.03 -10.49
N GLY A 41 -3.39 -4.30 -10.71
CA GLY A 41 -4.70 -4.91 -10.82
C GLY A 41 -5.24 -5.31 -9.47
N VAL A 42 -5.05 -4.42 -8.49
CA VAL A 42 -5.41 -4.72 -7.12
C VAL A 42 -6.24 -3.62 -6.51
N ARG A 43 -6.63 -3.82 -5.26
CA ARG A 43 -7.23 -2.78 -4.46
C ARG A 43 -6.39 -2.54 -3.22
N ILE A 44 -6.05 -1.29 -2.98
CA ILE A 44 -5.27 -0.93 -1.80
C ILE A 44 -6.08 0.04 -0.94
N GLN A 45 -6.53 -0.42 0.20
CA GLN A 45 -7.31 0.41 1.10
C GLN A 45 -6.52 0.70 2.37
N PHE A 46 -6.26 1.97 2.63
CA PHE A 46 -5.60 2.36 3.86
C PHE A 46 -6.57 2.29 5.02
N LYS A 47 -6.29 1.38 5.95
CA LYS A 47 -7.10 1.25 7.15
C LYS A 47 -6.77 2.38 8.11
N GLN A 48 -7.54 2.50 9.20
CA GLN A 48 -7.34 3.57 10.18
C GLN A 48 -5.87 3.64 10.59
N ASP A 49 -5.41 2.56 11.16
CA ASP A 49 -4.00 2.37 11.46
C ASP A 49 -3.73 0.88 11.54
N ASP A 50 -4.16 0.26 12.65
CA ASP A 50 -4.20 -1.19 12.79
C ASP A 50 -2.80 -1.82 12.81
N GLY A 51 -2.66 -2.87 13.60
CA GLY A 51 -1.42 -3.64 13.60
C GLY A 51 -0.31 -2.97 14.39
N THR A 52 -0.05 -1.72 14.08
CA THR A 52 1.04 -0.98 14.68
C THR A 52 0.60 0.47 14.98
N GLY A 53 1.56 1.33 15.29
CA GLY A 53 1.23 2.71 15.63
C GLY A 53 1.65 3.70 14.56
N PRO A 54 2.96 3.83 14.30
CA PRO A 54 3.49 4.80 13.33
C PRO A 54 3.22 4.40 11.88
N GLU A 55 2.61 3.24 11.69
CA GLU A 55 2.26 2.76 10.37
C GLU A 55 0.78 2.44 10.28
N LYS A 56 0.24 2.60 9.09
CA LYS A 56 -1.13 2.21 8.78
C LYS A 56 -1.09 0.85 8.12
N ILE A 57 -2.24 0.26 7.88
CA ILE A 57 -2.30 -0.97 7.13
C ILE A 57 -2.92 -0.75 5.77
N ALA A 58 -2.11 -0.93 4.74
CA ALA A 58 -2.59 -0.95 3.38
C ALA A 58 -3.20 -2.32 3.12
N HIS A 59 -4.47 -2.38 2.81
CA HIS A 59 -5.13 -3.65 2.61
C HIS A 59 -5.17 -3.96 1.13
N ILE A 60 -4.27 -4.83 0.70
CA ILE A 60 -4.19 -5.23 -0.69
C ILE A 60 -5.10 -6.41 -0.91
N MET A 61 -5.84 -6.41 -2.00
CA MET A 61 -6.91 -7.38 -2.18
C MET A 61 -7.09 -7.75 -3.65
N GLY A 62 -7.73 -8.89 -3.87
CA GLY A 62 -7.92 -9.40 -5.20
C GLY A 62 -7.44 -10.83 -5.31
N PRO A 63 -6.50 -11.10 -6.22
CA PRO A 63 -5.88 -12.42 -6.33
C PRO A 63 -4.79 -12.61 -5.27
N PRO A 64 -4.63 -13.84 -4.76
CA PRO A 64 -3.73 -14.14 -3.64
C PRO A 64 -2.26 -13.87 -3.97
N ASP A 65 -1.85 -14.27 -5.17
CA ASP A 65 -0.48 -14.03 -5.62
C ASP A 65 -0.31 -12.57 -5.99
N ARG A 66 -1.37 -12.02 -6.57
CA ARG A 66 -1.37 -10.62 -7.00
C ARG A 66 -1.19 -9.69 -5.80
N CYS A 67 -1.72 -10.10 -4.66
CA CYS A 67 -1.56 -9.34 -3.43
C CYS A 67 -0.08 -9.13 -3.12
N GLU A 68 0.72 -10.18 -3.32
CA GLU A 68 2.15 -10.11 -3.07
C GLU A 68 2.86 -9.28 -4.14
N HIS A 69 2.36 -9.38 -5.37
CA HIS A 69 2.89 -8.60 -6.47
C HIS A 69 2.73 -7.11 -6.17
N ALA A 70 1.53 -6.72 -5.78
CA ALA A 70 1.24 -5.35 -5.42
C ALA A 70 1.93 -4.98 -4.11
N ALA A 71 2.11 -5.98 -3.25
CA ALA A 71 2.81 -5.80 -1.99
C ALA A 71 4.23 -5.35 -2.26
N ARG A 72 4.85 -5.95 -3.26
CA ARG A 72 6.22 -5.61 -3.59
C ARG A 72 6.29 -4.21 -4.17
N ILE A 73 5.31 -3.84 -4.99
CA ILE A 73 5.26 -2.49 -5.55
C ILE A 73 5.33 -1.45 -4.44
N ILE A 74 4.44 -1.61 -3.46
CA ILE A 74 4.36 -0.69 -2.33
C ILE A 74 5.59 -0.82 -1.44
N ASN A 75 5.97 -2.06 -1.14
CA ASN A 75 7.09 -2.35 -0.23
C ASN A 75 8.39 -1.77 -0.77
N ASP A 76 8.63 -1.99 -2.05
CA ASP A 76 9.84 -1.48 -2.71
C ASP A 76 9.90 0.03 -2.60
N LEU A 77 8.74 0.67 -2.76
CA LEU A 77 8.62 2.11 -2.61
C LEU A 77 8.87 2.51 -1.14
N LEU A 78 8.40 1.68 -0.22
CA LEU A 78 8.53 1.96 1.20
C LEU A 78 9.91 1.58 1.72
N GLN A 79 10.69 0.90 0.91
CA GLN A 79 12.01 0.43 1.32
C GLN A 79 12.88 1.59 1.76
N SER A 80 12.96 2.61 0.92
CA SER A 80 13.71 3.80 1.23
C SER A 80 13.02 4.62 2.33
N LEU A 81 11.69 4.54 2.35
CA LEU A 81 10.89 5.36 3.24
C LEU A 81 10.90 4.85 4.69
N ARG A 82 10.99 3.53 4.88
CA ARG A 82 10.99 2.99 6.24
C ARG A 82 12.40 2.70 6.72
N GLY A 12 -7.63 -10.30 2.29
CA GLY A 12 -6.46 -10.47 1.46
C GLY A 12 -5.18 -10.40 2.27
N ILE A 13 -4.36 -9.40 2.00
CA ILE A 13 -3.15 -9.19 2.79
C ILE A 13 -3.22 -7.86 3.51
N ASP A 14 -2.57 -7.80 4.66
CA ASP A 14 -2.50 -6.60 5.46
C ASP A 14 -1.05 -6.14 5.54
N VAL A 15 -0.74 -5.08 4.82
CA VAL A 15 0.65 -4.63 4.69
C VAL A 15 0.90 -3.35 5.48
N PRO A 16 1.93 -3.36 6.34
CA PRO A 16 2.34 -2.19 7.11
C PRO A 16 2.96 -1.11 6.22
N VAL A 17 2.31 0.03 6.16
CA VAL A 17 2.81 1.17 5.40
C VAL A 17 2.99 2.38 6.30
N PRO A 18 4.26 2.78 6.53
CA PRO A 18 4.61 3.91 7.39
C PRO A 18 3.82 5.17 7.05
N ARG A 19 3.21 5.75 8.07
CA ARG A 19 2.29 6.89 7.90
C ARG A 19 2.97 8.10 7.26
N HIS A 20 4.26 8.28 7.52
CA HIS A 20 5.00 9.39 6.92
C HIS A 20 5.34 9.09 5.48
N SER A 21 5.30 7.82 5.13
CA SER A 21 5.60 7.37 3.77
C SER A 21 4.34 7.32 2.93
N VAL A 22 3.20 7.29 3.62
CA VAL A 22 1.88 7.29 2.96
C VAL A 22 1.74 8.51 2.05
N GLY A 23 2.38 9.61 2.43
CA GLY A 23 2.36 10.82 1.64
C GLY A 23 2.93 10.63 0.25
N VAL A 24 3.90 9.72 0.12
CA VAL A 24 4.52 9.44 -1.16
C VAL A 24 3.73 8.34 -1.90
N VAL A 25 3.22 7.39 -1.13
CA VAL A 25 2.42 6.31 -1.68
C VAL A 25 1.12 6.86 -2.25
N ILE A 26 0.56 7.83 -1.55
CA ILE A 26 -0.65 8.51 -1.99
C ILE A 26 -0.32 9.55 -3.05
N GLY A 27 0.64 10.42 -2.75
CA GLY A 27 1.00 11.46 -3.66
C GLY A 27 0.35 12.77 -3.29
N ARG A 28 -0.77 13.07 -3.92
CA ARG A 28 -1.56 14.25 -3.59
C ARG A 28 -3.03 13.86 -3.45
N SER A 29 -3.56 13.27 -4.51
CA SER A 29 -4.94 12.82 -4.55
C SER A 29 -5.04 11.33 -4.27
N GLY A 30 -3.93 10.64 -4.38
CA GLY A 30 -3.91 9.20 -4.28
C GLY A 30 -3.62 8.58 -5.62
N GLU A 31 -3.12 9.41 -6.53
CA GLU A 31 -2.87 9.00 -7.89
C GLU A 31 -1.66 8.10 -7.98
N MET A 32 -0.77 8.19 -7.00
CA MET A 32 0.41 7.33 -6.97
C MET A 32 0.00 5.91 -6.58
N ILE A 33 -0.93 5.81 -5.64
CA ILE A 33 -1.43 4.51 -5.24
C ILE A 33 -2.42 3.99 -6.28
N LYS A 34 -2.99 4.90 -7.07
CA LYS A 34 -3.79 4.52 -8.22
C LYS A 34 -2.91 3.83 -9.25
N LYS A 35 -1.68 4.33 -9.39
CA LYS A 35 -0.69 3.69 -10.23
C LYS A 35 -0.46 2.26 -9.77
N ILE A 36 -0.29 2.08 -8.46
CA ILE A 36 -0.07 0.76 -7.88
C ILE A 36 -1.26 -0.16 -8.15
N GLN A 37 -2.45 0.35 -7.87
CA GLN A 37 -3.68 -0.39 -8.06
C GLN A 37 -3.92 -0.73 -9.54
N ASN A 38 -3.44 0.13 -10.43
CA ASN A 38 -3.63 -0.08 -11.87
C ASN A 38 -2.58 -1.04 -12.42
N ASP A 39 -1.33 -0.83 -12.06
CA ASP A 39 -0.23 -1.65 -12.54
C ASP A 39 -0.42 -3.10 -12.12
N ALA A 40 -0.77 -3.30 -10.86
CA ALA A 40 -0.97 -4.64 -10.35
C ALA A 40 -2.39 -5.13 -10.59
N GLY A 41 -3.31 -4.19 -10.76
CA GLY A 41 -4.71 -4.53 -10.93
C GLY A 41 -5.36 -4.91 -9.62
N VAL A 42 -4.91 -4.26 -8.55
CA VAL A 42 -5.36 -4.59 -7.20
C VAL A 42 -6.17 -3.46 -6.58
N ARG A 43 -6.56 -3.67 -5.35
CA ARG A 43 -7.23 -2.66 -4.54
C ARG A 43 -6.47 -2.48 -3.23
N ILE A 44 -6.23 -1.23 -2.87
CA ILE A 44 -5.48 -0.93 -1.65
C ILE A 44 -6.22 0.15 -0.84
N GLN A 45 -6.76 -0.26 0.30
CA GLN A 45 -7.43 0.68 1.20
C GLN A 45 -6.68 0.80 2.52
N PHE A 46 -6.58 2.02 3.02
CA PHE A 46 -5.93 2.25 4.30
C PHE A 46 -6.89 2.01 5.45
N LYS A 47 -6.61 0.96 6.21
CA LYS A 47 -7.45 0.59 7.33
C LYS A 47 -7.24 1.52 8.52
N GLN A 48 -8.31 1.75 9.25
CA GLN A 48 -8.25 2.43 10.54
C GLN A 48 -8.12 1.37 11.63
N ASP A 49 -8.42 0.14 11.24
CA ASP A 49 -8.35 -1.00 12.13
C ASP A 49 -6.91 -1.42 12.33
N ASP A 50 -6.66 -2.16 13.41
CA ASP A 50 -5.31 -2.59 13.78
C ASP A 50 -4.45 -1.40 14.17
N GLY A 51 -3.85 -0.73 13.17
CA GLY A 51 -3.04 0.45 13.42
C GLY A 51 -1.87 0.19 14.35
N THR A 52 -0.72 -0.12 13.78
CA THR A 52 0.44 -0.48 14.58
C THR A 52 1.30 0.73 14.95
N GLY A 53 0.66 1.87 15.11
CA GLY A 53 1.35 3.07 15.55
C GLY A 53 1.75 3.98 14.41
N PRO A 54 3.06 4.10 14.12
CA PRO A 54 3.56 4.97 13.05
C PRO A 54 3.38 4.35 11.67
N GLU A 55 2.80 3.17 11.64
CA GLU A 55 2.54 2.45 10.39
C GLU A 55 1.06 2.15 10.25
N LYS A 56 0.54 2.41 9.06
CA LYS A 56 -0.83 2.06 8.72
C LYS A 56 -0.87 0.66 8.15
N ILE A 57 -2.06 0.14 7.97
CA ILE A 57 -2.22 -1.15 7.31
C ILE A 57 -2.96 -0.97 6.00
N ALA A 58 -2.25 -1.20 4.91
CA ALA A 58 -2.84 -1.19 3.60
C ALA A 58 -3.52 -2.53 3.35
N HIS A 59 -4.73 -2.52 2.84
CA HIS A 59 -5.42 -3.77 2.59
C HIS A 59 -5.43 -4.05 1.10
N ILE A 60 -4.54 -4.92 0.68
CA ILE A 60 -4.44 -5.29 -0.72
C ILE A 60 -5.33 -6.50 -0.97
N MET A 61 -6.06 -6.47 -2.07
CA MET A 61 -7.10 -7.45 -2.30
C MET A 61 -7.22 -7.80 -3.77
N GLY A 62 -7.86 -8.92 -4.03
CA GLY A 62 -8.00 -9.42 -5.38
C GLY A 62 -7.48 -10.84 -5.48
N PRO A 63 -6.46 -11.06 -6.31
CA PRO A 63 -5.80 -12.37 -6.42
C PRO A 63 -4.75 -12.55 -5.32
N PRO A 64 -4.80 -13.68 -4.60
CA PRO A 64 -3.92 -13.95 -3.45
C PRO A 64 -2.44 -13.82 -3.76
N ASP A 65 -2.04 -14.17 -4.97
CA ASP A 65 -0.65 -14.03 -5.39
C ASP A 65 -0.38 -12.60 -5.82
N ARG A 66 -1.35 -12.02 -6.52
CA ARG A 66 -1.24 -10.65 -7.00
C ARG A 66 -1.18 -9.67 -5.83
N CYS A 67 -1.75 -10.06 -4.70
CA CYS A 67 -1.64 -9.28 -3.47
C CYS A 67 -0.17 -9.10 -3.12
N GLU A 68 0.60 -10.17 -3.22
CA GLU A 68 2.03 -10.11 -2.93
C GLU A 68 2.76 -9.24 -3.93
N HIS A 69 2.33 -9.31 -5.20
CA HIS A 69 2.92 -8.48 -6.25
C HIS A 69 2.69 -7.01 -5.92
N ALA A 70 1.47 -6.68 -5.51
CA ALA A 70 1.12 -5.32 -5.13
C ALA A 70 1.86 -4.92 -3.87
N ALA A 71 2.01 -5.87 -2.94
CA ALA A 71 2.74 -5.65 -1.71
C ALA A 71 4.20 -5.32 -2.04
N ARG A 72 4.71 -5.99 -3.05
CA ARG A 72 6.08 -5.80 -3.49
C ARG A 72 6.26 -4.43 -4.12
N ILE A 73 5.25 -3.99 -4.86
CA ILE A 73 5.26 -2.67 -5.48
C ILE A 73 5.28 -1.57 -4.41
N ILE A 74 4.39 -1.70 -3.42
CA ILE A 74 4.34 -0.77 -2.32
C ILE A 74 5.63 -0.84 -1.48
N ASN A 75 6.12 -2.06 -1.29
CA ASN A 75 7.34 -2.30 -0.53
C ASN A 75 8.53 -1.62 -1.18
N ASP A 76 8.64 -1.79 -2.49
CA ASP A 76 9.72 -1.16 -3.27
C ASP A 76 9.66 0.36 -3.14
N LEU A 77 8.45 0.90 -3.14
CA LEU A 77 8.26 2.33 -2.97
C LEU A 77 8.73 2.75 -1.58
N LEU A 78 8.29 2.00 -0.57
CA LEU A 78 8.65 2.30 0.82
C LEU A 78 10.14 2.09 1.07
N GLN A 79 10.77 1.27 0.24
CA GLN A 79 12.19 0.99 0.38
C GLN A 79 13.02 2.25 0.15
N SER A 80 12.58 3.09 -0.77
CA SER A 80 13.28 4.34 -1.05
C SER A 80 13.10 5.31 0.13
N LEU A 81 12.04 5.08 0.89
CA LEU A 81 11.75 5.89 2.06
C LEU A 81 12.25 5.18 3.33
N ARG A 82 13.04 4.14 3.13
CA ARG A 82 13.64 3.40 4.24
C ARG A 82 15.04 3.94 4.52
N GLY A 12 -7.26 -11.04 2.11
CA GLY A 12 -6.18 -10.49 1.33
C GLY A 12 -4.91 -10.42 2.15
N ILE A 13 -4.16 -9.34 2.00
CA ILE A 13 -2.95 -9.15 2.79
C ILE A 13 -2.96 -7.80 3.49
N ASP A 14 -2.33 -7.75 4.65
CA ASP A 14 -2.23 -6.54 5.44
C ASP A 14 -0.78 -6.04 5.41
N VAL A 15 -0.58 -4.87 4.86
CA VAL A 15 0.76 -4.36 4.66
C VAL A 15 1.04 -3.15 5.55
N PRO A 16 2.10 -3.20 6.34
CA PRO A 16 2.47 -2.10 7.20
C PRO A 16 3.15 -0.99 6.41
N VAL A 17 2.46 0.13 6.31
CA VAL A 17 2.95 1.27 5.56
C VAL A 17 3.22 2.46 6.48
N PRO A 18 4.49 2.86 6.61
CA PRO A 18 4.90 4.00 7.44
C PRO A 18 4.04 5.22 7.16
N ARG A 19 3.50 5.78 8.23
CA ARG A 19 2.52 6.86 8.14
C ARG A 19 3.09 8.09 7.45
N HIS A 20 4.38 8.34 7.62
CA HIS A 20 4.99 9.52 7.01
C HIS A 20 5.38 9.23 5.55
N SER A 21 5.37 7.95 5.18
CA SER A 21 5.72 7.54 3.84
C SER A 21 4.47 7.39 2.98
N VAL A 22 3.31 7.38 3.63
CA VAL A 22 2.01 7.30 2.95
C VAL A 22 1.86 8.47 1.97
N GLY A 23 2.43 9.62 2.33
CA GLY A 23 2.35 10.78 1.47
C GLY A 23 2.92 10.54 0.08
N VAL A 24 3.91 9.65 -0.01
CA VAL A 24 4.53 9.34 -1.29
C VAL A 24 3.77 8.21 -1.99
N VAL A 25 3.25 7.28 -1.21
CA VAL A 25 2.47 6.16 -1.74
C VAL A 25 1.18 6.68 -2.34
N ILE A 26 0.61 7.70 -1.70
CA ILE A 26 -0.58 8.35 -2.20
C ILE A 26 -0.22 9.36 -3.28
N GLY A 27 0.60 10.34 -2.92
CA GLY A 27 0.99 11.37 -3.85
C GLY A 27 0.33 12.69 -3.52
N ARG A 28 -0.49 13.17 -4.44
CA ARG A 28 -1.22 14.42 -4.23
C ARG A 28 -2.72 14.15 -4.15
N SER A 29 -3.22 13.39 -5.11
CA SER A 29 -4.63 12.99 -5.11
C SER A 29 -4.74 11.47 -5.07
N GLY A 30 -3.59 10.81 -5.03
CA GLY A 30 -3.59 9.36 -5.07
C GLY A 30 -3.00 8.84 -6.36
N GLU A 31 -2.21 9.68 -7.02
CA GLU A 31 -1.60 9.35 -8.31
C GLU A 31 -0.89 8.00 -8.27
N MET A 32 -0.03 7.84 -7.28
CA MET A 32 0.81 6.64 -7.19
C MET A 32 -0.03 5.40 -6.89
N ILE A 33 -0.92 5.49 -5.92
CA ILE A 33 -1.73 4.35 -5.53
C ILE A 33 -2.73 4.00 -6.63
N LYS A 34 -3.18 5.01 -7.39
CA LYS A 34 -4.03 4.75 -8.55
C LYS A 34 -3.26 3.93 -9.57
N LYS A 35 -2.00 4.28 -9.78
CA LYS A 35 -1.14 3.55 -10.71
C LYS A 35 -0.90 2.14 -10.20
N ILE A 36 -0.61 2.01 -8.91
CA ILE A 36 -0.40 0.70 -8.30
C ILE A 36 -1.63 -0.18 -8.43
N GLN A 37 -2.78 0.37 -8.05
CA GLN A 37 -4.05 -0.33 -8.13
C GLN A 37 -4.42 -0.68 -9.57
N ASN A 38 -3.98 0.13 -10.51
CA ASN A 38 -4.27 -0.11 -11.92
C ASN A 38 -3.33 -1.17 -12.49
N ASP A 39 -2.04 -1.04 -12.20
CA ASP A 39 -1.01 -1.98 -12.67
C ASP A 39 -1.32 -3.40 -12.22
N ALA A 40 -1.65 -3.52 -10.94
CA ALA A 40 -1.88 -4.83 -10.37
C ALA A 40 -3.34 -5.24 -10.49
N GLY A 41 -4.23 -4.29 -10.69
CA GLY A 41 -5.65 -4.60 -10.70
C GLY A 41 -6.14 -4.94 -9.31
N VAL A 42 -5.61 -4.22 -8.33
CA VAL A 42 -5.90 -4.48 -6.92
C VAL A 42 -6.68 -3.34 -6.31
N ARG A 43 -6.98 -3.47 -5.03
CA ARG A 43 -7.46 -2.38 -4.24
C ARG A 43 -6.59 -2.26 -2.99
N ILE A 44 -6.18 -1.04 -2.70
CA ILE A 44 -5.37 -0.74 -1.54
C ILE A 44 -6.07 0.31 -0.69
N GLN A 45 -6.57 -0.08 0.46
CA GLN A 45 -7.21 0.87 1.36
C GLN A 45 -6.60 0.78 2.75
N PHE A 46 -6.35 1.93 3.35
CA PHE A 46 -5.63 1.99 4.61
C PHE A 46 -6.58 1.80 5.79
N LYS A 47 -6.33 0.75 6.55
CA LYS A 47 -7.20 0.38 7.66
C LYS A 47 -6.74 1.02 8.96
N GLN A 48 -7.69 1.40 9.79
CA GLN A 48 -7.41 1.90 11.12
C GLN A 48 -7.47 0.75 12.11
N ASP A 49 -7.82 -0.42 11.58
CA ASP A 49 -7.95 -1.66 12.36
C ASP A 49 -6.57 -2.13 12.85
N ASP A 50 -5.83 -2.72 11.92
CA ASP A 50 -4.49 -3.25 12.23
C ASP A 50 -3.47 -2.13 12.31
N GLY A 51 -3.83 -0.96 11.78
CA GLY A 51 -2.92 0.18 11.79
C GLY A 51 -2.60 0.63 13.20
N THR A 52 -1.32 0.65 13.55
CA THR A 52 -0.91 0.99 14.88
C THR A 52 0.55 1.45 14.90
N GLY A 53 0.89 2.31 15.84
CA GLY A 53 2.23 2.82 15.94
C GLY A 53 2.57 3.77 14.79
N PRO A 54 3.75 3.64 14.20
CA PRO A 54 4.20 4.52 13.11
C PRO A 54 3.84 3.98 11.74
N GLU A 55 3.07 2.90 11.70
CA GLU A 55 2.71 2.26 10.43
C GLU A 55 1.22 1.99 10.34
N LYS A 56 0.65 2.38 9.22
CA LYS A 56 -0.74 2.07 8.90
C LYS A 56 -0.77 0.71 8.23
N ILE A 57 -1.96 0.21 7.94
CA ILE A 57 -2.05 -1.04 7.20
C ILE A 57 -2.78 -0.84 5.90
N ALA A 58 -2.05 -0.91 4.81
CA ALA A 58 -2.63 -0.92 3.50
C ALA A 58 -3.27 -2.28 3.26
N HIS A 59 -4.51 -2.31 2.82
CA HIS A 59 -5.19 -3.58 2.63
C HIS A 59 -5.25 -3.89 1.15
N ILE A 60 -4.39 -4.78 0.71
CA ILE A 60 -4.36 -5.21 -0.69
C ILE A 60 -5.29 -6.38 -0.87
N MET A 61 -6.07 -6.36 -1.93
CA MET A 61 -7.16 -7.33 -2.07
C MET A 61 -7.36 -7.74 -3.51
N GLY A 62 -7.70 -9.00 -3.70
CA GLY A 62 -7.90 -9.54 -5.02
C GLY A 62 -7.32 -10.93 -5.14
N PRO A 63 -6.43 -11.15 -6.11
CA PRO A 63 -5.79 -12.46 -6.33
C PRO A 63 -4.63 -12.70 -5.37
N PRO A 64 -4.50 -13.92 -4.82
CA PRO A 64 -3.44 -14.25 -3.85
C PRO A 64 -2.04 -13.84 -4.31
N ASP A 65 -1.67 -14.19 -5.54
CA ASP A 65 -0.38 -13.82 -6.09
C ASP A 65 -0.31 -12.33 -6.38
N ARG A 66 -1.40 -11.81 -6.92
CA ARG A 66 -1.47 -10.41 -7.31
C ARG A 66 -1.39 -9.49 -6.10
N CYS A 67 -1.89 -9.95 -4.97
CA CYS A 67 -1.76 -9.22 -3.73
C CYS A 67 -0.29 -9.00 -3.41
N GLU A 68 0.51 -10.05 -3.57
CA GLU A 68 1.94 -9.96 -3.33
C GLU A 68 2.65 -9.13 -4.39
N HIS A 69 2.16 -9.17 -5.62
CA HIS A 69 2.65 -8.27 -6.67
C HIS A 69 2.49 -6.82 -6.20
N ALA A 70 1.30 -6.49 -5.73
CA ALA A 70 1.00 -5.15 -5.28
C ALA A 70 1.74 -4.83 -3.98
N ALA A 71 1.88 -5.85 -3.15
CA ALA A 71 2.60 -5.73 -1.89
C ALA A 71 4.04 -5.36 -2.15
N ARG A 72 4.61 -6.00 -3.16
CA ARG A 72 5.99 -5.77 -3.52
C ARG A 72 6.18 -4.36 -4.05
N ILE A 73 5.18 -3.88 -4.79
CA ILE A 73 5.18 -2.52 -5.31
C ILE A 73 5.29 -1.51 -4.16
N ILE A 74 4.43 -1.69 -3.16
CA ILE A 74 4.40 -0.80 -2.00
C ILE A 74 5.67 -0.97 -1.14
N ASN A 75 6.06 -2.22 -0.91
CA ASN A 75 7.22 -2.53 -0.06
C ASN A 75 8.49 -1.93 -0.64
N ASP A 76 8.71 -2.17 -1.93
CA ASP A 76 9.88 -1.64 -2.63
C ASP A 76 9.92 -0.11 -2.53
N LEU A 77 8.74 0.51 -2.64
CA LEU A 77 8.63 1.96 -2.55
C LEU A 77 8.97 2.43 -1.14
N LEU A 78 8.35 1.80 -0.15
CA LEU A 78 8.50 2.21 1.25
C LEU A 78 9.93 2.02 1.75
N GLN A 79 10.64 1.05 1.18
CA GLN A 79 11.99 0.74 1.60
C GLN A 79 12.89 1.97 1.60
N SER A 80 12.78 2.79 0.56
CA SER A 80 13.61 3.98 0.44
C SER A 80 12.97 5.17 1.15
N LEU A 81 11.66 5.08 1.40
CA LEU A 81 10.90 6.19 1.96
C LEU A 81 10.96 6.21 3.49
N ARG A 82 11.43 5.14 4.08
CA ARG A 82 11.51 5.04 5.53
C ARG A 82 12.47 6.08 6.10
N GLY A 12 -7.19 -11.06 0.89
CA GLY A 12 -6.29 -9.94 0.67
C GLY A 12 -5.35 -9.77 1.84
N ILE A 13 -4.21 -9.17 1.59
CA ILE A 13 -3.20 -8.99 2.63
C ILE A 13 -3.30 -7.59 3.24
N ASP A 14 -3.04 -7.51 4.53
CA ASP A 14 -2.96 -6.22 5.19
C ASP A 14 -1.52 -5.92 5.58
N VAL A 15 -1.01 -4.83 5.04
CA VAL A 15 0.40 -4.52 5.06
C VAL A 15 0.69 -3.25 5.85
N PRO A 16 1.70 -3.30 6.73
CA PRO A 16 2.13 -2.14 7.51
C PRO A 16 2.79 -1.06 6.66
N VAL A 17 2.17 0.11 6.63
CA VAL A 17 2.69 1.23 5.86
C VAL A 17 2.70 2.50 6.72
N PRO A 18 3.90 2.94 7.11
CA PRO A 18 4.09 4.14 7.96
C PRO A 18 3.31 5.36 7.46
N ARG A 19 2.76 6.12 8.40
CA ARG A 19 1.89 7.26 8.07
C ARG A 19 2.57 8.22 7.11
N HIS A 20 3.75 8.68 7.47
CA HIS A 20 4.50 9.64 6.65
C HIS A 20 4.82 9.04 5.28
N SER A 21 4.90 7.73 5.22
CA SER A 21 5.22 7.05 3.97
C SER A 21 3.97 6.95 3.10
N VAL A 22 2.80 6.99 3.73
CA VAL A 22 1.53 6.97 3.02
C VAL A 22 1.42 8.16 2.08
N GLY A 23 2.01 9.28 2.49
CA GLY A 23 2.01 10.46 1.63
C GLY A 23 2.68 10.20 0.30
N VAL A 24 3.65 9.29 0.29
CA VAL A 24 4.37 8.94 -0.92
C VAL A 24 3.67 7.79 -1.65
N VAL A 25 3.09 6.88 -0.88
CA VAL A 25 2.35 5.74 -1.43
C VAL A 25 1.07 6.21 -2.11
N ILE A 26 0.42 7.21 -1.51
CA ILE A 26 -0.79 7.78 -2.06
C ILE A 26 -0.46 8.76 -3.18
N GLY A 27 0.36 9.74 -2.87
CA GLY A 27 0.65 10.79 -3.82
C GLY A 27 0.05 12.10 -3.36
N ARG A 28 -0.61 12.82 -4.27
CA ARG A 28 -1.26 14.07 -3.91
C ARG A 28 -2.77 13.86 -3.86
N SER A 29 -3.33 13.44 -4.97
CA SER A 29 -4.74 13.10 -5.04
C SER A 29 -4.91 11.60 -4.80
N GLY A 30 -3.81 10.87 -4.95
CA GLY A 30 -3.85 9.42 -4.86
C GLY A 30 -3.32 8.77 -6.12
N GLU A 31 -2.68 9.59 -6.94
CA GLU A 31 -2.20 9.18 -8.26
C GLU A 31 -1.28 7.98 -8.17
N MET A 32 -0.43 7.95 -7.14
CA MET A 32 0.54 6.89 -7.00
C MET A 32 -0.15 5.57 -6.66
N ILE A 33 -1.03 5.59 -5.67
CA ILE A 33 -1.73 4.40 -5.25
C ILE A 33 -2.70 3.93 -6.33
N LYS A 34 -3.22 4.88 -7.10
CA LYS A 34 -4.10 4.56 -8.21
C LYS A 34 -3.30 3.96 -9.36
N LYS A 35 -2.04 4.36 -9.46
CA LYS A 35 -1.13 3.76 -10.42
C LYS A 35 -0.82 2.33 -10.01
N ILE A 36 -0.60 2.13 -8.71
CA ILE A 36 -0.36 0.80 -8.17
C ILE A 36 -1.54 -0.11 -8.43
N GLN A 37 -2.73 0.39 -8.09
CA GLN A 37 -3.97 -0.34 -8.29
C GLN A 37 -4.25 -0.59 -9.77
N ASN A 38 -3.74 0.29 -10.62
CA ASN A 38 -3.88 0.13 -12.06
C ASN A 38 -2.91 -0.93 -12.58
N ASP A 39 -1.64 -0.80 -12.20
CA ASP A 39 -0.59 -1.73 -12.62
C ASP A 39 -0.91 -3.15 -12.16
N ALA A 40 -1.17 -3.30 -10.88
CA ALA A 40 -1.37 -4.61 -10.30
C ALA A 40 -2.81 -5.07 -10.42
N GLY A 41 -3.70 -4.16 -10.80
CA GLY A 41 -5.12 -4.50 -10.87
C GLY A 41 -5.67 -4.86 -9.51
N VAL A 42 -5.21 -4.15 -8.49
CA VAL A 42 -5.55 -4.46 -7.12
C VAL A 42 -6.40 -3.35 -6.51
N ARG A 43 -6.81 -3.58 -5.28
CA ARG A 43 -7.40 -2.54 -4.47
C ARG A 43 -6.58 -2.38 -3.20
N ILE A 44 -6.10 -1.19 -2.96
CA ILE A 44 -5.42 -0.88 -1.72
C ILE A 44 -6.35 -0.04 -0.84
N GLN A 45 -6.85 -0.64 0.21
CA GLN A 45 -7.80 0.02 1.10
C GLN A 45 -7.18 0.18 2.49
N PHE A 46 -6.97 1.41 2.90
CA PHE A 46 -6.38 1.67 4.19
C PHE A 46 -7.36 1.35 5.31
N LYS A 47 -6.99 0.34 6.09
CA LYS A 47 -7.82 -0.13 7.19
C LYS A 47 -7.87 0.89 8.30
N GLN A 48 -6.71 1.52 8.54
CA GLN A 48 -6.53 2.47 9.64
C GLN A 48 -6.48 1.74 10.98
N ASP A 49 -7.26 0.66 11.09
CA ASP A 49 -7.30 -0.17 12.27
C ASP A 49 -5.99 -0.93 12.44
N ASP A 50 -5.90 -1.78 13.46
CA ASP A 50 -4.65 -2.39 13.90
C ASP A 50 -3.70 -1.32 14.42
N GLY A 51 -3.04 -0.63 13.49
CA GLY A 51 -2.16 0.47 13.85
C GLY A 51 -0.99 0.06 14.72
N THR A 52 0.15 -0.16 14.09
CA THR A 52 1.35 -0.53 14.82
C THR A 52 2.07 0.70 15.37
N GLY A 53 1.33 1.79 15.52
CA GLY A 53 1.90 3.02 16.04
C GLY A 53 1.97 4.10 14.98
N PRO A 54 3.17 4.37 14.44
CA PRO A 54 3.36 5.37 13.39
C PRO A 54 3.07 4.80 12.01
N GLU A 55 2.45 3.63 11.97
CA GLU A 55 2.17 2.96 10.73
C GLU A 55 0.67 2.70 10.57
N LYS A 56 0.20 2.82 9.34
CA LYS A 56 -1.14 2.44 8.97
C LYS A 56 -1.12 1.03 8.41
N ILE A 57 -2.28 0.48 8.10
CA ILE A 57 -2.35 -0.83 7.49
C ILE A 57 -3.08 -0.76 6.16
N ALA A 58 -2.36 -1.03 5.08
CA ALA A 58 -2.92 -1.08 3.74
C ALA A 58 -3.58 -2.43 3.52
N HIS A 59 -4.71 -2.47 2.85
CA HIS A 59 -5.36 -3.74 2.56
C HIS A 59 -5.36 -3.97 1.06
N ILE A 60 -4.46 -4.83 0.61
CA ILE A 60 -4.34 -5.18 -0.79
C ILE A 60 -5.27 -6.34 -1.09
N MET A 61 -5.97 -6.29 -2.21
CA MET A 61 -6.99 -7.29 -2.50
C MET A 61 -7.03 -7.63 -3.98
N GLY A 62 -7.81 -8.65 -4.30
CA GLY A 62 -7.86 -9.17 -5.64
C GLY A 62 -7.34 -10.59 -5.69
N PRO A 63 -6.41 -10.89 -6.59
CA PRO A 63 -5.78 -12.20 -6.69
C PRO A 63 -4.77 -12.42 -5.57
N PRO A 64 -4.71 -13.65 -5.02
CA PRO A 64 -3.85 -13.99 -3.88
C PRO A 64 -2.36 -13.83 -4.17
N ASP A 65 -1.95 -14.14 -5.40
CA ASP A 65 -0.56 -13.96 -5.81
C ASP A 65 -0.31 -12.50 -6.17
N ARG A 66 -1.36 -11.86 -6.66
CA ARG A 66 -1.31 -10.46 -7.04
C ARG A 66 -1.09 -9.58 -5.82
N CYS A 67 -1.54 -10.07 -4.67
CA CYS A 67 -1.32 -9.39 -3.41
C CYS A 67 0.16 -9.14 -3.20
N GLU A 68 1.00 -10.10 -3.59
CA GLU A 68 2.45 -9.95 -3.43
C GLU A 68 3.04 -9.06 -4.52
N HIS A 69 2.43 -9.09 -5.71
CA HIS A 69 2.80 -8.16 -6.77
C HIS A 69 2.64 -6.73 -6.26
N ALA A 70 1.47 -6.46 -5.70
CA ALA A 70 1.15 -5.15 -5.18
C ALA A 70 1.91 -4.87 -3.87
N ALA A 71 2.13 -5.92 -3.10
CA ALA A 71 2.88 -5.84 -1.87
C ALA A 71 4.31 -5.39 -2.16
N ARG A 72 4.86 -5.94 -3.24
CA ARG A 72 6.20 -5.61 -3.66
C ARG A 72 6.30 -4.14 -4.04
N ILE A 73 5.30 -3.68 -4.78
CA ILE A 73 5.23 -2.28 -5.20
C ILE A 73 5.31 -1.34 -3.99
N ILE A 74 4.49 -1.61 -2.99
CA ILE A 74 4.44 -0.79 -1.79
C ILE A 74 5.69 -0.97 -0.93
N ASN A 75 6.13 -2.22 -0.79
CA ASN A 75 7.28 -2.57 0.04
C ASN A 75 8.54 -1.89 -0.49
N ASP A 76 8.80 -2.04 -1.78
CA ASP A 76 9.99 -1.47 -2.39
C ASP A 76 9.90 0.05 -2.42
N LEU A 77 8.67 0.56 -2.48
CA LEU A 77 8.42 1.99 -2.38
C LEU A 77 8.88 2.48 -1.01
N LEU A 78 8.46 1.75 0.02
CA LEU A 78 8.85 2.04 1.40
C LEU A 78 10.34 1.83 1.60
N GLN A 79 10.91 0.95 0.80
CA GLN A 79 12.34 0.66 0.85
C GLN A 79 13.16 1.87 0.42
N SER A 80 12.66 2.58 -0.58
CA SER A 80 13.33 3.79 -1.06
C SER A 80 13.16 4.92 -0.04
N LEU A 81 12.09 4.87 0.74
CA LEU A 81 11.83 5.88 1.77
C LEU A 81 12.68 5.61 3.01
N ARG A 82 13.28 4.43 3.05
CA ARG A 82 14.18 4.07 4.12
C ARG A 82 15.55 4.69 3.92
N GLY A 12 -7.61 -10.79 0.55
CA GLY A 12 -6.41 -9.99 0.35
C GLY A 12 -5.47 -10.03 1.55
N ILE A 13 -4.38 -9.29 1.45
CA ILE A 13 -3.38 -9.25 2.52
C ILE A 13 -3.45 -7.91 3.25
N ASP A 14 -2.81 -7.87 4.42
CA ASP A 14 -2.70 -6.64 5.19
C ASP A 14 -1.23 -6.26 5.32
N VAL A 15 -0.92 -5.02 4.98
CA VAL A 15 0.46 -4.56 4.94
C VAL A 15 0.67 -3.30 5.76
N PRO A 16 1.58 -3.35 6.74
CA PRO A 16 1.96 -2.20 7.55
C PRO A 16 2.63 -1.12 6.73
N VAL A 17 1.89 -0.07 6.42
CA VAL A 17 2.42 1.04 5.65
C VAL A 17 2.75 2.20 6.58
N PRO A 18 4.03 2.60 6.63
CA PRO A 18 4.48 3.69 7.46
C PRO A 18 3.72 4.99 7.14
N ARG A 19 3.08 5.56 8.15
CA ARG A 19 2.25 6.74 7.96
C ARG A 19 3.05 7.93 7.47
N HIS A 20 4.32 7.99 7.81
CA HIS A 20 5.19 9.06 7.32
C HIS A 20 5.52 8.84 5.85
N SER A 21 5.33 7.62 5.37
CA SER A 21 5.64 7.27 3.99
C SER A 21 4.37 7.20 3.15
N VAL A 22 3.22 7.23 3.80
CA VAL A 22 1.92 7.17 3.11
C VAL A 22 1.80 8.31 2.08
N GLY A 23 2.38 9.46 2.40
CA GLY A 23 2.35 10.60 1.49
C GLY A 23 3.06 10.31 0.18
N VAL A 24 3.98 9.36 0.19
CA VAL A 24 4.70 8.97 -1.01
C VAL A 24 3.94 7.87 -1.75
N VAL A 25 3.28 7.01 -0.98
CA VAL A 25 2.49 5.92 -1.55
C VAL A 25 1.21 6.45 -2.19
N ILE A 26 0.62 7.44 -1.52
CA ILE A 26 -0.61 8.06 -2.00
C ILE A 26 -0.30 9.19 -2.98
N GLY A 27 0.49 10.15 -2.54
CA GLY A 27 0.73 11.34 -3.32
C GLY A 27 0.03 12.53 -2.70
N ARG A 28 -0.77 13.24 -3.49
CA ARG A 28 -1.59 14.32 -2.96
C ARG A 28 -3.06 13.96 -3.06
N SER A 29 -3.46 13.46 -4.22
CA SER A 29 -4.83 12.98 -4.41
C SER A 29 -4.87 11.48 -4.18
N GLY A 30 -3.81 10.82 -4.59
CA GLY A 30 -3.73 9.38 -4.48
C GLY A 30 -3.37 8.74 -5.79
N GLU A 31 -2.94 9.56 -6.75
CA GLU A 31 -2.67 9.10 -8.11
C GLU A 31 -1.57 8.06 -8.12
N MET A 32 -0.68 8.13 -7.14
CA MET A 32 0.42 7.18 -7.04
C MET A 32 -0.12 5.79 -6.70
N ILE A 33 -1.06 5.73 -5.76
CA ILE A 33 -1.62 4.45 -5.37
C ILE A 33 -2.67 4.01 -6.37
N LYS A 34 -3.27 4.95 -7.07
CA LYS A 34 -4.16 4.62 -8.19
C LYS A 34 -3.33 3.91 -9.25
N LYS A 35 -2.12 4.40 -9.45
CA LYS A 35 -1.16 3.78 -10.35
C LYS A 35 -0.86 2.36 -9.89
N ILE A 36 -0.62 2.19 -8.61
CA ILE A 36 -0.34 0.87 -8.04
C ILE A 36 -1.53 -0.06 -8.24
N GLN A 37 -2.72 0.42 -7.90
CA GLN A 37 -3.95 -0.33 -8.05
C GLN A 37 -4.18 -0.72 -9.51
N ASN A 38 -3.89 0.20 -10.41
CA ASN A 38 -4.05 -0.05 -11.84
C ASN A 38 -3.00 -1.02 -12.36
N ASP A 39 -1.74 -0.75 -12.03
CA ASP A 39 -0.60 -1.49 -12.55
C ASP A 39 -0.64 -2.95 -12.10
N ALA A 40 -0.91 -3.17 -10.83
CA ALA A 40 -0.99 -4.51 -10.30
C ALA A 40 -2.35 -5.12 -10.61
N GLY A 41 -3.36 -4.27 -10.71
CA GLY A 41 -4.71 -4.75 -10.90
C GLY A 41 -5.34 -5.13 -9.57
N VAL A 42 -5.13 -4.28 -8.58
CA VAL A 42 -5.55 -4.59 -7.22
C VAL A 42 -6.36 -3.44 -6.63
N ARG A 43 -6.91 -3.68 -5.45
CA ARG A 43 -7.51 -2.64 -4.64
C ARG A 43 -6.75 -2.53 -3.34
N ILE A 44 -6.49 -1.31 -2.91
CA ILE A 44 -5.82 -1.09 -1.64
C ILE A 44 -6.69 -0.20 -0.76
N GLN A 45 -7.31 -0.80 0.24
CA GLN A 45 -8.09 -0.03 1.21
C GLN A 45 -7.33 0.06 2.53
N PHE A 46 -7.00 1.28 2.93
CA PHE A 46 -6.33 1.50 4.20
C PHE A 46 -7.29 1.28 5.35
N LYS A 47 -6.91 0.41 6.28
CA LYS A 47 -7.69 0.20 7.49
C LYS A 47 -7.85 1.50 8.24
N GLN A 48 -9.01 1.67 8.87
CA GLN A 48 -9.31 2.90 9.60
C GLN A 48 -8.67 2.85 10.98
N ASP A 49 -7.88 1.81 11.20
CA ASP A 49 -7.17 1.63 12.46
C ASP A 49 -5.67 1.64 12.21
N ASP A 50 -4.92 2.26 13.10
CA ASP A 50 -3.47 2.15 13.07
C ASP A 50 -3.10 0.79 13.64
N GLY A 51 -3.12 -0.21 12.77
CA GLY A 51 -3.00 -1.60 13.20
C GLY A 51 -1.72 -1.90 13.94
N THR A 52 -0.66 -1.18 13.61
CA THR A 52 0.63 -1.42 14.22
C THR A 52 1.27 -0.11 14.69
N GLY A 53 1.00 0.25 15.94
CA GLY A 53 1.57 1.45 16.52
C GLY A 53 1.14 2.70 15.78
N PRO A 54 2.10 3.42 15.19
CA PRO A 54 1.83 4.64 14.45
C PRO A 54 1.70 4.43 12.94
N GLU A 55 1.58 3.18 12.52
CA GLU A 55 1.48 2.85 11.10
C GLU A 55 0.08 2.41 10.72
N LYS A 56 -0.28 2.62 9.47
CA LYS A 56 -1.58 2.19 8.95
C LYS A 56 -1.45 0.80 8.35
N ILE A 57 -2.57 0.12 8.20
CA ILE A 57 -2.56 -1.16 7.52
C ILE A 57 -3.22 -1.03 6.17
N ALA A 58 -2.42 -1.08 5.12
CA ALA A 58 -2.94 -1.08 3.77
C ALA A 58 -3.50 -2.47 3.49
N HIS A 59 -4.63 -2.56 2.80
CA HIS A 59 -5.18 -3.86 2.54
C HIS A 59 -5.24 -4.09 1.04
N ILE A 60 -4.36 -4.97 0.57
CA ILE A 60 -4.27 -5.30 -0.84
C ILE A 60 -5.23 -6.44 -1.13
N MET A 61 -6.03 -6.29 -2.16
CA MET A 61 -7.22 -7.12 -2.31
C MET A 61 -7.31 -7.73 -3.70
N GLY A 62 -7.50 -9.05 -3.75
CA GLY A 62 -7.61 -9.74 -5.00
C GLY A 62 -6.92 -11.09 -4.96
N PRO A 63 -6.15 -11.43 -6.00
CA PRO A 63 -5.46 -12.73 -6.11
C PRO A 63 -4.33 -12.86 -5.10
N PRO A 64 -4.03 -14.09 -4.65
CA PRO A 64 -2.99 -14.32 -3.62
C PRO A 64 -1.61 -13.84 -4.04
N ASP A 65 -1.19 -14.24 -5.24
CA ASP A 65 0.12 -13.83 -5.76
C ASP A 65 0.10 -12.37 -6.13
N ARG A 66 -1.07 -11.89 -6.54
CA ARG A 66 -1.25 -10.50 -6.92
C ARG A 66 -1.08 -9.59 -5.72
N CYS A 67 -1.64 -10.00 -4.59
CA CYS A 67 -1.54 -9.24 -3.35
C CYS A 67 -0.07 -9.08 -2.95
N GLU A 68 0.72 -10.14 -3.12
CA GLU A 68 2.13 -10.10 -2.75
C GLU A 68 2.94 -9.29 -3.76
N HIS A 69 2.57 -9.36 -5.03
CA HIS A 69 3.25 -8.57 -6.05
C HIS A 69 2.93 -7.10 -5.85
N ALA A 70 1.68 -6.82 -5.54
CA ALA A 70 1.23 -5.46 -5.25
C ALA A 70 1.86 -4.97 -3.95
N ALA A 71 2.02 -5.89 -3.00
CA ALA A 71 2.70 -5.61 -1.75
C ALA A 71 4.13 -5.18 -2.02
N ARG A 72 4.72 -5.83 -3.01
CA ARG A 72 6.11 -5.60 -3.35
C ARG A 72 6.26 -4.26 -4.08
N ILE A 73 5.22 -3.88 -4.83
CA ILE A 73 5.17 -2.58 -5.48
C ILE A 73 5.23 -1.47 -4.43
N ILE A 74 4.36 -1.59 -3.43
CA ILE A 74 4.31 -0.63 -2.33
C ILE A 74 5.58 -0.72 -1.48
N ASN A 75 6.06 -1.93 -1.26
CA ASN A 75 7.25 -2.18 -0.44
C ASN A 75 8.49 -1.55 -1.07
N ASP A 76 8.65 -1.76 -2.37
CA ASP A 76 9.79 -1.20 -3.10
C ASP A 76 9.81 0.31 -2.99
N LEU A 77 8.63 0.92 -3.05
CA LEU A 77 8.51 2.36 -2.90
C LEU A 77 9.04 2.81 -1.53
N LEU A 78 8.72 2.04 -0.49
CA LEU A 78 9.18 2.33 0.86
C LEU A 78 10.69 2.09 0.99
N GLN A 79 11.18 1.11 0.24
CA GLN A 79 12.59 0.75 0.27
C GLN A 79 13.47 1.87 -0.28
N SER A 80 12.94 2.62 -1.25
CA SER A 80 13.69 3.71 -1.86
C SER A 80 13.71 4.93 -0.94
N LEU A 81 12.75 4.99 -0.02
CA LEU A 81 12.61 6.13 0.88
C LEU A 81 13.59 6.04 2.05
N ARG A 82 13.95 4.83 2.43
CA ARG A 82 14.82 4.63 3.58
C ARG A 82 16.29 4.61 3.18
N GLY A 12 -6.01 -11.43 0.62
CA GLY A 12 -5.97 -10.04 1.03
C GLY A 12 -5.03 -9.81 2.18
N ILE A 13 -3.85 -9.28 1.88
CA ILE A 13 -2.80 -9.12 2.88
C ILE A 13 -2.80 -7.72 3.48
N ASP A 14 -2.45 -7.65 4.76
CA ASP A 14 -2.31 -6.38 5.45
C ASP A 14 -0.83 -5.99 5.50
N VAL A 15 -0.53 -4.82 4.96
CA VAL A 15 0.84 -4.36 4.84
C VAL A 15 1.08 -3.06 5.60
N PRO A 16 2.08 -3.07 6.49
CA PRO A 16 2.46 -1.89 7.26
C PRO A 16 3.09 -0.80 6.40
N VAL A 17 2.32 0.24 6.13
CA VAL A 17 2.80 1.36 5.34
C VAL A 17 3.03 2.57 6.27
N PRO A 18 4.29 2.99 6.41
CA PRO A 18 4.67 4.07 7.32
C PRO A 18 4.02 5.39 6.97
N ARG A 19 3.41 6.03 7.98
CA ARG A 19 2.59 7.22 7.81
C ARG A 19 3.33 8.35 7.10
N HIS A 20 4.65 8.41 7.25
CA HIS A 20 5.46 9.41 6.55
C HIS A 20 5.57 9.06 5.07
N SER A 21 5.60 7.76 4.79
CA SER A 21 5.81 7.28 3.43
C SER A 21 4.49 7.09 2.70
N VAL A 22 3.39 6.99 3.45
CA VAL A 22 2.07 6.81 2.86
C VAL A 22 1.74 8.00 1.96
N GLY A 23 2.23 9.18 2.34
CA GLY A 23 2.03 10.37 1.55
C GLY A 23 2.58 10.23 0.15
N VAL A 24 3.72 9.55 0.02
CA VAL A 24 4.35 9.30 -1.27
C VAL A 24 3.59 8.23 -2.03
N VAL A 25 3.09 7.23 -1.30
CA VAL A 25 2.30 6.15 -1.89
C VAL A 25 0.99 6.69 -2.44
N ILE A 26 0.42 7.66 -1.72
CA ILE A 26 -0.84 8.27 -2.13
C ILE A 26 -0.61 9.33 -3.19
N GLY A 27 0.20 10.33 -2.86
CA GLY A 27 0.39 11.45 -3.75
C GLY A 27 -0.32 12.69 -3.23
N ARG A 28 -1.34 13.12 -3.96
CA ARG A 28 -2.15 14.24 -3.52
C ARG A 28 -3.60 13.78 -3.32
N SER A 29 -4.20 13.32 -4.40
CA SER A 29 -5.53 12.73 -4.36
C SER A 29 -5.43 11.23 -4.18
N GLY A 30 -4.34 10.67 -4.68
CA GLY A 30 -4.15 9.25 -4.66
C GLY A 30 -3.67 8.75 -6.00
N GLU A 31 -3.11 9.67 -6.79
CA GLU A 31 -2.68 9.36 -8.15
C GLU A 31 -1.62 8.28 -8.16
N MET A 32 -0.73 8.31 -7.17
CA MET A 32 0.35 7.34 -7.10
C MET A 32 -0.18 5.97 -6.72
N ILE A 33 -1.12 5.94 -5.78
CA ILE A 33 -1.69 4.67 -5.34
C ILE A 33 -2.64 4.13 -6.41
N LYS A 34 -3.23 5.04 -7.17
CA LYS A 34 -4.03 4.65 -8.33
C LYS A 34 -3.14 3.96 -9.35
N LYS A 35 -1.91 4.45 -9.47
CA LYS A 35 -0.94 3.86 -10.38
C LYS A 35 -0.62 2.42 -9.95
N ILE A 36 -0.43 2.23 -8.65
CA ILE A 36 -0.16 0.91 -8.12
C ILE A 36 -1.35 -0.02 -8.35
N GLN A 37 -2.54 0.48 -8.04
CA GLN A 37 -3.77 -0.27 -8.22
C GLN A 37 -4.03 -0.57 -9.69
N ASN A 38 -3.59 0.34 -10.56
CA ASN A 38 -3.72 0.16 -12.00
C ASN A 38 -2.72 -0.87 -12.51
N ASP A 39 -1.47 -0.72 -12.11
CA ASP A 39 -0.39 -1.57 -12.59
C ASP A 39 -0.56 -3.00 -12.11
N ALA A 40 -0.94 -3.15 -10.84
CA ALA A 40 -1.10 -4.47 -10.26
C ALA A 40 -2.52 -4.98 -10.42
N GLY A 41 -3.45 -4.08 -10.71
CA GLY A 41 -4.84 -4.48 -10.85
C GLY A 41 -5.47 -4.83 -9.52
N VAL A 42 -5.01 -4.15 -8.48
CA VAL A 42 -5.45 -4.45 -7.12
C VAL A 42 -6.25 -3.31 -6.52
N ARG A 43 -6.73 -3.52 -5.33
CA ARG A 43 -7.27 -2.45 -4.51
C ARG A 43 -6.44 -2.32 -3.24
N ILE A 44 -6.05 -1.10 -2.93
CA ILE A 44 -5.34 -0.81 -1.72
C ILE A 44 -6.18 0.09 -0.83
N GLN A 45 -6.70 -0.46 0.25
CA GLN A 45 -7.51 0.30 1.19
C GLN A 45 -6.90 0.21 2.58
N PHE A 46 -6.76 1.36 3.22
CA PHE A 46 -6.10 1.42 4.52
C PHE A 46 -7.06 1.10 5.65
N LYS A 47 -6.62 0.21 6.52
CA LYS A 47 -7.35 -0.13 7.72
C LYS A 47 -7.34 1.03 8.71
N GLN A 48 -8.48 1.66 8.89
CA GLN A 48 -8.62 2.80 9.77
C GLN A 48 -8.98 2.34 11.19
N ASP A 49 -8.66 1.09 11.46
CA ASP A 49 -8.97 0.47 12.74
C ASP A 49 -7.70 -0.01 13.44
N ASP A 50 -7.06 -1.03 12.89
CA ASP A 50 -5.86 -1.61 13.50
C ASP A 50 -4.61 -0.84 13.08
N GLY A 51 -4.06 -0.09 14.02
CA GLY A 51 -2.81 0.61 13.75
C GLY A 51 -1.63 -0.08 14.42
N THR A 52 -0.61 -0.39 13.63
CA THR A 52 0.56 -1.10 14.13
C THR A 52 1.64 -0.12 14.58
N GLY A 53 1.27 0.81 15.44
CA GLY A 53 2.21 1.79 15.93
C GLY A 53 2.18 3.07 15.11
N PRO A 54 3.34 3.50 14.58
CA PRO A 54 3.44 4.73 13.80
C PRO A 54 3.16 4.50 12.32
N GLU A 55 2.69 3.30 12.00
CA GLU A 55 2.39 2.93 10.62
C GLU A 55 0.89 2.85 10.40
N LYS A 56 0.50 2.80 9.14
CA LYS A 56 -0.86 2.51 8.74
C LYS A 56 -0.87 1.12 8.10
N ILE A 57 -2.04 0.54 7.93
CA ILE A 57 -2.11 -0.78 7.32
C ILE A 57 -2.83 -0.72 5.98
N ALA A 58 -2.07 -0.91 4.92
CA ALA A 58 -2.64 -1.01 3.60
C ALA A 58 -3.22 -2.41 3.42
N HIS A 59 -4.37 -2.53 2.79
CA HIS A 59 -4.93 -3.85 2.56
C HIS A 59 -4.96 -4.12 1.06
N ILE A 60 -4.08 -5.01 0.63
CA ILE A 60 -4.00 -5.38 -0.77
C ILE A 60 -4.95 -6.53 -1.04
N MET A 61 -5.80 -6.38 -2.04
CA MET A 61 -6.89 -7.33 -2.24
C MET A 61 -7.10 -7.59 -3.72
N GLY A 62 -7.88 -8.63 -3.99
CA GLY A 62 -8.11 -9.07 -5.34
C GLY A 62 -7.66 -10.50 -5.51
N PRO A 63 -6.68 -10.76 -6.38
CA PRO A 63 -6.11 -12.10 -6.56
C PRO A 63 -5.07 -12.41 -5.46
N PRO A 64 -5.13 -13.64 -4.91
CA PRO A 64 -4.20 -14.09 -3.86
C PRO A 64 -2.75 -14.01 -4.28
N ASP A 65 -2.46 -14.29 -5.54
CA ASP A 65 -1.12 -14.18 -6.08
C ASP A 65 -0.74 -12.71 -6.21
N ARG A 66 -1.73 -11.92 -6.56
CA ARG A 66 -1.53 -10.52 -6.90
C ARG A 66 -1.22 -9.68 -5.68
N CYS A 67 -1.76 -10.06 -4.54
CA CYS A 67 -1.51 -9.33 -3.30
C CYS A 67 -0.02 -9.30 -3.00
N GLU A 68 0.65 -10.43 -3.20
CA GLU A 68 2.08 -10.52 -2.98
C GLU A 68 2.85 -9.71 -4.02
N HIS A 69 2.36 -9.70 -5.25
CA HIS A 69 2.95 -8.88 -6.31
C HIS A 69 2.88 -7.40 -5.93
N ALA A 70 1.71 -6.99 -5.47
CA ALA A 70 1.48 -5.60 -5.09
C ALA A 70 2.20 -5.26 -3.79
N ALA A 71 2.39 -6.28 -2.94
CA ALA A 71 3.13 -6.14 -1.70
C ALA A 71 4.53 -5.66 -2.01
N ARG A 72 5.10 -6.25 -3.06
CA ARG A 72 6.44 -5.91 -3.49
C ARG A 72 6.48 -4.47 -4.00
N ILE A 73 5.48 -4.10 -4.80
CA ILE A 73 5.40 -2.75 -5.34
C ILE A 73 5.42 -1.71 -4.22
N ILE A 74 4.54 -1.89 -3.25
CA ILE A 74 4.43 -0.95 -2.14
C ILE A 74 5.67 -1.00 -1.24
N ASN A 75 6.15 -2.21 -0.95
CA ASN A 75 7.30 -2.42 -0.09
C ASN A 75 8.55 -1.75 -0.66
N ASP A 76 8.81 -2.01 -1.93
CA ASP A 76 9.99 -1.47 -2.61
C ASP A 76 9.91 0.05 -2.69
N LEU A 77 8.69 0.58 -2.79
CA LEU A 77 8.46 2.01 -2.76
C LEU A 77 8.85 2.55 -1.38
N LEU A 78 8.34 1.91 -0.35
CA LEU A 78 8.60 2.32 1.02
C LEU A 78 10.10 2.24 1.33
N GLN A 79 10.76 1.24 0.75
CA GLN A 79 12.18 1.02 0.99
C GLN A 79 13.02 2.20 0.50
N SER A 80 12.48 2.97 -0.43
CA SER A 80 13.17 4.14 -0.96
C SER A 80 13.28 5.21 0.13
N LEU A 81 12.32 5.21 1.05
CA LEU A 81 12.32 6.16 2.16
C LEU A 81 12.77 5.48 3.44
N ARG A 82 12.97 4.17 3.36
CA ARG A 82 13.40 3.37 4.49
C ARG A 82 14.92 3.22 4.46
N GLY A 12 -7.20 -11.08 1.02
CA GLY A 12 -6.04 -10.34 0.59
C GLY A 12 -4.96 -10.36 1.65
N ILE A 13 -4.21 -9.29 1.75
CA ILE A 13 -3.11 -9.20 2.70
C ILE A 13 -3.21 -7.94 3.56
N ASP A 14 -2.53 -7.96 4.69
CA ASP A 14 -2.45 -6.82 5.58
C ASP A 14 -1.00 -6.36 5.67
N VAL A 15 -0.72 -5.20 5.10
CA VAL A 15 0.65 -4.73 4.94
C VAL A 15 0.95 -3.52 5.82
N PRO A 16 2.04 -3.60 6.59
CA PRO A 16 2.51 -2.49 7.43
C PRO A 16 3.08 -1.34 6.61
N VAL A 17 2.27 -0.31 6.40
CA VAL A 17 2.68 0.84 5.62
C VAL A 17 2.84 2.07 6.52
N PRO A 18 4.09 2.52 6.73
CA PRO A 18 4.40 3.65 7.61
C PRO A 18 3.66 4.94 7.24
N ARG A 19 3.38 5.75 8.27
CA ARG A 19 2.63 7.00 8.10
C ARG A 19 3.40 8.04 7.30
N HIS A 20 4.73 7.94 7.33
CA HIS A 20 5.55 8.83 6.53
C HIS A 20 5.59 8.34 5.09
N SER A 21 5.32 7.05 4.93
CA SER A 21 5.39 6.42 3.63
C SER A 21 4.08 6.56 2.85
N VAL A 22 2.94 6.48 3.56
CA VAL A 22 1.65 6.60 2.93
C VAL A 22 1.49 7.91 2.18
N GLY A 23 2.21 8.94 2.62
CA GLY A 23 2.19 10.21 1.94
C GLY A 23 2.66 10.08 0.51
N VAL A 24 3.65 9.21 0.29
CA VAL A 24 4.19 8.99 -1.04
C VAL A 24 3.44 7.87 -1.74
N VAL A 25 2.96 6.90 -0.95
CA VAL A 25 2.13 5.82 -1.48
C VAL A 25 0.87 6.38 -2.09
N ILE A 26 0.31 7.39 -1.44
CA ILE A 26 -0.85 8.09 -1.94
C ILE A 26 -0.43 9.13 -2.98
N GLY A 27 0.41 10.06 -2.56
CA GLY A 27 0.85 11.12 -3.46
C GLY A 27 0.11 12.41 -3.21
N ARG A 28 -0.27 13.08 -4.28
CA ARG A 28 -1.06 14.31 -4.18
C ARG A 28 -2.48 13.99 -3.69
N SER A 29 -3.31 13.51 -4.60
CA SER A 29 -4.65 13.07 -4.25
C SER A 29 -4.64 11.58 -3.96
N GLY A 30 -4.13 10.83 -4.92
CA GLY A 30 -3.95 9.41 -4.76
C GLY A 30 -3.21 8.84 -5.94
N GLU A 31 -2.50 9.72 -6.64
CA GLU A 31 -1.89 9.42 -7.93
C GLU A 31 -1.14 8.09 -7.91
N MET A 32 -0.24 7.95 -6.94
CA MET A 32 0.63 6.80 -6.87
C MET A 32 -0.16 5.54 -6.54
N ILE A 33 -1.05 5.63 -5.56
CA ILE A 33 -1.79 4.44 -5.12
C ILE A 33 -2.82 4.03 -6.15
N LYS A 34 -3.36 5.00 -6.91
CA LYS A 34 -4.26 4.69 -8.00
C LYS A 34 -3.47 4.00 -9.11
N LYS A 35 -2.26 4.51 -9.33
CA LYS A 35 -1.36 3.94 -10.32
C LYS A 35 -0.98 2.52 -9.95
N ILE A 36 -0.65 2.28 -8.67
CA ILE A 36 -0.31 0.94 -8.20
C ILE A 36 -1.50 0.00 -8.38
N GLN A 37 -2.67 0.44 -7.93
CA GLN A 37 -3.89 -0.33 -8.04
C GLN A 37 -4.23 -0.67 -9.49
N ASN A 38 -3.83 0.19 -10.40
CA ASN A 38 -4.08 -0.03 -11.83
C ASN A 38 -2.95 -0.86 -12.47
N ASP A 39 -1.73 -0.63 -12.02
CA ASP A 39 -0.56 -1.32 -12.55
C ASP A 39 -0.59 -2.79 -12.17
N ALA A 40 -0.99 -3.04 -10.94
CA ALA A 40 -1.07 -4.41 -10.44
C ALA A 40 -2.47 -4.98 -10.63
N GLY A 41 -3.47 -4.10 -10.72
CA GLY A 41 -4.84 -4.54 -10.81
C GLY A 41 -5.36 -4.99 -9.47
N VAL A 42 -5.13 -4.16 -8.45
CA VAL A 42 -5.47 -4.50 -7.08
C VAL A 42 -6.31 -3.42 -6.45
N ARG A 43 -6.70 -3.66 -5.21
CA ARG A 43 -7.31 -2.65 -4.37
C ARG A 43 -6.45 -2.45 -3.13
N ILE A 44 -6.09 -1.22 -2.85
CA ILE A 44 -5.28 -0.88 -1.70
C ILE A 44 -5.97 0.17 -0.86
N GLN A 45 -6.39 -0.19 0.33
CA GLN A 45 -6.95 0.79 1.25
C GLN A 45 -6.44 0.55 2.66
N PHE A 46 -6.12 1.63 3.35
CA PHE A 46 -5.50 1.54 4.67
C PHE A 46 -6.56 1.40 5.75
N LYS A 47 -6.49 0.30 6.50
CA LYS A 47 -7.43 0.05 7.58
C LYS A 47 -7.25 1.07 8.70
N GLN A 48 -8.20 1.98 8.82
CA GLN A 48 -8.15 3.03 9.82
C GLN A 48 -8.40 2.46 11.21
N ASP A 49 -8.86 1.22 11.24
CA ASP A 49 -9.13 0.51 12.48
C ASP A 49 -7.95 -0.37 12.88
N ASP A 50 -6.96 -0.45 11.98
CA ASP A 50 -5.75 -1.23 12.24
C ASP A 50 -4.52 -0.34 12.13
N GLY A 51 -4.23 0.36 13.20
CA GLY A 51 -3.04 1.18 13.26
C GLY A 51 -2.12 0.74 14.36
N THR A 52 -0.92 0.29 14.00
CA THR A 52 0.03 -0.23 14.97
C THR A 52 0.84 0.90 15.61
N GLY A 53 0.72 2.09 15.02
CA GLY A 53 1.43 3.24 15.54
C GLY A 53 2.00 4.08 14.42
N PRO A 54 3.31 3.95 14.15
CA PRO A 54 3.96 4.68 13.06
C PRO A 54 3.63 4.07 11.71
N GLU A 55 2.92 2.95 11.75
CA GLU A 55 2.55 2.23 10.54
C GLU A 55 1.07 1.94 10.52
N LYS A 56 0.51 1.97 9.33
CA LYS A 56 -0.88 1.66 9.08
C LYS A 56 -0.97 0.30 8.42
N ILE A 57 -2.09 -0.39 8.55
CA ILE A 57 -2.24 -1.65 7.86
C ILE A 57 -3.03 -1.47 6.58
N ALA A 58 -2.32 -1.51 5.47
CA ALA A 58 -2.94 -1.46 4.16
C ALA A 58 -3.54 -2.82 3.86
N HIS A 59 -4.71 -2.86 3.24
CA HIS A 59 -5.27 -4.13 2.86
C HIS A 59 -5.37 -4.21 1.34
N ILE A 60 -4.53 -5.06 0.77
CA ILE A 60 -4.51 -5.28 -0.67
C ILE A 60 -5.40 -6.46 -0.99
N MET A 61 -6.05 -6.43 -2.15
CA MET A 61 -7.05 -7.43 -2.48
C MET A 61 -7.06 -7.78 -3.95
N GLY A 62 -7.74 -8.86 -4.27
CA GLY A 62 -7.81 -9.35 -5.64
C GLY A 62 -7.31 -10.77 -5.72
N PRO A 63 -6.32 -11.05 -6.57
CA PRO A 63 -5.67 -12.36 -6.64
C PRO A 63 -4.63 -12.52 -5.53
N PRO A 64 -4.63 -13.69 -4.86
CA PRO A 64 -3.72 -13.98 -3.75
C PRO A 64 -2.25 -13.73 -4.09
N ASP A 65 -1.84 -14.14 -5.27
CA ASP A 65 -0.45 -13.93 -5.71
C ASP A 65 -0.23 -12.46 -6.04
N ARG A 66 -1.23 -11.88 -6.69
CA ARG A 66 -1.18 -10.48 -7.09
C ARG A 66 -1.03 -9.56 -5.88
N CYS A 67 -1.65 -9.95 -4.78
CA CYS A 67 -1.55 -9.19 -3.54
C CYS A 67 -0.09 -9.07 -3.10
N GLU A 68 0.65 -10.17 -3.22
CA GLU A 68 2.06 -10.19 -2.84
C GLU A 68 2.88 -9.29 -3.76
N HIS A 69 2.59 -9.35 -5.05
CA HIS A 69 3.29 -8.50 -6.02
C HIS A 69 2.96 -7.03 -5.78
N ALA A 70 1.70 -6.76 -5.45
CA ALA A 70 1.26 -5.41 -5.14
C ALA A 70 1.91 -4.92 -3.85
N ALA A 71 2.10 -5.84 -2.92
CA ALA A 71 2.81 -5.55 -1.68
C ALA A 71 4.24 -5.19 -2.00
N ARG A 72 4.80 -5.85 -3.01
CA ARG A 72 6.17 -5.59 -3.41
C ARG A 72 6.29 -4.20 -4.02
N ILE A 73 5.29 -3.80 -4.80
CA ILE A 73 5.26 -2.47 -5.40
C ILE A 73 5.28 -1.38 -4.31
N ILE A 74 4.40 -1.55 -3.34
CA ILE A 74 4.31 -0.61 -2.22
C ILE A 74 5.58 -0.65 -1.37
N ASN A 75 6.05 -1.86 -1.08
CA ASN A 75 7.24 -2.06 -0.25
C ASN A 75 8.47 -1.48 -0.91
N ASP A 76 8.52 -1.61 -2.24
CA ASP A 76 9.59 -1.01 -3.03
C ASP A 76 9.64 0.50 -2.80
N LEU A 77 8.46 1.11 -2.78
CA LEU A 77 8.33 2.54 -2.50
C LEU A 77 8.82 2.84 -1.09
N LEU A 78 8.43 1.99 -0.14
CA LEU A 78 8.84 2.16 1.25
C LEU A 78 10.36 2.08 1.37
N GLN A 79 10.93 1.10 0.68
CA GLN A 79 12.38 0.92 0.63
C GLN A 79 13.06 2.16 0.05
N SER A 80 12.45 2.73 -0.98
CA SER A 80 12.99 3.91 -1.63
C SER A 80 13.01 5.11 -0.69
N LEU A 81 11.96 5.24 0.13
CA LEU A 81 11.83 6.35 1.06
C LEU A 81 12.87 6.26 2.18
N ARG A 82 12.98 5.09 2.80
CA ARG A 82 13.89 4.92 3.93
C ARG A 82 15.35 5.10 3.51
N GLY A 12 -7.68 -10.98 0.74
CA GLY A 12 -6.52 -10.25 0.26
C GLY A 12 -5.36 -10.37 1.23
N ILE A 13 -4.68 -9.26 1.46
CA ILE A 13 -3.55 -9.26 2.39
C ILE A 13 -3.55 -8.01 3.27
N ASP A 14 -2.77 -8.09 4.35
CA ASP A 14 -2.54 -6.96 5.22
C ASP A 14 -1.07 -6.56 5.15
N VAL A 15 -0.81 -5.29 4.87
CA VAL A 15 0.54 -4.80 4.70
C VAL A 15 0.79 -3.53 5.52
N PRO A 16 1.72 -3.61 6.48
CA PRO A 16 2.09 -2.48 7.33
C PRO A 16 2.78 -1.36 6.54
N VAL A 17 2.04 -0.31 6.24
CA VAL A 17 2.56 0.83 5.52
C VAL A 17 2.82 1.99 6.48
N PRO A 18 4.08 2.42 6.59
CA PRO A 18 4.47 3.56 7.45
C PRO A 18 3.73 4.84 7.08
N ARG A 19 3.18 5.50 8.10
CA ARG A 19 2.33 6.68 7.90
C ARG A 19 3.12 7.85 7.33
N HIS A 20 4.42 7.88 7.59
CA HIS A 20 5.26 8.95 7.09
C HIS A 20 5.64 8.70 5.64
N SER A 21 5.43 7.48 5.19
CA SER A 21 5.70 7.11 3.81
C SER A 21 4.40 7.06 3.01
N VAL A 22 3.27 7.05 3.72
CA VAL A 22 1.95 7.02 3.08
C VAL A 22 1.77 8.20 2.13
N GLY A 23 2.27 9.36 2.51
CA GLY A 23 2.17 10.55 1.67
C GLY A 23 2.69 10.32 0.26
N VAL A 24 3.75 9.52 0.15
CA VAL A 24 4.35 9.23 -1.15
C VAL A 24 3.66 8.05 -1.83
N VAL A 25 3.23 7.08 -1.03
CA VAL A 25 2.48 5.93 -1.55
C VAL A 25 1.17 6.40 -2.15
N ILE A 26 0.58 7.40 -1.52
CA ILE A 26 -0.63 8.01 -2.02
C ILE A 26 -0.29 8.97 -3.15
N GLY A 27 0.55 9.95 -2.87
CA GLY A 27 0.91 10.91 -3.88
C GLY A 27 -0.11 12.02 -3.98
N ARG A 28 -0.24 12.79 -2.90
CA ARG A 28 -1.12 13.96 -2.83
C ARG A 28 -2.60 13.59 -2.99
N SER A 29 -3.08 13.54 -4.22
CA SER A 29 -4.46 13.17 -4.47
C SER A 29 -4.62 11.67 -4.49
N GLY A 30 -3.52 10.97 -4.71
CA GLY A 30 -3.57 9.52 -4.73
C GLY A 30 -3.12 8.94 -6.05
N GLU A 31 -2.67 9.80 -6.97
CA GLU A 31 -2.29 9.38 -8.31
C GLU A 31 -1.13 8.40 -8.31
N MET A 32 -0.42 8.28 -7.20
CA MET A 32 0.64 7.29 -7.11
C MET A 32 0.04 5.93 -6.81
N ILE A 33 -0.89 5.90 -5.85
CA ILE A 33 -1.54 4.65 -5.49
C ILE A 33 -2.56 4.25 -6.56
N LYS A 34 -3.00 5.24 -7.34
CA LYS A 34 -3.86 4.97 -8.49
C LYS A 34 -3.15 4.00 -9.43
N LYS A 35 -1.90 4.31 -9.76
CA LYS A 35 -1.13 3.51 -10.69
C LYS A 35 -0.89 2.11 -10.14
N ILE A 36 -0.70 1.99 -8.83
CA ILE A 36 -0.51 0.68 -8.20
C ILE A 36 -1.73 -0.19 -8.44
N GLN A 37 -2.86 0.32 -7.96
CA GLN A 37 -4.12 -0.39 -8.02
C GLN A 37 -4.57 -0.61 -9.47
N ASN A 38 -4.08 0.24 -10.36
CA ASN A 38 -4.38 0.11 -11.80
C ASN A 38 -3.49 -0.95 -12.44
N ASP A 39 -2.20 -0.93 -12.11
CA ASP A 39 -1.24 -1.85 -12.69
C ASP A 39 -1.50 -3.26 -12.21
N ALA A 40 -1.55 -3.40 -10.89
CA ALA A 40 -1.74 -4.70 -10.28
C ALA A 40 -3.20 -5.15 -10.37
N GLY A 41 -4.07 -4.22 -10.69
CA GLY A 41 -5.50 -4.53 -10.73
C GLY A 41 -6.03 -4.87 -9.35
N VAL A 42 -5.47 -4.22 -8.35
CA VAL A 42 -5.77 -4.53 -6.97
C VAL A 42 -6.51 -3.38 -6.31
N ARG A 43 -7.00 -3.63 -5.11
CA ARG A 43 -7.55 -2.58 -4.29
C ARG A 43 -6.70 -2.44 -3.03
N ILE A 44 -6.24 -1.23 -2.79
CA ILE A 44 -5.49 -0.92 -1.59
C ILE A 44 -6.32 -0.02 -0.70
N GLN A 45 -6.70 -0.53 0.46
CA GLN A 45 -7.43 0.26 1.44
C GLN A 45 -6.55 0.46 2.68
N PHE A 46 -6.81 1.50 3.43
CA PHE A 46 -6.02 1.80 4.61
C PHE A 46 -6.81 1.59 5.88
N LYS A 47 -6.43 0.60 6.65
CA LYS A 47 -7.09 0.30 7.90
C LYS A 47 -6.64 1.28 8.98
N GLN A 48 -7.34 2.41 9.04
CA GLN A 48 -7.07 3.42 10.06
C GLN A 48 -7.62 2.94 11.41
N ASP A 49 -8.45 1.91 11.35
CA ASP A 49 -9.04 1.31 12.55
C ASP A 49 -7.99 0.57 13.35
N ASP A 50 -7.05 -0.05 12.66
CA ASP A 50 -5.96 -0.77 13.30
C ASP A 50 -4.61 -0.32 12.78
N GLY A 51 -3.98 0.57 13.52
CA GLY A 51 -2.66 1.02 13.16
C GLY A 51 -1.62 0.46 14.09
N THR A 52 -0.57 -0.12 13.52
CA THR A 52 0.49 -0.71 14.30
C THR A 52 1.49 0.36 14.74
N GLY A 53 1.03 1.30 15.54
CA GLY A 53 1.88 2.38 15.99
C GLY A 53 1.97 3.50 14.97
N PRO A 54 3.15 3.75 14.42
CA PRO A 54 3.36 4.76 13.38
C PRO A 54 3.06 4.22 11.99
N GLU A 55 2.40 3.08 11.94
CA GLU A 55 2.08 2.43 10.68
C GLU A 55 0.58 2.29 10.49
N LYS A 56 0.18 2.03 9.25
CA LYS A 56 -1.20 1.74 8.91
C LYS A 56 -1.25 0.39 8.21
N ILE A 57 -2.31 -0.38 8.39
CA ILE A 57 -2.39 -1.64 7.67
C ILE A 57 -3.13 -1.45 6.35
N ALA A 58 -2.38 -1.50 5.27
CA ALA A 58 -2.97 -1.46 3.95
C ALA A 58 -3.55 -2.82 3.63
N HIS A 59 -4.71 -2.87 3.00
CA HIS A 59 -5.29 -4.14 2.64
C HIS A 59 -5.41 -4.25 1.13
N ILE A 60 -4.60 -5.11 0.56
CA ILE A 60 -4.62 -5.32 -0.88
C ILE A 60 -5.62 -6.42 -1.21
N MET A 61 -6.25 -6.32 -2.37
CA MET A 61 -7.36 -7.21 -2.70
C MET A 61 -7.19 -7.83 -4.07
N GLY A 62 -7.47 -9.12 -4.17
CA GLY A 62 -7.40 -9.81 -5.43
C GLY A 62 -6.72 -11.15 -5.31
N PRO A 63 -5.81 -11.45 -6.25
CA PRO A 63 -5.12 -12.74 -6.32
C PRO A 63 -3.94 -12.82 -5.35
N PRO A 64 -3.73 -13.97 -4.69
CA PRO A 64 -2.68 -14.09 -3.66
C PRO A 64 -1.31 -13.60 -4.15
N ASP A 65 -0.88 -14.07 -5.31
CA ASP A 65 0.42 -13.68 -5.87
C ASP A 65 0.40 -12.22 -6.28
N ARG A 66 -0.71 -11.78 -6.86
CA ARG A 66 -0.85 -10.40 -7.27
C ARG A 66 -0.83 -9.48 -6.06
N CYS A 67 -1.49 -9.90 -4.99
CA CYS A 67 -1.43 -9.19 -3.72
C CYS A 67 0.01 -9.10 -3.22
N GLU A 68 0.73 -10.23 -3.28
CA GLU A 68 2.13 -10.26 -2.88
C GLU A 68 2.99 -9.35 -3.78
N HIS A 69 2.65 -9.30 -5.06
CA HIS A 69 3.36 -8.46 -6.01
C HIS A 69 3.07 -6.99 -5.70
N ALA A 70 1.80 -6.68 -5.51
CA ALA A 70 1.37 -5.33 -5.17
C ALA A 70 1.94 -4.91 -3.82
N ALA A 71 2.14 -5.90 -2.96
CA ALA A 71 2.77 -5.68 -1.67
C ALA A 71 4.17 -5.16 -1.87
N ARG A 72 4.88 -5.74 -2.83
CA ARG A 72 6.23 -5.29 -3.09
C ARG A 72 6.23 -3.98 -3.86
N ILE A 73 5.16 -3.70 -4.58
CA ILE A 73 5.01 -2.39 -5.23
C ILE A 73 5.09 -1.30 -4.15
N ILE A 74 4.29 -1.49 -3.10
CA ILE A 74 4.26 -0.58 -1.97
C ILE A 74 5.57 -0.66 -1.18
N ASN A 75 6.01 -1.89 -0.90
CA ASN A 75 7.19 -2.16 -0.09
C ASN A 75 8.45 -1.56 -0.70
N ASP A 76 8.64 -1.79 -1.99
CA ASP A 76 9.79 -1.28 -2.72
C ASP A 76 9.76 0.24 -2.74
N LEU A 77 8.56 0.80 -2.81
CA LEU A 77 8.37 2.24 -2.71
C LEU A 77 8.80 2.70 -1.32
N LEU A 78 8.40 1.96 -0.30
CA LEU A 78 8.71 2.28 1.08
C LEU A 78 10.21 2.24 1.35
N GLN A 79 10.91 1.27 0.75
CA GLN A 79 12.35 1.13 0.99
C GLN A 79 13.11 2.26 0.30
N SER A 80 12.52 2.83 -0.74
CA SER A 80 13.11 3.95 -1.44
C SER A 80 13.13 5.19 -0.55
N LEU A 81 12.13 5.27 0.33
CA LEU A 81 12.02 6.38 1.25
C LEU A 81 12.82 6.12 2.52
N ARG A 82 12.97 4.84 2.84
CA ARG A 82 13.73 4.43 4.01
C ARG A 82 15.22 4.36 3.69
N GLY A 12 -7.04 -11.25 0.90
CA GLY A 12 -6.06 -10.22 0.71
C GLY A 12 -5.05 -10.19 1.84
N ILE A 13 -4.10 -9.28 1.78
CA ILE A 13 -3.05 -9.17 2.78
C ILE A 13 -3.14 -7.85 3.52
N ASP A 14 -2.44 -7.78 4.64
CA ASP A 14 -2.30 -6.55 5.40
C ASP A 14 -0.83 -6.16 5.42
N VAL A 15 -0.54 -4.91 5.07
CA VAL A 15 0.83 -4.45 5.01
C VAL A 15 1.04 -3.19 5.83
N PRO A 16 2.04 -3.20 6.71
CA PRO A 16 2.40 -2.06 7.54
C PRO A 16 3.05 -0.95 6.72
N VAL A 17 2.36 0.17 6.60
CA VAL A 17 2.87 1.31 5.86
C VAL A 17 2.88 2.57 6.74
N PRO A 18 4.08 3.08 7.04
CA PRO A 18 4.25 4.30 7.85
C PRO A 18 3.55 5.50 7.24
N ARG A 19 2.90 6.30 8.09
CA ARG A 19 2.09 7.43 7.64
C ARG A 19 2.93 8.46 6.91
N HIS A 20 4.17 8.64 7.35
CA HIS A 20 5.07 9.58 6.70
C HIS A 20 5.47 9.07 5.31
N SER A 21 5.42 7.76 5.15
CA SER A 21 5.73 7.14 3.86
C SER A 21 4.48 7.09 2.99
N VAL A 22 3.31 7.02 3.64
CA VAL A 22 2.03 7.04 2.95
C VAL A 22 1.89 8.28 2.07
N GLY A 23 2.46 9.39 2.54
CA GLY A 23 2.44 10.62 1.78
C GLY A 23 3.00 10.45 0.37
N VAL A 24 4.05 9.65 0.23
CA VAL A 24 4.69 9.43 -1.06
C VAL A 24 3.95 8.38 -1.86
N VAL A 25 3.49 7.33 -1.17
CA VAL A 25 2.72 6.26 -1.80
C VAL A 25 1.43 6.81 -2.39
N ILE A 26 0.84 7.75 -1.67
CA ILE A 26 -0.39 8.39 -2.11
C ILE A 26 -0.09 9.47 -3.14
N GLY A 27 0.83 10.36 -2.82
CA GLY A 27 1.11 11.47 -3.70
C GLY A 27 0.05 12.55 -3.59
N ARG A 28 -0.52 12.67 -2.38
CA ARG A 28 -1.51 13.70 -2.05
C ARG A 28 -2.87 13.42 -2.71
N SER A 29 -2.89 13.30 -4.04
CA SER A 29 -4.13 13.01 -4.76
C SER A 29 -4.50 11.54 -4.64
N GLY A 30 -3.49 10.70 -4.43
CA GLY A 30 -3.68 9.27 -4.51
C GLY A 30 -3.17 8.77 -5.84
N GLU A 31 -2.68 9.71 -6.65
CA GLU A 31 -2.21 9.44 -8.00
C GLU A 31 -1.30 8.22 -8.07
N MET A 32 -0.30 8.19 -7.20
CA MET A 32 0.69 7.12 -7.24
C MET A 32 0.11 5.77 -6.84
N ILE A 33 -0.74 5.78 -5.80
CA ILE A 33 -1.30 4.53 -5.32
C ILE A 33 -2.36 4.01 -6.28
N LYS A 34 -2.99 4.92 -7.03
CA LYS A 34 -3.95 4.52 -8.05
C LYS A 34 -3.20 3.84 -9.20
N LYS A 35 -1.99 4.33 -9.46
CA LYS A 35 -1.12 3.73 -10.46
C LYS A 35 -0.80 2.29 -10.08
N ILE A 36 -0.50 2.08 -8.80
CA ILE A 36 -0.20 0.75 -8.29
C ILE A 36 -1.41 -0.16 -8.44
N GLN A 37 -2.56 0.32 -7.99
CA GLN A 37 -3.81 -0.41 -8.08
C GLN A 37 -4.16 -0.75 -9.53
N ASN A 38 -3.81 0.15 -10.44
CA ASN A 38 -4.08 -0.06 -11.85
C ASN A 38 -3.09 -1.04 -12.48
N ASP A 39 -1.82 -0.91 -12.09
CA ASP A 39 -0.75 -1.72 -12.66
C ASP A 39 -0.89 -3.18 -12.22
N ALA A 40 -1.11 -3.38 -10.93
CA ALA A 40 -1.22 -4.71 -10.39
C ALA A 40 -2.64 -5.24 -10.50
N GLY A 41 -3.58 -4.34 -10.74
CA GLY A 41 -4.99 -4.73 -10.81
C GLY A 41 -5.53 -5.10 -9.45
N VAL A 42 -5.20 -4.27 -8.46
CA VAL A 42 -5.54 -4.55 -7.08
C VAL A 42 -6.33 -3.42 -6.46
N ARG A 43 -6.73 -3.62 -5.22
CA ARG A 43 -7.29 -2.55 -4.42
C ARG A 43 -6.46 -2.36 -3.17
N ILE A 44 -6.08 -1.12 -2.91
CA ILE A 44 -5.32 -0.78 -1.73
C ILE A 44 -6.05 0.27 -0.92
N GLN A 45 -6.60 -0.13 0.21
CA GLN A 45 -7.28 0.80 1.10
C GLN A 45 -6.70 0.68 2.49
N PHE A 46 -6.53 1.80 3.15
CA PHE A 46 -5.95 1.81 4.49
C PHE A 46 -7.02 1.55 5.52
N LYS A 47 -6.72 0.66 6.46
CA LYS A 47 -7.63 0.38 7.55
C LYS A 47 -7.65 1.54 8.52
N GLN A 48 -8.82 1.84 9.06
CA GLN A 48 -8.95 2.86 10.08
C GLN A 48 -8.65 2.24 11.43
N ASP A 49 -8.68 0.92 11.47
CA ASP A 49 -8.23 0.15 12.61
C ASP A 49 -6.90 -0.52 12.26
N ASP A 50 -5.81 0.19 12.52
CA ASP A 50 -4.49 -0.30 12.12
C ASP A 50 -3.98 -1.34 13.08
N GLY A 51 -3.29 -2.33 12.53
CA GLY A 51 -2.75 -3.42 13.32
C GLY A 51 -1.42 -3.08 13.94
N THR A 52 -0.77 -2.08 13.38
CA THR A 52 0.57 -1.70 13.81
C THR A 52 0.55 -0.52 14.77
N GLY A 53 -0.48 0.30 14.70
CA GLY A 53 -0.56 1.46 15.56
C GLY A 53 -0.34 2.75 14.80
N PRO A 54 0.84 3.38 14.96
CA PRO A 54 1.20 4.58 14.21
C PRO A 54 1.32 4.29 12.72
N GLU A 55 1.94 3.17 12.39
CA GLU A 55 1.98 2.70 11.01
C GLU A 55 0.59 2.24 10.61
N LYS A 56 0.23 2.48 9.36
CA LYS A 56 -1.08 2.09 8.86
C LYS A 56 -1.04 0.71 8.29
N ILE A 57 -2.20 0.10 8.14
CA ILE A 57 -2.29 -1.17 7.46
C ILE A 57 -2.94 -1.01 6.10
N ALA A 58 -2.13 -1.08 5.07
CA ALA A 58 -2.62 -1.07 3.71
C ALA A 58 -3.28 -2.40 3.43
N HIS A 59 -4.51 -2.40 2.95
CA HIS A 59 -5.20 -3.65 2.70
C HIS A 59 -5.21 -3.93 1.21
N ILE A 60 -4.32 -4.82 0.79
CA ILE A 60 -4.20 -5.19 -0.61
C ILE A 60 -5.08 -6.38 -0.89
N MET A 61 -5.87 -6.32 -1.95
CA MET A 61 -6.92 -7.30 -2.15
C MET A 61 -7.10 -7.67 -3.61
N GLY A 62 -7.83 -8.75 -3.83
CA GLY A 62 -8.00 -9.30 -5.16
C GLY A 62 -7.53 -10.74 -5.18
N PRO A 63 -6.57 -11.07 -6.03
CA PRO A 63 -5.91 -12.37 -6.02
C PRO A 63 -4.85 -12.45 -4.92
N PRO A 64 -4.89 -13.54 -4.12
CA PRO A 64 -3.99 -13.72 -2.97
C PRO A 64 -2.51 -13.66 -3.34
N ASP A 65 -2.18 -14.19 -4.52
CA ASP A 65 -0.81 -14.16 -5.02
C ASP A 65 -0.48 -12.76 -5.54
N ARG A 66 -1.51 -12.10 -6.07
CA ARG A 66 -1.38 -10.76 -6.60
C ARG A 66 -1.07 -9.78 -5.48
N CYS A 67 -1.69 -10.01 -4.34
CA CYS A 67 -1.47 -9.18 -3.16
C CYS A 67 0.01 -9.10 -2.81
N GLU A 68 0.73 -10.21 -2.93
CA GLU A 68 2.14 -10.24 -2.61
C GLU A 68 2.94 -9.37 -3.58
N HIS A 69 2.59 -9.42 -4.86
CA HIS A 69 3.26 -8.57 -5.85
C HIS A 69 2.93 -7.10 -5.59
N ALA A 70 1.67 -6.83 -5.29
CA ALA A 70 1.23 -5.46 -5.02
C ALA A 70 1.88 -4.93 -3.75
N ALA A 71 2.11 -5.82 -2.79
CA ALA A 71 2.81 -5.49 -1.56
C ALA A 71 4.21 -5.04 -1.90
N ARG A 72 4.84 -5.78 -2.80
CA ARG A 72 6.19 -5.52 -3.23
C ARG A 72 6.28 -4.18 -3.95
N ILE A 73 5.24 -3.82 -4.70
CA ILE A 73 5.21 -2.53 -5.39
C ILE A 73 5.24 -1.40 -4.37
N ILE A 74 4.36 -1.48 -3.38
CA ILE A 74 4.25 -0.46 -2.34
C ILE A 74 5.51 -0.43 -1.48
N ASN A 75 5.95 -1.59 -1.06
CA ASN A 75 7.09 -1.72 -0.16
C ASN A 75 8.40 -1.35 -0.86
N ASP A 76 8.48 -1.62 -2.16
CA ASP A 76 9.67 -1.24 -2.94
C ASP A 76 9.76 0.27 -3.05
N LEU A 77 8.60 0.91 -3.11
CA LEU A 77 8.52 2.36 -3.10
C LEU A 77 9.04 2.88 -1.76
N LEU A 78 8.63 2.23 -0.68
CA LEU A 78 9.08 2.58 0.67
C LEU A 78 10.58 2.40 0.79
N GLN A 79 11.07 1.30 0.20
CA GLN A 79 12.50 1.01 0.19
C GLN A 79 13.28 2.11 -0.53
N SER A 80 12.70 2.62 -1.61
CA SER A 80 13.31 3.69 -2.38
C SER A 80 13.42 4.98 -1.55
N LEU A 81 12.49 5.15 -0.63
CA LEU A 81 12.46 6.34 0.21
C LEU A 81 13.51 6.28 1.31
N ARG A 82 13.48 5.21 2.08
CA ARG A 82 14.33 5.09 3.27
C ARG A 82 15.75 4.65 2.92
N GLY A 12 -7.54 -11.06 1.07
CA GLY A 12 -6.75 -9.88 0.92
C GLY A 12 -5.68 -9.80 2.00
N ILE A 13 -4.68 -8.98 1.78
CA ILE A 13 -3.59 -8.86 2.75
C ILE A 13 -3.63 -7.52 3.46
N ASP A 14 -3.15 -7.52 4.69
CA ASP A 14 -3.05 -6.31 5.49
C ASP A 14 -1.59 -5.90 5.58
N VAL A 15 -1.23 -4.85 4.84
CA VAL A 15 0.17 -4.45 4.72
C VAL A 15 0.47 -3.19 5.53
N PRO A 16 1.56 -3.23 6.30
CA PRO A 16 2.01 -2.09 7.12
C PRO A 16 2.61 -0.98 6.26
N VAL A 17 1.93 0.16 6.22
CA VAL A 17 2.40 1.30 5.46
C VAL A 17 2.59 2.51 6.39
N PRO A 18 3.85 2.88 6.67
CA PRO A 18 4.20 4.01 7.54
C PRO A 18 3.43 5.28 7.18
N ARG A 19 2.89 5.93 8.20
CA ARG A 19 2.06 7.12 7.99
C ARG A 19 2.85 8.26 7.35
N HIS A 20 4.14 8.28 7.59
CA HIS A 20 5.02 9.27 6.95
C HIS A 20 5.23 8.91 5.49
N SER A 21 5.23 7.62 5.20
CA SER A 21 5.40 7.15 3.84
C SER A 21 4.08 7.25 3.06
N VAL A 22 2.97 7.25 3.80
CA VAL A 22 1.64 7.36 3.20
C VAL A 22 1.53 8.61 2.32
N GLY A 23 2.20 9.68 2.74
CA GLY A 23 2.20 10.91 1.96
C GLY A 23 2.75 10.72 0.57
N VAL A 24 3.65 9.75 0.41
CA VAL A 24 4.24 9.44 -0.89
C VAL A 24 3.40 8.42 -1.64
N VAL A 25 2.84 7.47 -0.89
CA VAL A 25 2.04 6.39 -1.48
C VAL A 25 0.73 6.96 -2.05
N ILE A 26 0.14 7.89 -1.31
CA ILE A 26 -1.11 8.50 -1.73
C ILE A 26 -0.84 9.63 -2.72
N GLY A 27 0.12 10.49 -2.41
CA GLY A 27 0.38 11.63 -3.25
C GLY A 27 -0.54 12.79 -2.88
N ARG A 28 -1.36 13.22 -3.82
CA ARG A 28 -2.37 14.23 -3.55
C ARG A 28 -3.72 13.57 -3.29
N SER A 29 -4.39 13.15 -4.35
CA SER A 29 -5.65 12.43 -4.22
C SER A 29 -5.37 10.96 -3.96
N GLY A 30 -4.60 10.36 -4.85
CA GLY A 30 -4.17 9.00 -4.69
C GLY A 30 -3.40 8.56 -5.92
N GLU A 31 -2.71 9.51 -6.53
CA GLU A 31 -2.15 9.35 -7.86
C GLU A 31 -1.20 8.15 -7.92
N MET A 32 -0.31 8.06 -6.95
CA MET A 32 0.64 6.96 -6.89
C MET A 32 -0.08 5.63 -6.61
N ILE A 33 -0.99 5.63 -5.65
CA ILE A 33 -1.69 4.40 -5.28
C ILE A 33 -2.63 3.94 -6.39
N LYS A 34 -3.18 4.90 -7.15
CA LYS A 34 -3.98 4.58 -8.32
C LYS A 34 -3.12 3.86 -9.33
N LYS A 35 -1.89 4.35 -9.51
CA LYS A 35 -0.97 3.75 -10.46
C LYS A 35 -0.57 2.35 -10.03
N ILE A 36 -0.39 2.15 -8.73
CA ILE A 36 -0.07 0.83 -8.20
C ILE A 36 -1.23 -0.13 -8.47
N GLN A 37 -2.43 0.29 -8.10
CA GLN A 37 -3.64 -0.47 -8.33
C GLN A 37 -3.85 -0.75 -9.81
N ASN A 38 -3.48 0.21 -10.65
CA ASN A 38 -3.66 0.12 -12.09
C ASN A 38 -2.58 -0.77 -12.72
N ASP A 39 -1.38 -0.75 -12.14
CA ASP A 39 -0.26 -1.51 -12.67
C ASP A 39 -0.37 -2.98 -12.26
N ALA A 40 -0.66 -3.21 -10.99
CA ALA A 40 -0.74 -4.58 -10.48
C ALA A 40 -2.09 -5.21 -10.79
N GLY A 41 -3.12 -4.36 -10.89
CA GLY A 41 -4.46 -4.85 -11.11
C GLY A 41 -5.14 -5.22 -9.80
N VAL A 42 -4.89 -4.40 -8.78
CA VAL A 42 -5.37 -4.69 -7.43
C VAL A 42 -6.24 -3.56 -6.91
N ARG A 43 -6.78 -3.79 -5.73
CA ARG A 43 -7.45 -2.76 -4.96
C ARG A 43 -6.69 -2.54 -3.67
N ILE A 44 -6.34 -1.29 -3.41
CA ILE A 44 -5.65 -0.92 -2.19
C ILE A 44 -6.42 0.18 -1.49
N GLN A 45 -7.05 -0.16 -0.38
CA GLN A 45 -7.75 0.82 0.42
C GLN A 45 -7.03 0.97 1.75
N PHE A 46 -7.16 2.11 2.39
CA PHE A 46 -6.41 2.37 3.60
C PHE A 46 -7.27 2.19 4.84
N LYS A 47 -6.85 1.29 5.69
CA LYS A 47 -7.45 1.11 7.00
C LYS A 47 -6.78 2.06 7.99
N GLN A 48 -7.59 2.80 8.73
CA GLN A 48 -7.07 3.74 9.72
C GLN A 48 -6.37 2.96 10.83
N ASP A 49 -6.73 1.69 10.93
CA ASP A 49 -6.11 0.77 11.87
C ASP A 49 -4.62 0.65 11.59
N ASP A 50 -3.80 1.19 12.48
CA ASP A 50 -2.37 0.99 12.40
C ASP A 50 -2.03 -0.36 13.00
N GLY A 51 -1.09 -1.06 12.38
CA GLY A 51 -0.84 -2.44 12.76
C GLY A 51 0.37 -2.61 13.66
N THR A 52 1.09 -1.53 13.92
CA THR A 52 2.30 -1.60 14.72
C THR A 52 2.69 -0.23 15.28
N GLY A 53 1.76 0.72 15.20
CA GLY A 53 2.05 2.06 15.69
C GLY A 53 2.13 3.09 14.58
N PRO A 54 3.33 3.36 14.04
CA PRO A 54 3.52 4.40 13.03
C PRO A 54 3.11 3.95 11.64
N GLU A 55 2.86 2.67 11.49
CA GLU A 55 2.53 2.11 10.19
C GLU A 55 1.06 1.73 10.14
N LYS A 56 0.35 2.28 9.15
CA LYS A 56 -1.05 1.98 8.91
C LYS A 56 -1.19 0.63 8.24
N ILE A 57 -2.42 0.21 8.01
CA ILE A 57 -2.65 -1.02 7.29
C ILE A 57 -3.36 -0.75 5.96
N ALA A 58 -2.65 -1.01 4.88
CA ALA A 58 -3.22 -0.97 3.56
C ALA A 58 -3.87 -2.32 3.28
N HIS A 59 -5.03 -2.34 2.64
CA HIS A 59 -5.70 -3.59 2.37
C HIS A 59 -5.66 -3.89 0.88
N ILE A 60 -4.75 -4.77 0.50
CA ILE A 60 -4.61 -5.19 -0.89
C ILE A 60 -5.48 -6.41 -1.13
N MET A 61 -6.19 -6.45 -2.24
CA MET A 61 -7.16 -7.49 -2.47
C MET A 61 -7.18 -7.93 -3.92
N GLY A 62 -7.78 -9.09 -4.14
CA GLY A 62 -7.81 -9.69 -5.45
C GLY A 62 -7.24 -11.08 -5.41
N PRO A 63 -6.39 -11.44 -6.39
CA PRO A 63 -5.71 -12.73 -6.41
C PRO A 63 -4.67 -12.85 -5.30
N PRO A 64 -4.41 -14.08 -4.81
CA PRO A 64 -3.48 -14.30 -3.70
C PRO A 64 -2.05 -13.89 -4.03
N ASP A 65 -1.56 -14.34 -5.19
CA ASP A 65 -0.22 -13.98 -5.64
C ASP A 65 -0.16 -12.51 -5.96
N ARG A 66 -1.28 -12.02 -6.48
CA ARG A 66 -1.42 -10.61 -6.83
C ARG A 66 -1.25 -9.73 -5.60
N CYS A 67 -1.80 -10.18 -4.49
CA CYS A 67 -1.67 -9.47 -3.24
C CYS A 67 -0.19 -9.32 -2.87
N GLU A 68 0.55 -10.41 -2.95
CA GLU A 68 1.97 -10.38 -2.60
C GLU A 68 2.76 -9.57 -3.64
N HIS A 69 2.35 -9.66 -4.90
CA HIS A 69 2.96 -8.88 -5.96
C HIS A 69 2.75 -7.39 -5.71
N ALA A 70 1.53 -7.02 -5.36
CA ALA A 70 1.17 -5.65 -5.11
C ALA A 70 1.80 -5.14 -3.81
N ALA A 71 1.88 -6.02 -2.83
CA ALA A 71 2.53 -5.72 -1.56
C ALA A 71 3.98 -5.38 -1.80
N ARG A 72 4.58 -6.08 -2.76
CA ARG A 72 5.97 -5.87 -3.10
C ARG A 72 6.17 -4.49 -3.68
N ILE A 73 5.27 -4.09 -4.57
CA ILE A 73 5.30 -2.75 -5.18
C ILE A 73 5.30 -1.67 -4.11
N ILE A 74 4.35 -1.79 -3.16
CA ILE A 74 4.21 -0.81 -2.10
C ILE A 74 5.38 -0.87 -1.12
N ASN A 75 5.76 -2.09 -0.72
CA ASN A 75 6.82 -2.30 0.26
C ASN A 75 8.16 -1.78 -0.24
N ASP A 76 8.44 -2.08 -1.52
CA ASP A 76 9.69 -1.66 -2.14
C ASP A 76 9.73 -0.13 -2.24
N LEU A 77 8.57 0.47 -2.46
CA LEU A 77 8.44 1.93 -2.46
C LEU A 77 8.73 2.47 -1.06
N LEU A 78 8.15 1.82 -0.06
CA LEU A 78 8.35 2.21 1.34
C LEU A 78 9.81 2.12 1.72
N GLN A 79 10.51 1.14 1.17
CA GLN A 79 11.92 0.94 1.45
C GLN A 79 12.74 2.13 0.98
N SER A 80 12.34 2.74 -0.13
CA SER A 80 13.05 3.90 -0.65
C SER A 80 12.80 5.14 0.23
N LEU A 81 11.79 5.04 1.08
CA LEU A 81 11.42 6.17 1.93
C LEU A 81 12.04 6.05 3.32
N ARG A 82 12.17 4.83 3.82
CA ARG A 82 12.77 4.59 5.13
C ARG A 82 14.15 3.96 5.00
N GLY A 12 -7.30 -10.60 0.95
CA GLY A 12 -5.96 -10.39 0.44
C GLY A 12 -4.91 -10.44 1.53
N ILE A 13 -4.08 -9.40 1.58
CA ILE A 13 -3.00 -9.33 2.56
C ILE A 13 -3.07 -8.05 3.39
N ASP A 14 -2.42 -8.08 4.54
CA ASP A 14 -2.34 -6.92 5.42
C ASP A 14 -0.89 -6.45 5.52
N VAL A 15 -0.58 -5.35 4.84
CA VAL A 15 0.81 -4.87 4.76
C VAL A 15 1.04 -3.63 5.60
N PRO A 16 2.10 -3.64 6.43
CA PRO A 16 2.50 -2.51 7.26
C PRO A 16 3.17 -1.40 6.43
N VAL A 17 2.43 -0.34 6.18
CA VAL A 17 2.95 0.81 5.46
C VAL A 17 3.05 2.02 6.39
N PRO A 18 4.28 2.47 6.68
CA PRO A 18 4.53 3.62 7.55
C PRO A 18 3.75 4.86 7.10
N ARG A 19 3.12 5.54 8.06
CA ARG A 19 2.25 6.67 7.77
C ARG A 19 2.99 7.79 7.07
N HIS A 20 4.27 7.98 7.39
CA HIS A 20 5.04 9.04 6.76
C HIS A 20 5.36 8.66 5.32
N SER A 21 5.34 7.36 5.05
CA SER A 21 5.61 6.84 3.73
C SER A 21 4.33 6.82 2.90
N VAL A 22 3.19 6.73 3.59
CA VAL A 22 1.88 6.78 2.95
C VAL A 22 1.72 8.07 2.14
N GLY A 23 2.35 9.14 2.61
CA GLY A 23 2.29 10.41 1.90
C GLY A 23 2.81 10.28 0.48
N VAL A 24 3.79 9.40 0.28
CA VAL A 24 4.35 9.16 -1.04
C VAL A 24 3.59 8.06 -1.77
N VAL A 25 3.12 7.08 -1.01
CA VAL A 25 2.34 5.97 -1.57
C VAL A 25 1.02 6.50 -2.14
N ILE A 26 0.43 7.45 -1.44
CA ILE A 26 -0.78 8.10 -1.90
C ILE A 26 -0.44 9.16 -2.94
N GLY A 27 0.44 10.07 -2.57
CA GLY A 27 0.77 11.19 -3.43
C GLY A 27 0.12 12.46 -2.94
N ARG A 28 -0.57 13.16 -3.83
CA ARG A 28 -1.29 14.37 -3.46
C ARG A 28 -2.75 14.26 -3.85
N SER A 29 -3.01 13.53 -4.91
CA SER A 29 -4.37 13.27 -5.37
C SER A 29 -4.71 11.80 -5.21
N GLY A 30 -3.78 11.06 -4.64
CA GLY A 30 -3.93 9.62 -4.55
C GLY A 30 -3.50 8.96 -5.83
N GLU A 31 -2.90 9.76 -6.71
CA GLU A 31 -2.57 9.34 -8.07
C GLU A 31 -1.56 8.19 -8.06
N MET A 32 -0.68 8.18 -7.08
CA MET A 32 0.36 7.16 -7.00
C MET A 32 -0.24 5.81 -6.64
N ILE A 33 -1.12 5.79 -5.64
CA ILE A 33 -1.72 4.54 -5.21
C ILE A 33 -2.71 4.03 -6.24
N LYS A 34 -3.31 4.96 -7.00
CA LYS A 34 -4.19 4.59 -8.10
C LYS A 34 -3.37 3.92 -9.20
N LYS A 35 -2.15 4.42 -9.38
CA LYS A 35 -1.22 3.83 -10.35
C LYS A 35 -0.84 2.41 -9.92
N ILE A 36 -0.56 2.25 -8.63
CA ILE A 36 -0.24 0.94 -8.07
C ILE A 36 -1.40 -0.03 -8.30
N GLN A 37 -2.60 0.40 -7.90
CA GLN A 37 -3.80 -0.39 -8.05
C GLN A 37 -4.11 -0.66 -9.53
N ASN A 38 -3.77 0.29 -10.38
CA ASN A 38 -4.00 0.16 -11.82
C ASN A 38 -3.04 -0.85 -12.44
N ASP A 39 -1.77 -0.78 -12.06
CA ASP A 39 -0.75 -1.66 -12.61
C ASP A 39 -0.97 -3.10 -12.17
N ALA A 40 -1.09 -3.30 -10.87
CA ALA A 40 -1.21 -4.65 -10.32
C ALA A 40 -2.62 -5.21 -10.51
N GLY A 41 -3.59 -4.32 -10.57
CA GLY A 41 -4.98 -4.75 -10.67
C GLY A 41 -5.53 -5.12 -9.33
N VAL A 42 -5.20 -4.31 -8.32
CA VAL A 42 -5.56 -4.61 -6.94
C VAL A 42 -6.32 -3.46 -6.31
N ARG A 43 -6.78 -3.69 -5.09
CA ARG A 43 -7.30 -2.61 -4.26
C ARG A 43 -6.43 -2.48 -3.02
N ILE A 44 -6.04 -1.27 -2.71
CA ILE A 44 -5.31 -0.98 -1.49
C ILE A 44 -6.21 -0.16 -0.57
N GLN A 45 -6.68 -0.77 0.50
CA GLN A 45 -7.58 -0.12 1.44
C GLN A 45 -6.95 -0.04 2.83
N PHE A 46 -6.72 1.17 3.30
CA PHE A 46 -6.16 1.37 4.62
C PHE A 46 -7.21 1.04 5.69
N LYS A 47 -6.84 0.16 6.60
CA LYS A 47 -7.76 -0.33 7.62
C LYS A 47 -7.99 0.70 8.73
N GLN A 48 -8.73 0.30 9.73
CA GLN A 48 -9.11 1.19 10.82
C GLN A 48 -7.98 1.31 11.84
N ASP A 49 -8.09 2.31 12.71
CA ASP A 49 -7.11 2.61 13.77
C ASP A 49 -5.66 2.52 13.26
N ASP A 50 -5.47 3.00 12.02
CA ASP A 50 -4.17 2.97 11.34
C ASP A 50 -3.78 1.55 10.98
N GLY A 51 -3.45 0.75 11.98
CA GLY A 51 -3.06 -0.61 11.76
C GLY A 51 -2.13 -1.12 12.83
N THR A 52 -0.95 -0.53 12.93
CA THR A 52 0.03 -0.95 13.92
C THR A 52 0.94 0.22 14.32
N GLY A 53 0.36 1.14 15.09
CA GLY A 53 1.11 2.27 15.60
C GLY A 53 1.36 3.33 14.55
N PRO A 54 2.63 3.58 14.20
CA PRO A 54 3.00 4.55 13.18
C PRO A 54 2.86 3.97 11.78
N GLU A 55 2.52 2.70 11.70
CA GLU A 55 2.32 2.03 10.43
C GLU A 55 0.85 1.76 10.21
N LYS A 56 0.36 2.14 9.05
CA LYS A 56 -0.99 1.82 8.64
C LYS A 56 -0.99 0.46 7.97
N ILE A 57 -2.08 -0.27 8.09
CA ILE A 57 -2.17 -1.54 7.40
C ILE A 57 -2.90 -1.37 6.08
N ALA A 58 -2.14 -1.47 5.02
CA ALA A 58 -2.69 -1.44 3.68
C ALA A 58 -3.33 -2.80 3.40
N HIS A 59 -4.60 -2.82 3.05
CA HIS A 59 -5.25 -4.08 2.76
C HIS A 59 -5.28 -4.27 1.25
N ILE A 60 -4.37 -5.08 0.76
CA ILE A 60 -4.31 -5.37 -0.66
C ILE A 60 -5.20 -6.57 -0.94
N MET A 61 -5.98 -6.51 -2.00
CA MET A 61 -7.03 -7.50 -2.18
C MET A 61 -7.21 -7.86 -3.64
N GLY A 62 -7.91 -8.96 -3.85
CA GLY A 62 -8.09 -9.50 -5.18
C GLY A 62 -7.54 -10.90 -5.25
N PRO A 63 -6.51 -11.13 -6.06
CA PRO A 63 -5.79 -12.41 -6.10
C PRO A 63 -4.71 -12.43 -5.02
N PRO A 64 -4.71 -13.48 -4.17
CA PRO A 64 -3.81 -13.60 -3.02
C PRO A 64 -2.33 -13.50 -3.39
N ASP A 65 -1.97 -14.03 -4.56
CA ASP A 65 -0.59 -13.97 -5.03
C ASP A 65 -0.32 -12.60 -5.66
N ARG A 66 -1.35 -12.05 -6.30
CA ARG A 66 -1.26 -10.73 -6.91
C ARG A 66 -1.08 -9.66 -5.84
N CYS A 67 -1.60 -9.95 -4.65
CA CYS A 67 -1.42 -9.08 -3.51
C CYS A 67 0.06 -8.91 -3.20
N GLU A 68 0.85 -9.93 -3.50
CA GLU A 68 2.29 -9.88 -3.26
C GLU A 68 2.99 -9.03 -4.32
N HIS A 69 2.46 -9.04 -5.55
CA HIS A 69 2.97 -8.16 -6.60
C HIS A 69 2.72 -6.72 -6.19
N ALA A 70 1.53 -6.46 -5.66
CA ALA A 70 1.17 -5.14 -5.18
C ALA A 70 1.97 -4.79 -3.93
N ALA A 71 2.26 -5.81 -3.13
CA ALA A 71 3.08 -5.66 -1.95
C ALA A 71 4.47 -5.21 -2.34
N ARG A 72 4.98 -5.80 -3.42
CA ARG A 72 6.28 -5.44 -3.94
C ARG A 72 6.31 -3.98 -4.36
N ILE A 73 5.28 -3.56 -5.09
CA ILE A 73 5.17 -2.20 -5.57
C ILE A 73 5.28 -1.20 -4.40
N ILE A 74 4.47 -1.43 -3.38
CA ILE A 74 4.47 -0.58 -2.20
C ILE A 74 5.78 -0.69 -1.43
N ASN A 75 6.23 -1.93 -1.20
CA ASN A 75 7.43 -2.21 -0.41
C ASN A 75 8.66 -1.58 -1.04
N ASP A 76 8.80 -1.75 -2.34
CA ASP A 76 9.93 -1.20 -3.09
C ASP A 76 9.94 0.32 -3.00
N LEU A 77 8.74 0.91 -3.00
CA LEU A 77 8.60 2.34 -2.82
C LEU A 77 8.99 2.75 -1.40
N LEU A 78 8.56 1.93 -0.43
CA LEU A 78 8.85 2.18 0.97
C LEU A 78 10.33 2.13 1.26
N GLN A 79 11.05 1.28 0.53
CA GLN A 79 12.48 1.10 0.75
C GLN A 79 13.24 2.41 0.60
N SER A 80 12.84 3.22 -0.38
CA SER A 80 13.48 4.50 -0.62
C SER A 80 13.25 5.46 0.54
N LEU A 81 12.11 5.31 1.20
CA LEU A 81 11.72 6.20 2.28
C LEU A 81 12.22 5.67 3.64
N ARG A 82 12.32 4.36 3.73
CA ARG A 82 12.75 3.69 4.95
C ARG A 82 14.26 3.79 5.14
N GLY A 12 -5.85 -12.73 1.22
CA GLY A 12 -5.81 -11.29 1.32
C GLY A 12 -4.73 -10.85 2.30
N ILE A 13 -4.11 -9.71 2.05
CA ILE A 13 -2.99 -9.28 2.90
C ILE A 13 -3.27 -7.96 3.59
N ASP A 14 -2.58 -7.78 4.70
CA ASP A 14 -2.60 -6.54 5.45
C ASP A 14 -1.16 -6.05 5.60
N VAL A 15 -0.86 -4.93 4.95
CA VAL A 15 0.51 -4.44 4.86
C VAL A 15 0.73 -3.25 5.75
N PRO A 16 1.78 -3.28 6.58
CA PRO A 16 2.10 -2.18 7.46
C PRO A 16 2.82 -1.06 6.73
N VAL A 17 2.11 0.03 6.51
CA VAL A 17 2.63 1.16 5.75
C VAL A 17 2.78 2.39 6.67
N PRO A 18 4.03 2.81 6.91
CA PRO A 18 4.33 3.96 7.78
C PRO A 18 3.55 5.21 7.42
N ARG A 19 2.98 5.86 8.44
CA ARG A 19 2.17 7.05 8.25
C ARG A 19 2.95 8.16 7.55
N HIS A 20 4.24 8.25 7.84
CA HIS A 20 5.08 9.30 7.25
C HIS A 20 5.52 8.92 5.84
N SER A 21 5.19 7.70 5.43
CA SER A 21 5.53 7.24 4.10
C SER A 21 4.28 7.17 3.22
N VAL A 22 3.12 7.18 3.87
CA VAL A 22 1.84 7.16 3.17
C VAL A 22 1.72 8.32 2.19
N GLY A 23 2.22 9.48 2.59
CA GLY A 23 2.19 10.65 1.72
C GLY A 23 2.83 10.41 0.37
N VAL A 24 3.83 9.54 0.35
CA VAL A 24 4.54 9.21 -0.89
C VAL A 24 3.79 8.12 -1.65
N VAL A 25 3.26 7.15 -0.91
CA VAL A 25 2.50 6.05 -1.49
C VAL A 25 1.24 6.59 -2.16
N ILE A 26 0.65 7.59 -1.53
CA ILE A 26 -0.55 8.22 -2.06
C ILE A 26 -0.19 9.22 -3.16
N GLY A 27 0.75 10.10 -2.87
CA GLY A 27 1.06 11.17 -3.79
C GLY A 27 0.24 12.40 -3.51
N ARG A 28 -0.09 13.16 -4.55
CA ARG A 28 -0.95 14.32 -4.36
C ARG A 28 -2.43 13.89 -4.37
N SER A 29 -2.92 13.50 -5.54
CA SER A 29 -4.32 13.15 -5.70
C SER A 29 -4.54 11.64 -5.59
N GLY A 30 -3.64 10.96 -4.88
CA GLY A 30 -3.71 9.52 -4.80
C GLY A 30 -3.15 8.86 -6.06
N GLU A 31 -2.56 9.70 -6.90
CA GLU A 31 -2.08 9.31 -8.22
C GLU A 31 -1.11 8.12 -8.16
N MET A 32 -0.32 8.06 -7.11
CA MET A 32 0.70 7.02 -7.00
C MET A 32 0.07 5.68 -6.67
N ILE A 33 -0.78 5.66 -5.64
CA ILE A 33 -1.42 4.43 -5.21
C ILE A 33 -2.43 3.96 -6.24
N LYS A 34 -2.97 4.92 -7.00
CA LYS A 34 -3.88 4.61 -8.09
C LYS A 34 -3.13 3.91 -9.21
N LYS A 35 -1.93 4.37 -9.48
CA LYS A 35 -1.05 3.70 -10.43
C LYS A 35 -0.79 2.27 -10.00
N ILE A 36 -0.55 2.10 -8.71
CA ILE A 36 -0.30 0.78 -8.15
C ILE A 36 -1.53 -0.11 -8.29
N GLN A 37 -2.67 0.38 -7.79
CA GLN A 37 -3.91 -0.35 -7.85
C GLN A 37 -4.33 -0.68 -9.27
N ASN A 38 -4.12 0.24 -10.19
CA ASN A 38 -4.53 0.06 -11.57
C ASN A 38 -3.51 -0.77 -12.36
N ASP A 39 -2.25 -0.75 -11.92
CA ASP A 39 -1.22 -1.57 -12.56
C ASP A 39 -1.41 -3.03 -12.18
N ALA A 40 -1.55 -3.25 -10.88
CA ALA A 40 -1.65 -4.60 -10.36
C ALA A 40 -3.09 -5.13 -10.43
N GLY A 41 -4.03 -4.25 -10.75
CA GLY A 41 -5.42 -4.64 -10.79
C GLY A 41 -5.93 -4.98 -9.40
N VAL A 42 -5.39 -4.31 -8.41
CA VAL A 42 -5.68 -4.62 -7.02
C VAL A 42 -6.45 -3.47 -6.38
N ARG A 43 -6.90 -3.71 -5.16
CA ARG A 43 -7.44 -2.66 -4.34
C ARG A 43 -6.58 -2.51 -3.10
N ILE A 44 -6.17 -1.29 -2.84
CA ILE A 44 -5.41 -0.96 -1.65
C ILE A 44 -6.19 0.05 -0.83
N GLN A 45 -6.72 -0.40 0.30
CA GLN A 45 -7.49 0.48 1.16
C GLN A 45 -6.85 0.59 2.53
N PHE A 46 -6.72 1.82 3.00
CA PHE A 46 -6.13 2.06 4.31
C PHE A 46 -7.17 1.85 5.39
N LYS A 47 -6.94 0.85 6.21
CA LYS A 47 -7.83 0.57 7.33
C LYS A 47 -7.84 1.74 8.30
N GLN A 48 -9.04 2.18 8.69
CA GLN A 48 -9.18 3.21 9.73
C GLN A 48 -8.95 2.58 11.10
N ASP A 49 -7.88 1.80 11.17
CA ASP A 49 -7.55 0.98 12.32
C ASP A 49 -6.17 0.39 12.11
N ASP A 50 -5.17 1.03 12.70
CA ASP A 50 -3.79 0.62 12.52
C ASP A 50 -3.48 -0.60 13.37
N GLY A 51 -2.94 -1.63 12.73
CA GLY A 51 -2.60 -2.84 13.43
C GLY A 51 -1.25 -2.75 14.10
N THR A 52 -0.48 -1.75 13.72
CA THR A 52 0.83 -1.54 14.29
C THR A 52 0.83 -0.32 15.22
N GLY A 53 0.36 0.81 14.71
CA GLY A 53 0.32 2.01 15.51
C GLY A 53 0.83 3.20 14.72
N PRO A 54 2.16 3.37 14.66
CA PRO A 54 2.80 4.37 13.80
C PRO A 54 2.68 3.98 12.34
N GLU A 55 2.58 2.68 12.11
CA GLU A 55 2.37 2.15 10.78
C GLU A 55 0.91 1.81 10.56
N LYS A 56 0.39 2.24 9.42
CA LYS A 56 -0.98 1.95 9.04
C LYS A 56 -1.04 0.56 8.43
N ILE A 57 -2.23 0.10 8.12
CA ILE A 57 -2.38 -1.15 7.43
C ILE A 57 -3.12 -0.94 6.11
N ALA A 58 -2.40 -1.11 5.03
CA ALA A 58 -2.99 -1.13 3.71
C ALA A 58 -3.55 -2.52 3.46
N HIS A 59 -4.82 -2.61 3.11
CA HIS A 59 -5.42 -3.91 2.91
C HIS A 59 -5.55 -4.18 1.42
N ILE A 60 -4.65 -5.00 0.91
CA ILE A 60 -4.60 -5.33 -0.52
C ILE A 60 -5.42 -6.57 -0.79
N MET A 61 -6.08 -6.62 -1.94
CA MET A 61 -7.01 -7.71 -2.22
C MET A 61 -7.01 -8.09 -3.68
N GLY A 62 -7.75 -9.15 -4.00
CA GLY A 62 -7.77 -9.69 -5.33
C GLY A 62 -7.14 -11.06 -5.37
N PRO A 63 -6.14 -11.26 -6.23
CA PRO A 63 -5.43 -12.54 -6.36
C PRO A 63 -4.34 -12.68 -5.30
N PRO A 64 -4.27 -13.85 -4.65
CA PRO A 64 -3.30 -14.15 -3.58
C PRO A 64 -1.85 -13.90 -4.00
N ASP A 65 -1.52 -14.15 -5.25
CA ASP A 65 -0.18 -13.89 -5.76
C ASP A 65 -0.02 -12.40 -6.06
N ARG A 66 -1.06 -11.85 -6.66
CA ARG A 66 -1.04 -10.46 -7.11
C ARG A 66 -1.02 -9.50 -5.91
N CYS A 67 -1.67 -9.86 -4.83
CA CYS A 67 -1.67 -9.01 -3.64
C CYS A 67 -0.26 -8.85 -3.11
N GLU A 68 0.50 -9.94 -3.14
CA GLU A 68 1.89 -9.89 -2.69
C GLU A 68 2.74 -9.07 -3.67
N HIS A 69 2.40 -9.14 -4.95
CA HIS A 69 3.04 -8.31 -5.96
C HIS A 69 2.78 -6.84 -5.68
N ALA A 70 1.52 -6.53 -5.37
CA ALA A 70 1.12 -5.18 -5.04
C ALA A 70 1.80 -4.71 -3.76
N ALA A 71 1.97 -5.65 -2.82
CA ALA A 71 2.70 -5.38 -1.59
C ALA A 71 4.13 -5.01 -1.90
N ARG A 72 4.69 -5.69 -2.90
CA ARG A 72 6.06 -5.43 -3.31
C ARG A 72 6.16 -4.07 -4.00
N ILE A 73 5.11 -3.69 -4.74
CA ILE A 73 5.07 -2.38 -5.38
C ILE A 73 5.13 -1.28 -4.31
N ILE A 74 4.30 -1.42 -3.30
CA ILE A 74 4.27 -0.48 -2.19
C ILE A 74 5.59 -0.51 -1.41
N ASN A 75 6.13 -1.71 -1.22
CA ASN A 75 7.36 -1.89 -0.45
C ASN A 75 8.55 -1.29 -1.20
N ASP A 76 8.55 -1.45 -2.52
CA ASP A 76 9.60 -0.90 -3.38
C ASP A 76 9.64 0.62 -3.24
N LEU A 77 8.46 1.21 -3.09
CA LEU A 77 8.35 2.64 -2.84
C LEU A 77 8.94 2.97 -1.46
N LEU A 78 8.60 2.15 -0.48
CA LEU A 78 9.03 2.37 0.90
C LEU A 78 10.54 2.18 1.05
N GLN A 79 11.09 1.18 0.37
CA GLN A 79 12.53 0.88 0.45
C GLN A 79 13.35 2.01 -0.14
N SER A 80 12.71 2.83 -0.98
CA SER A 80 13.37 3.97 -1.58
C SER A 80 13.43 5.13 -0.59
N LEU A 81 12.51 5.12 0.37
CA LEU A 81 12.42 6.19 1.36
C LEU A 81 13.20 5.85 2.61
N ARG A 82 12.97 4.65 3.13
CA ARG A 82 13.59 4.21 4.38
C ARG A 82 15.10 4.10 4.23
N GLY A 12 -7.06 -10.97 0.11
CA GLY A 12 -6.42 -9.73 0.53
C GLY A 12 -5.37 -9.92 1.60
N ILE A 13 -4.35 -9.09 1.56
CA ILE A 13 -3.29 -9.10 2.56
C ILE A 13 -3.24 -7.76 3.28
N ASP A 14 -2.52 -7.72 4.39
CA ASP A 14 -2.38 -6.51 5.18
C ASP A 14 -0.91 -6.14 5.31
N VAL A 15 -0.54 -5.00 4.73
CA VAL A 15 0.86 -4.57 4.70
C VAL A 15 1.08 -3.31 5.53
N PRO A 16 2.03 -3.35 6.47
CA PRO A 16 2.39 -2.19 7.29
C PRO A 16 3.04 -1.08 6.48
N VAL A 17 2.37 0.07 6.42
CA VAL A 17 2.84 1.20 5.64
C VAL A 17 2.99 2.44 6.54
N PRO A 18 4.24 2.84 6.81
CA PRO A 18 4.53 4.03 7.61
C PRO A 18 3.78 5.27 7.11
N ARG A 19 3.15 5.99 8.04
CA ARG A 19 2.35 7.17 7.70
C ARG A 19 3.17 8.22 6.96
N HIS A 20 4.46 8.30 7.30
CA HIS A 20 5.35 9.24 6.65
C HIS A 20 5.55 8.87 5.18
N SER A 21 5.46 7.58 4.90
CA SER A 21 5.62 7.08 3.54
C SER A 21 4.28 7.08 2.81
N VAL A 22 3.19 7.05 3.58
CA VAL A 22 1.83 7.09 3.03
C VAL A 22 1.64 8.32 2.15
N GLY A 23 2.28 9.42 2.54
CA GLY A 23 2.21 10.64 1.76
C GLY A 23 2.69 10.45 0.34
N VAL A 24 3.66 9.56 0.15
CA VAL A 24 4.23 9.30 -1.16
C VAL A 24 3.42 8.22 -1.88
N VAL A 25 2.95 7.23 -1.11
CA VAL A 25 2.14 6.13 -1.66
C VAL A 25 0.82 6.66 -2.20
N ILE A 26 0.26 7.64 -1.49
CA ILE A 26 -0.97 8.27 -1.92
C ILE A 26 -0.68 9.33 -2.99
N GLY A 27 0.11 10.32 -2.61
CA GLY A 27 0.41 11.41 -3.52
C GLY A 27 -0.41 12.64 -3.21
N ARG A 28 -0.68 13.45 -4.22
CA ARG A 28 -1.46 14.67 -4.04
C ARG A 28 -2.90 14.42 -4.47
N SER A 29 -3.06 13.64 -5.53
CA SER A 29 -4.37 13.29 -6.05
C SER A 29 -4.73 11.85 -5.72
N GLY A 30 -3.85 11.19 -4.98
CA GLY A 30 -3.98 9.75 -4.81
C GLY A 30 -3.54 9.05 -6.09
N GLU A 31 -2.70 9.76 -6.84
CA GLU A 31 -2.26 9.32 -8.16
C GLU A 31 -1.41 8.05 -8.08
N MET A 32 -0.56 7.96 -7.07
CA MET A 32 0.38 6.86 -6.95
C MET A 32 -0.37 5.59 -6.56
N ILE A 33 -1.30 5.73 -5.62
CA ILE A 33 -2.08 4.58 -5.18
C ILE A 33 -2.97 4.07 -6.31
N LYS A 34 -3.40 4.98 -7.19
CA LYS A 34 -4.16 4.58 -8.37
C LYS A 34 -3.24 3.84 -9.33
N LYS A 35 -2.05 4.39 -9.55
CA LYS A 35 -1.05 3.78 -10.42
C LYS A 35 -0.76 2.35 -9.97
N ILE A 36 -0.58 2.15 -8.67
CA ILE A 36 -0.32 0.82 -8.14
C ILE A 36 -1.52 -0.10 -8.35
N GLN A 37 -2.71 0.38 -7.97
CA GLN A 37 -3.94 -0.37 -8.12
C GLN A 37 -4.20 -0.75 -9.58
N ASN A 38 -3.81 0.13 -10.48
CA ASN A 38 -3.98 -0.11 -11.91
C ASN A 38 -2.90 -1.05 -12.45
N ASP A 39 -1.66 -0.82 -12.03
CA ASP A 39 -0.52 -1.56 -12.56
C ASP A 39 -0.58 -3.02 -12.15
N ALA A 40 -1.05 -3.26 -10.93
CA ALA A 40 -1.13 -4.61 -10.42
C ALA A 40 -2.54 -5.17 -10.55
N GLY A 41 -3.51 -4.30 -10.81
CA GLY A 41 -4.90 -4.71 -10.87
C GLY A 41 -5.41 -5.09 -9.50
N VAL A 42 -5.14 -4.23 -8.52
CA VAL A 42 -5.46 -4.52 -7.13
C VAL A 42 -6.31 -3.42 -6.53
N ARG A 43 -6.72 -3.63 -5.29
CA ARG A 43 -7.34 -2.59 -4.49
C ARG A 43 -6.45 -2.29 -3.29
N ILE A 44 -6.15 -1.03 -3.09
CA ILE A 44 -5.41 -0.62 -1.91
C ILE A 44 -6.33 0.24 -1.03
N GLN A 45 -6.72 -0.32 0.09
CA GLN A 45 -7.58 0.38 1.02
C GLN A 45 -6.91 0.44 2.38
N PHE A 46 -6.85 1.63 2.96
CA PHE A 46 -6.12 1.80 4.21
C PHE A 46 -6.99 1.46 5.41
N LYS A 47 -6.49 0.53 6.21
CA LYS A 47 -7.16 0.12 7.44
C LYS A 47 -7.18 1.26 8.45
N GLN A 48 -8.26 1.34 9.22
CA GLN A 48 -8.32 2.24 10.35
C GLN A 48 -7.96 1.48 11.61
N ASP A 49 -7.57 0.23 11.39
CA ASP A 49 -7.09 -0.64 12.46
C ASP A 49 -5.58 -0.80 12.31
N ASP A 50 -4.83 0.22 12.68
CA ASP A 50 -3.39 0.22 12.51
C ASP A 50 -2.75 -0.80 13.43
N GLY A 51 -2.04 -1.74 12.83
CA GLY A 51 -1.43 -2.84 13.57
C GLY A 51 -0.35 -2.38 14.51
N THR A 52 0.35 -1.31 14.15
CA THR A 52 1.43 -0.80 14.99
C THR A 52 1.15 0.63 15.44
N GLY A 53 0.65 1.47 14.53
CA GLY A 53 0.32 2.83 14.90
C GLY A 53 0.97 3.85 13.98
N PRO A 54 2.28 4.13 14.17
CA PRO A 54 3.04 4.99 13.27
C PRO A 54 3.04 4.44 11.84
N GLU A 55 2.90 3.13 11.73
CA GLU A 55 2.69 2.49 10.45
C GLU A 55 1.24 2.03 10.35
N LYS A 56 0.62 2.39 9.24
CA LYS A 56 -0.75 1.98 8.95
C LYS A 56 -0.77 0.61 8.34
N ILE A 57 -1.95 0.10 8.05
CA ILE A 57 -2.08 -1.16 7.34
C ILE A 57 -2.76 -0.95 6.01
N ALA A 58 -2.03 -1.18 4.94
CA ALA A 58 -2.58 -1.14 3.60
C ALA A 58 -3.24 -2.48 3.30
N HIS A 59 -4.46 -2.46 2.81
CA HIS A 59 -5.17 -3.69 2.55
C HIS A 59 -5.17 -3.92 1.05
N ILE A 60 -4.30 -4.80 0.60
CA ILE A 60 -4.20 -5.13 -0.81
C ILE A 60 -5.15 -6.26 -1.11
N MET A 61 -5.93 -6.13 -2.16
CA MET A 61 -7.02 -7.08 -2.39
C MET A 61 -7.18 -7.38 -3.87
N GLY A 62 -7.83 -8.49 -4.13
CA GLY A 62 -8.00 -8.99 -5.47
C GLY A 62 -7.62 -10.45 -5.53
N PRO A 63 -6.63 -10.80 -6.35
CA PRO A 63 -6.08 -12.14 -6.38
C PRO A 63 -5.06 -12.32 -5.24
N PRO A 64 -5.18 -13.41 -4.47
CA PRO A 64 -4.32 -13.68 -3.31
C PRO A 64 -2.83 -13.72 -3.67
N ASP A 65 -2.54 -14.11 -4.90
CA ASP A 65 -1.16 -14.13 -5.39
C ASP A 65 -0.73 -12.74 -5.82
N ARG A 66 -1.65 -12.03 -6.46
CA ARG A 66 -1.42 -10.67 -6.92
C ARG A 66 -1.10 -9.75 -5.76
N CYS A 67 -1.74 -10.01 -4.62
CA CYS A 67 -1.51 -9.24 -3.41
C CYS A 67 -0.04 -9.27 -3.03
N GLU A 68 0.63 -10.39 -3.29
CA GLU A 68 2.04 -10.54 -2.95
C GLU A 68 2.92 -9.65 -3.84
N HIS A 69 2.62 -9.62 -5.13
CA HIS A 69 3.38 -8.81 -6.06
C HIS A 69 3.10 -7.32 -5.80
N ALA A 70 1.86 -7.01 -5.50
CA ALA A 70 1.46 -5.64 -5.18
C ALA A 70 2.08 -5.21 -3.85
N ALA A 71 2.25 -6.18 -2.96
CA ALA A 71 2.91 -5.95 -1.69
C ALA A 71 4.31 -5.44 -1.95
N ARG A 72 4.97 -6.03 -2.94
CA ARG A 72 6.32 -5.62 -3.28
C ARG A 72 6.34 -4.18 -3.81
N ILE A 73 5.38 -3.85 -4.66
CA ILE A 73 5.30 -2.50 -5.24
C ILE A 73 5.29 -1.45 -4.13
N ILE A 74 4.39 -1.65 -3.18
CA ILE A 74 4.22 -0.72 -2.07
C ILE A 74 5.41 -0.77 -1.12
N ASN A 75 5.79 -1.96 -0.70
CA ASN A 75 6.87 -2.15 0.27
C ASN A 75 8.22 -1.65 -0.27
N ASP A 76 8.49 -1.93 -1.54
CA ASP A 76 9.73 -1.48 -2.17
C ASP A 76 9.78 0.04 -2.24
N LEU A 77 8.62 0.65 -2.46
CA LEU A 77 8.50 2.10 -2.40
C LEU A 77 8.80 2.57 -0.99
N LEU A 78 8.17 1.90 -0.02
CA LEU A 78 8.33 2.25 1.40
C LEU A 78 9.80 2.18 1.82
N GLN A 79 10.47 1.10 1.45
CA GLN A 79 11.86 0.90 1.84
C GLN A 79 12.76 1.97 1.22
N SER A 80 12.34 2.51 0.08
CA SER A 80 13.10 3.57 -0.57
C SER A 80 12.80 4.93 0.08
N LEU A 81 11.73 4.97 0.86
CA LEU A 81 11.35 6.19 1.57
C LEU A 81 11.90 6.18 2.99
N ARG A 82 12.22 4.98 3.48
CA ARG A 82 12.77 4.83 4.82
C ARG A 82 14.27 5.06 4.81
N GLY A 12 -7.88 -9.98 2.04
CA GLY A 12 -6.62 -9.71 1.37
C GLY A 12 -5.43 -9.83 2.30
N ILE A 13 -4.50 -8.88 2.20
CA ILE A 13 -3.29 -8.91 3.01
C ILE A 13 -3.12 -7.61 3.80
N ASP A 14 -2.37 -7.71 4.89
CA ASP A 14 -2.05 -6.55 5.71
C ASP A 14 -0.65 -6.06 5.35
N VAL A 15 -0.53 -4.79 5.01
CA VAL A 15 0.75 -4.25 4.58
C VAL A 15 1.16 -3.06 5.44
N PRO A 16 2.32 -3.14 6.08
CA PRO A 16 2.85 -2.06 6.91
C PRO A 16 3.31 -0.87 6.07
N VAL A 17 2.51 0.18 6.08
CA VAL A 17 2.82 1.39 5.34
C VAL A 17 2.99 2.58 6.28
N PRO A 18 4.24 3.02 6.49
CA PRO A 18 4.58 4.12 7.38
C PRO A 18 3.67 5.33 7.18
N ARG A 19 3.19 5.89 8.29
CA ARG A 19 2.24 6.99 8.26
C ARG A 19 2.84 8.22 7.57
N HIS A 20 4.16 8.36 7.64
CA HIS A 20 4.83 9.48 6.99
C HIS A 20 5.08 9.17 5.51
N SER A 21 4.92 7.91 5.13
CA SER A 21 5.17 7.50 3.76
C SER A 21 3.86 7.39 2.98
N VAL A 22 2.75 7.38 3.71
CA VAL A 22 1.42 7.31 3.11
C VAL A 22 1.19 8.48 2.14
N GLY A 23 1.69 9.65 2.50
CA GLY A 23 1.57 10.81 1.63
C GLY A 23 2.25 10.59 0.28
N VAL A 24 3.23 9.70 0.25
CA VAL A 24 3.94 9.36 -0.99
C VAL A 24 3.22 8.24 -1.72
N VAL A 25 2.77 7.24 -0.96
CA VAL A 25 2.04 6.11 -1.52
C VAL A 25 0.75 6.59 -2.16
N ILE A 26 0.13 7.57 -1.52
CA ILE A 26 -1.05 8.21 -2.06
C ILE A 26 -0.64 9.22 -3.13
N GLY A 27 0.28 10.11 -2.79
CA GLY A 27 0.70 11.12 -3.73
C GLY A 27 -0.29 12.26 -3.83
N ARG A 28 -0.76 12.71 -2.66
CA ARG A 28 -1.72 13.80 -2.55
C ARG A 28 -3.08 13.44 -3.16
N SER A 29 -3.14 13.39 -4.48
CA SER A 29 -4.38 13.13 -5.19
C SER A 29 -4.77 11.65 -5.14
N GLY A 30 -3.81 10.80 -4.78
CA GLY A 30 -4.05 9.38 -4.82
C GLY A 30 -3.50 8.78 -6.10
N GLU A 31 -2.90 9.64 -6.91
CA GLU A 31 -2.41 9.27 -8.23
C GLU A 31 -1.39 8.13 -8.16
N MET A 32 -0.61 8.09 -7.09
CA MET A 32 0.43 7.08 -6.95
C MET A 32 -0.18 5.72 -6.61
N ILE A 33 -1.16 5.70 -5.71
CA ILE A 33 -1.82 4.45 -5.35
C ILE A 33 -2.66 3.97 -6.52
N LYS A 34 -3.19 4.92 -7.30
CA LYS A 34 -3.90 4.60 -8.52
C LYS A 34 -2.94 3.97 -9.52
N LYS A 35 -1.70 4.44 -9.52
CA LYS A 35 -0.67 3.89 -10.39
C LYS A 35 -0.40 2.43 -10.03
N ILE A 36 -0.18 2.18 -8.74
CA ILE A 36 0.08 0.83 -8.26
C ILE A 36 -1.10 -0.09 -8.55
N GLN A 37 -2.29 0.36 -8.17
CA GLN A 37 -3.51 -0.40 -8.37
C GLN A 37 -3.79 -0.64 -9.86
N ASN A 38 -3.41 0.31 -10.70
CA ASN A 38 -3.60 0.17 -12.13
C ASN A 38 -2.55 -0.80 -12.71
N ASP A 39 -1.37 -0.81 -12.11
CA ASP A 39 -0.27 -1.63 -12.57
C ASP A 39 -0.50 -3.10 -12.23
N ALA A 40 -0.89 -3.35 -10.99
CA ALA A 40 -1.11 -4.72 -10.53
C ALA A 40 -2.54 -5.18 -10.78
N GLY A 41 -3.48 -4.24 -10.80
CA GLY A 41 -4.88 -4.59 -10.95
C GLY A 41 -5.53 -4.93 -9.62
N VAL A 42 -5.18 -4.18 -8.59
CA VAL A 42 -5.60 -4.48 -7.23
C VAL A 42 -6.37 -3.31 -6.63
N ARG A 43 -6.86 -3.51 -5.41
CA ARG A 43 -7.31 -2.39 -4.59
C ARG A 43 -6.48 -2.34 -3.32
N ILE A 44 -6.02 -1.15 -3.03
CA ILE A 44 -5.27 -0.87 -1.82
C ILE A 44 -6.12 0.03 -0.93
N GLN A 45 -6.62 -0.53 0.17
CA GLN A 45 -7.48 0.24 1.05
C GLN A 45 -6.88 0.27 2.44
N PHE A 46 -6.61 1.47 2.93
CA PHE A 46 -5.98 1.64 4.22
C PHE A 46 -6.95 1.35 5.35
N LYS A 47 -6.65 0.31 6.12
CA LYS A 47 -7.47 -0.05 7.26
C LYS A 47 -7.50 1.12 8.23
N GLN A 48 -8.70 1.54 8.63
CA GLN A 48 -8.85 2.71 9.48
C GLN A 48 -8.36 2.42 10.89
N ASP A 49 -8.16 1.15 11.18
CA ASP A 49 -7.56 0.73 12.44
C ASP A 49 -6.26 0.01 12.13
N ASP A 50 -5.78 -0.83 13.06
CA ASP A 50 -4.54 -1.58 12.87
C ASP A 50 -3.36 -0.65 12.64
N GLY A 51 -3.23 0.36 13.48
CA GLY A 51 -2.10 1.26 13.37
C GLY A 51 -0.90 0.71 14.11
N THR A 52 -0.14 -0.14 13.45
CA THR A 52 1.03 -0.76 14.05
C THR A 52 2.20 0.23 14.17
N GLY A 53 2.27 0.90 15.32
CA GLY A 53 3.33 1.85 15.56
C GLY A 53 3.31 3.00 14.57
N PRO A 54 4.46 3.35 13.98
CA PRO A 54 4.55 4.45 13.03
C PRO A 54 4.10 4.04 11.63
N GLU A 55 3.55 2.84 11.52
CA GLU A 55 3.10 2.33 10.23
C GLU A 55 1.60 2.01 10.27
N LYS A 56 0.92 2.36 9.19
CA LYS A 56 -0.47 1.98 8.99
C LYS A 56 -0.53 0.63 8.32
N ILE A 57 -1.72 0.11 8.12
CA ILE A 57 -1.87 -1.12 7.36
C ILE A 57 -2.75 -0.90 6.14
N ALA A 58 -2.13 -0.89 4.97
CA ALA A 58 -2.88 -0.90 3.73
C ALA A 58 -3.33 -2.33 3.47
N HIS A 59 -4.53 -2.54 2.98
CA HIS A 59 -5.00 -3.90 2.80
C HIS A 59 -5.30 -4.15 1.33
N ILE A 60 -4.48 -5.01 0.73
CA ILE A 60 -4.53 -5.27 -0.70
C ILE A 60 -5.45 -6.45 -0.97
N MET A 61 -6.11 -6.46 -2.12
CA MET A 61 -7.10 -7.49 -2.41
C MET A 61 -7.07 -7.91 -3.87
N GLY A 62 -7.87 -8.90 -4.18
CA GLY A 62 -7.92 -9.44 -5.52
C GLY A 62 -7.37 -10.86 -5.55
N PRO A 63 -6.56 -11.20 -6.55
CA PRO A 63 -5.90 -12.51 -6.65
C PRO A 63 -4.87 -12.70 -5.52
N PRO A 64 -4.68 -13.94 -5.06
CA PRO A 64 -3.74 -14.23 -3.96
C PRO A 64 -2.30 -13.83 -4.31
N ASP A 65 -1.85 -14.23 -5.49
CA ASP A 65 -0.51 -13.89 -5.96
C ASP A 65 -0.43 -12.39 -6.21
N ARG A 66 -1.55 -11.83 -6.61
CA ARG A 66 -1.63 -10.41 -6.92
C ARG A 66 -1.41 -9.58 -5.68
N CYS A 67 -1.91 -10.07 -4.56
CA CYS A 67 -1.75 -9.38 -3.30
C CYS A 67 -0.27 -9.23 -2.96
N GLU A 68 0.48 -10.33 -3.08
CA GLU A 68 1.90 -10.31 -2.78
C GLU A 68 2.68 -9.56 -3.86
N HIS A 69 2.21 -9.65 -5.08
CA HIS A 69 2.80 -8.89 -6.19
C HIS A 69 2.67 -7.39 -5.89
N ALA A 70 1.46 -6.99 -5.54
CA ALA A 70 1.17 -5.60 -5.23
C ALA A 70 1.87 -5.17 -3.93
N ALA A 71 2.00 -6.12 -3.01
CA ALA A 71 2.69 -5.89 -1.75
C ALA A 71 4.13 -5.48 -2.03
N ARG A 72 4.75 -6.21 -2.94
CA ARG A 72 6.13 -5.96 -3.33
C ARG A 72 6.27 -4.60 -4.00
N ILE A 73 5.25 -4.20 -4.76
CA ILE A 73 5.25 -2.88 -5.41
C ILE A 73 5.28 -1.77 -4.38
N ILE A 74 4.36 -1.83 -3.42
CA ILE A 74 4.27 -0.82 -2.37
C ILE A 74 5.50 -0.84 -1.49
N ASN A 75 5.93 -2.03 -1.12
CA ASN A 75 7.08 -2.23 -0.24
C ASN A 75 8.35 -1.70 -0.90
N ASP A 76 8.43 -1.89 -2.21
CA ASP A 76 9.54 -1.38 -3.01
C ASP A 76 9.63 0.13 -2.90
N LEU A 77 8.47 0.78 -2.87
CA LEU A 77 8.42 2.22 -2.67
C LEU A 77 8.80 2.57 -1.23
N LEU A 78 8.24 1.81 -0.29
CA LEU A 78 8.40 2.10 1.13
C LEU A 78 9.82 1.85 1.63
N GLN A 79 10.55 0.96 0.97
CA GLN A 79 11.90 0.61 1.41
C GLN A 79 12.84 1.82 1.31
N SER A 80 12.52 2.75 0.42
CA SER A 80 13.28 3.98 0.31
C SER A 80 12.72 5.04 1.27
N LEU A 81 11.40 5.03 1.45
CA LEU A 81 10.72 6.01 2.27
C LEU A 81 10.97 5.77 3.76
N ARG A 82 11.62 4.67 4.08
CA ARG A 82 12.00 4.37 5.46
C ARG A 82 13.51 4.26 5.58
N GLY A 12 -7.39 -10.50 1.05
CA GLY A 12 -6.04 -10.32 0.58
C GLY A 12 -5.04 -10.30 1.72
N ILE A 13 -4.24 -9.25 1.79
CA ILE A 13 -3.18 -9.16 2.79
C ILE A 13 -3.25 -7.83 3.54
N ASP A 14 -2.52 -7.76 4.65
CA ASP A 14 -2.40 -6.54 5.43
C ASP A 14 -0.94 -6.14 5.53
N VAL A 15 -0.56 -5.11 4.78
CA VAL A 15 0.84 -4.70 4.68
C VAL A 15 1.14 -3.45 5.50
N PRO A 16 2.23 -3.49 6.30
CA PRO A 16 2.70 -2.36 7.10
C PRO A 16 3.28 -1.25 6.22
N VAL A 17 2.55 -0.15 6.12
CA VAL A 17 2.98 1.00 5.34
C VAL A 17 3.24 2.19 6.25
N PRO A 18 4.50 2.61 6.36
CA PRO A 18 4.87 3.75 7.20
C PRO A 18 4.01 4.97 6.91
N ARG A 19 3.43 5.54 7.95
CA ARG A 19 2.48 6.64 7.80
C ARG A 19 3.12 7.86 7.15
N HIS A 20 4.44 7.97 7.25
CA HIS A 20 5.18 9.05 6.59
C HIS A 20 5.36 8.74 5.11
N SER A 21 5.38 7.46 4.79
CA SER A 21 5.57 7.02 3.41
C SER A 21 4.24 7.04 2.67
N VAL A 22 3.14 6.95 3.41
CA VAL A 22 1.80 7.03 2.84
C VAL A 22 1.64 8.32 2.03
N GLY A 23 2.27 9.39 2.52
CA GLY A 23 2.22 10.66 1.81
C GLY A 23 2.76 10.56 0.40
N VAL A 24 3.71 9.65 0.19
CA VAL A 24 4.30 9.46 -1.14
C VAL A 24 3.49 8.43 -1.93
N VAL A 25 2.96 7.43 -1.24
CA VAL A 25 2.14 6.40 -1.87
C VAL A 25 0.84 7.01 -2.37
N ILE A 26 0.29 7.91 -1.58
CA ILE A 26 -0.90 8.64 -1.96
C ILE A 26 -0.54 9.77 -2.92
N GLY A 27 0.51 10.50 -2.57
CA GLY A 27 0.98 11.57 -3.43
C GLY A 27 0.17 12.83 -3.27
N ARG A 28 -0.93 12.91 -4.01
CA ARG A 28 -1.81 14.07 -4.00
C ARG A 28 -3.27 13.64 -3.89
N SER A 29 -3.82 13.10 -4.97
CA SER A 29 -5.19 12.61 -4.98
C SER A 29 -5.22 11.10 -5.02
N GLY A 30 -4.38 10.47 -4.22
CA GLY A 30 -4.17 9.04 -4.36
C GLY A 30 -3.52 8.75 -5.70
N GLU A 31 -2.86 9.78 -6.22
CA GLU A 31 -2.37 9.82 -7.59
C GLU A 31 -1.38 8.69 -7.85
N MET A 32 -0.47 8.48 -6.92
CA MET A 32 0.54 7.45 -7.08
C MET A 32 -0.04 6.07 -6.81
N ILE A 33 -0.98 5.98 -5.89
CA ILE A 33 -1.54 4.69 -5.51
C ILE A 33 -2.56 4.22 -6.55
N LYS A 34 -3.13 5.16 -7.29
CA LYS A 34 -3.98 4.81 -8.44
C LYS A 34 -3.13 4.08 -9.46
N LYS A 35 -1.88 4.51 -9.60
CA LYS A 35 -0.93 3.87 -10.51
C LYS A 35 -0.68 2.43 -10.09
N ILE A 36 -0.48 2.23 -8.80
CA ILE A 36 -0.24 0.90 -8.25
C ILE A 36 -1.46 0.01 -8.46
N GLN A 37 -2.62 0.50 -8.04
CA GLN A 37 -3.87 -0.22 -8.20
C GLN A 37 -4.19 -0.45 -9.67
N ASN A 38 -3.70 0.43 -10.53
CA ASN A 38 -3.89 0.30 -11.97
C ASN A 38 -2.98 -0.79 -12.54
N ASP A 39 -1.70 -0.72 -12.19
CA ASP A 39 -0.71 -1.64 -12.75
C ASP A 39 -0.92 -3.05 -12.26
N ALA A 40 -1.18 -3.20 -10.97
CA ALA A 40 -1.36 -4.51 -10.37
C ALA A 40 -2.80 -5.00 -10.51
N GLY A 41 -3.71 -4.07 -10.78
CA GLY A 41 -5.11 -4.43 -10.91
C GLY A 41 -5.72 -4.78 -9.58
N VAL A 42 -5.24 -4.13 -8.52
CA VAL A 42 -5.63 -4.45 -7.17
C VAL A 42 -6.42 -3.32 -6.52
N ARG A 43 -6.79 -3.54 -5.28
CA ARG A 43 -7.36 -2.51 -4.44
C ARG A 43 -6.52 -2.39 -3.18
N ILE A 44 -6.23 -1.16 -2.81
CA ILE A 44 -5.46 -0.90 -1.60
C ILE A 44 -6.31 -0.12 -0.60
N GLN A 45 -6.70 -0.80 0.47
CA GLN A 45 -7.52 -0.19 1.52
C GLN A 45 -6.65 0.28 2.67
N PHE A 46 -6.49 1.58 2.81
CA PHE A 46 -5.78 2.12 3.95
C PHE A 46 -6.64 2.01 5.19
N LYS A 47 -6.22 1.14 6.10
CA LYS A 47 -7.00 0.89 7.29
C LYS A 47 -6.50 1.73 8.45
N GLN A 48 -7.44 2.26 9.21
CA GLN A 48 -7.15 2.73 10.56
C GLN A 48 -7.58 1.62 11.50
N ASP A 49 -8.21 0.61 10.88
CA ASP A 49 -8.62 -0.62 11.53
C ASP A 49 -7.45 -1.26 12.26
N ASP A 50 -6.30 -1.30 11.59
CA ASP A 50 -5.06 -1.75 12.21
C ASP A 50 -4.01 -0.66 12.08
N GLY A 51 -3.41 -0.29 13.20
CA GLY A 51 -2.36 0.71 13.20
C GLY A 51 -1.39 0.49 14.34
N THR A 52 -0.15 0.19 13.99
CA THR A 52 0.85 -0.14 15.01
C THR A 52 1.53 1.12 15.55
N GLY A 53 1.06 2.27 15.10
CA GLY A 53 1.62 3.52 15.56
C GLY A 53 2.27 4.30 14.45
N PRO A 54 3.56 4.07 14.17
CA PRO A 54 4.27 4.73 13.07
C PRO A 54 3.88 4.14 11.71
N GLU A 55 3.36 2.92 11.73
CA GLU A 55 3.01 2.23 10.51
C GLU A 55 1.52 1.98 10.41
N LYS A 56 1.01 2.16 9.21
CA LYS A 56 -0.40 1.94 8.91
C LYS A 56 -0.53 0.59 8.24
N ILE A 57 -1.74 0.11 8.05
CA ILE A 57 -1.94 -1.12 7.33
C ILE A 57 -2.67 -0.90 6.02
N ALA A 58 -1.98 -1.22 4.94
CA ALA A 58 -2.59 -1.22 3.62
C ALA A 58 -3.23 -2.58 3.39
N HIS A 59 -4.44 -2.61 2.89
CA HIS A 59 -5.12 -3.88 2.71
C HIS A 59 -5.29 -4.15 1.23
N ILE A 60 -4.43 -5.00 0.70
CA ILE A 60 -4.43 -5.32 -0.71
C ILE A 60 -5.36 -6.48 -0.97
N MET A 61 -6.11 -6.41 -2.06
CA MET A 61 -7.16 -7.40 -2.30
C MET A 61 -7.20 -7.81 -3.76
N GLY A 62 -7.75 -9.00 -3.99
CA GLY A 62 -7.85 -9.52 -5.33
C GLY A 62 -7.36 -10.95 -5.39
N PRO A 63 -6.42 -11.24 -6.30
CA PRO A 63 -5.77 -12.55 -6.39
C PRO A 63 -4.70 -12.74 -5.32
N PRO A 64 -4.62 -13.90 -4.68
CA PRO A 64 -3.66 -14.16 -3.59
C PRO A 64 -2.23 -13.81 -3.97
N ASP A 65 -1.78 -14.30 -5.12
CA ASP A 65 -0.43 -14.01 -5.61
C ASP A 65 -0.29 -12.54 -5.95
N ARG A 66 -1.34 -11.97 -6.54
CA ARG A 66 -1.35 -10.58 -6.92
C ARG A 66 -1.24 -9.68 -5.70
N CYS A 67 -1.75 -10.15 -4.56
CA CYS A 67 -1.62 -9.43 -3.31
C CYS A 67 -0.15 -9.29 -2.94
N GLU A 68 0.60 -10.40 -3.04
CA GLU A 68 2.02 -10.38 -2.75
C GLU A 68 2.76 -9.54 -3.79
N HIS A 69 2.31 -9.64 -5.04
CA HIS A 69 2.90 -8.87 -6.13
C HIS A 69 2.70 -7.38 -5.91
N ALA A 70 1.51 -7.00 -5.50
CA ALA A 70 1.19 -5.61 -5.24
C ALA A 70 1.85 -5.13 -3.97
N ALA A 71 1.99 -6.05 -3.00
CA ALA A 71 2.69 -5.76 -1.75
C ALA A 71 4.11 -5.35 -2.06
N ARG A 72 4.70 -6.07 -2.99
CA ARG A 72 6.05 -5.81 -3.41
C ARG A 72 6.17 -4.44 -4.04
N ILE A 73 5.20 -4.07 -4.86
CA ILE A 73 5.19 -2.76 -5.50
C ILE A 73 5.21 -1.64 -4.44
N ILE A 74 4.30 -1.73 -3.49
CA ILE A 74 4.18 -0.73 -2.44
C ILE A 74 5.43 -0.73 -1.55
N ASN A 75 5.81 -1.91 -1.07
CA ASN A 75 6.91 -2.05 -0.13
C ASN A 75 8.25 -1.68 -0.78
N ASP A 76 8.38 -1.96 -2.08
CA ASP A 76 9.58 -1.59 -2.83
C ASP A 76 9.72 -0.07 -2.91
N LEU A 77 8.59 0.62 -2.91
CA LEU A 77 8.57 2.08 -2.82
C LEU A 77 8.90 2.50 -1.39
N LEU A 78 8.31 1.78 -0.42
CA LEU A 78 8.44 2.12 0.99
C LEU A 78 9.88 2.04 1.48
N GLN A 79 10.64 1.09 0.93
CA GLN A 79 12.01 0.84 1.41
C GLN A 79 12.92 2.05 1.23
N SER A 80 12.53 2.98 0.36
CA SER A 80 13.33 4.17 0.10
C SER A 80 12.97 5.27 1.10
N LEU A 81 11.80 5.16 1.70
CA LEU A 81 11.31 6.17 2.64
C LEU A 81 11.44 5.67 4.08
N ARG A 82 11.43 4.36 4.23
CA ARG A 82 11.48 3.70 5.54
C ARG A 82 12.81 4.01 6.25
N GLY A 12 -7.55 -10.88 0.55
CA GLY A 12 -6.83 -9.65 0.74
C GLY A 12 -5.71 -9.79 1.76
N ILE A 13 -4.74 -8.88 1.71
CA ILE A 13 -3.60 -8.92 2.61
C ILE A 13 -3.52 -7.65 3.44
N ASP A 14 -2.77 -7.72 4.53
CA ASP A 14 -2.50 -6.57 5.38
C ASP A 14 -1.04 -6.18 5.26
N VAL A 15 -0.79 -4.94 4.88
CA VAL A 15 0.57 -4.49 4.60
C VAL A 15 0.95 -3.30 5.46
N PRO A 16 2.06 -3.42 6.21
CA PRO A 16 2.59 -2.33 7.02
C PRO A 16 3.15 -1.20 6.14
N VAL A 17 2.41 -0.11 6.06
CA VAL A 17 2.83 1.05 5.29
C VAL A 17 3.02 2.26 6.20
N PRO A 18 4.28 2.68 6.39
CA PRO A 18 4.63 3.82 7.24
C PRO A 18 3.75 5.03 6.99
N ARG A 19 3.21 5.59 8.05
CA ARG A 19 2.26 6.70 7.95
C ARG A 19 2.94 7.93 7.34
N HIS A 20 4.25 8.03 7.53
CA HIS A 20 5.02 9.12 6.93
C HIS A 20 5.24 8.85 5.44
N SER A 21 5.19 7.59 5.06
CA SER A 21 5.43 7.19 3.68
C SER A 21 4.12 7.13 2.90
N VAL A 22 3.01 7.12 3.63
CA VAL A 22 1.68 7.11 3.01
C VAL A 22 1.49 8.32 2.09
N GLY A 23 2.10 9.44 2.46
CA GLY A 23 2.05 10.63 1.62
C GLY A 23 2.70 10.42 0.27
N VAL A 24 3.65 9.50 0.20
CA VAL A 24 4.31 9.17 -1.06
C VAL A 24 3.48 8.17 -1.84
N VAL A 25 2.97 7.16 -1.14
CA VAL A 25 2.15 6.12 -1.74
C VAL A 25 0.87 6.72 -2.32
N ILE A 26 0.27 7.64 -1.58
CA ILE A 26 -0.96 8.29 -2.01
C ILE A 26 -0.66 9.39 -3.01
N GLY A 27 0.00 10.45 -2.57
CA GLY A 27 0.25 11.59 -3.43
C GLY A 27 -1.01 12.43 -3.63
N ARG A 28 -0.94 13.37 -4.56
CA ARG A 28 -2.08 14.24 -4.85
C ARG A 28 -3.26 13.44 -5.39
N SER A 29 -4.36 13.44 -4.65
CA SER A 29 -5.58 12.71 -5.05
C SER A 29 -5.34 11.21 -5.13
N GLY A 30 -4.24 10.76 -4.52
CA GLY A 30 -3.92 9.35 -4.58
C GLY A 30 -3.45 8.92 -5.95
N GLU A 31 -2.90 9.85 -6.72
CA GLU A 31 -2.46 9.57 -8.09
C GLU A 31 -1.44 8.43 -8.13
N MET A 32 -0.54 8.41 -7.16
CA MET A 32 0.52 7.41 -7.12
C MET A 32 -0.06 6.04 -6.80
N ILE A 33 -1.02 6.01 -5.88
CA ILE A 33 -1.63 4.74 -5.49
C ILE A 33 -2.60 4.28 -6.57
N LYS A 34 -3.14 5.23 -7.33
CA LYS A 34 -3.95 4.89 -8.50
C LYS A 34 -3.08 4.15 -9.50
N LYS A 35 -1.85 4.64 -9.67
CA LYS A 35 -0.89 4.01 -10.56
C LYS A 35 -0.62 2.58 -10.13
N ILE A 36 -0.50 2.36 -8.82
CA ILE A 36 -0.27 1.02 -8.27
C ILE A 36 -1.49 0.13 -8.49
N GLN A 37 -2.65 0.66 -8.13
CA GLN A 37 -3.91 -0.06 -8.26
C GLN A 37 -4.22 -0.39 -9.72
N ASN A 38 -3.72 0.44 -10.61
CA ASN A 38 -3.86 0.20 -12.05
C ASN A 38 -2.82 -0.80 -12.54
N ASP A 39 -1.56 -0.54 -12.20
CA ASP A 39 -0.44 -1.37 -12.65
C ASP A 39 -0.59 -2.79 -12.17
N ALA A 40 -0.79 -2.97 -10.87
CA ALA A 40 -0.93 -4.30 -10.29
C ALA A 40 -2.33 -4.85 -10.52
N GLY A 41 -3.27 -3.95 -10.82
CA GLY A 41 -4.65 -4.36 -11.01
C GLY A 41 -5.30 -4.76 -9.69
N VAL A 42 -5.00 -3.99 -8.65
CA VAL A 42 -5.46 -4.31 -7.31
C VAL A 42 -6.18 -3.14 -6.68
N ARG A 43 -6.87 -3.41 -5.59
CA ARG A 43 -7.39 -2.37 -4.73
C ARG A 43 -6.54 -2.29 -3.46
N ILE A 44 -6.22 -1.07 -3.07
CA ILE A 44 -5.50 -0.84 -1.84
C ILE A 44 -6.38 -0.02 -0.89
N GLN A 45 -6.86 -0.67 0.16
CA GLN A 45 -7.77 -0.02 1.09
C GLN A 45 -7.15 0.01 2.48
N PHE A 46 -6.72 1.19 2.90
CA PHE A 46 -6.10 1.35 4.21
C PHE A 46 -7.11 1.08 5.32
N LYS A 47 -6.67 0.35 6.33
CA LYS A 47 -7.51 0.06 7.48
C LYS A 47 -7.48 1.21 8.47
N GLN A 48 -8.58 1.34 9.21
CA GLN A 48 -8.69 2.35 10.23
C GLN A 48 -8.64 1.67 11.60
N ASP A 49 -8.48 2.47 12.65
CA ASP A 49 -8.39 1.98 14.02
C ASP A 49 -7.07 1.28 14.29
N ASP A 50 -6.90 0.08 13.73
CA ASP A 50 -5.70 -0.70 13.99
C ASP A 50 -4.59 -0.34 13.01
N GLY A 51 -3.48 0.14 13.56
CA GLY A 51 -2.33 0.50 12.79
C GLY A 51 -1.08 0.32 13.62
N THR A 52 -0.24 -0.63 13.23
CA THR A 52 0.89 -1.05 14.05
C THR A 52 1.96 0.04 14.17
N GLY A 53 1.88 0.80 15.26
CA GLY A 53 2.87 1.81 15.55
C GLY A 53 2.86 2.96 14.55
N PRO A 54 4.04 3.34 14.04
CA PRO A 54 4.17 4.44 13.09
C PRO A 54 3.81 4.01 11.68
N GLU A 55 3.39 2.77 11.54
CA GLU A 55 3.00 2.24 10.25
C GLU A 55 1.52 1.89 10.24
N LYS A 56 0.88 2.21 9.12
CA LYS A 56 -0.53 1.93 8.92
C LYS A 56 -0.66 0.57 8.24
N ILE A 57 -1.87 0.07 8.10
CA ILE A 57 -2.07 -1.16 7.37
C ILE A 57 -2.86 -0.90 6.10
N ALA A 58 -2.22 -1.11 4.96
CA ALA A 58 -2.90 -1.08 3.69
C ALA A 58 -3.48 -2.46 3.44
N HIS A 59 -4.66 -2.55 2.89
CA HIS A 59 -5.25 -3.86 2.63
C HIS A 59 -5.43 -4.04 1.14
N ILE A 60 -4.61 -4.91 0.57
CA ILE A 60 -4.64 -5.17 -0.86
C ILE A 60 -5.64 -6.28 -1.13
N MET A 61 -6.27 -6.23 -2.29
CA MET A 61 -7.40 -7.10 -2.56
C MET A 61 -7.15 -7.97 -3.78
N GLY A 62 -7.69 -9.16 -3.76
CA GLY A 62 -7.62 -10.04 -4.91
C GLY A 62 -6.99 -11.37 -4.58
N PRO A 63 -6.13 -11.86 -5.48
CA PRO A 63 -5.49 -13.16 -5.33
C PRO A 63 -4.16 -13.10 -4.60
N PRO A 64 -3.80 -14.13 -3.84
CA PRO A 64 -2.61 -14.10 -2.96
C PRO A 64 -1.33 -13.65 -3.68
N ASP A 65 -1.06 -14.26 -4.83
CA ASP A 65 0.15 -13.94 -5.60
C ASP A 65 0.11 -12.49 -6.07
N ARG A 66 -1.05 -12.07 -6.56
CA ARG A 66 -1.23 -10.71 -7.05
C ARG A 66 -1.17 -9.73 -5.89
N CYS A 67 -1.71 -10.15 -4.75
CA CYS A 67 -1.61 -9.36 -3.54
C CYS A 67 -0.16 -9.13 -3.17
N GLU A 68 0.67 -10.17 -3.29
CA GLU A 68 2.10 -10.03 -3.03
C GLU A 68 2.79 -9.24 -4.13
N HIS A 69 2.29 -9.33 -5.35
CA HIS A 69 2.82 -8.53 -6.45
C HIS A 69 2.58 -7.05 -6.15
N ALA A 70 1.40 -6.75 -5.64
CA ALA A 70 1.04 -5.41 -5.26
C ALA A 70 1.77 -5.00 -3.98
N ALA A 71 1.96 -5.97 -3.09
CA ALA A 71 2.70 -5.76 -1.86
C ALA A 71 4.13 -5.38 -2.19
N ARG A 72 4.67 -6.02 -3.21
CA ARG A 72 6.01 -5.75 -3.69
C ARG A 72 6.14 -4.30 -4.13
N ILE A 73 5.18 -3.85 -4.93
CA ILE A 73 5.14 -2.48 -5.43
C ILE A 73 5.17 -1.47 -4.28
N ILE A 74 4.30 -1.69 -3.29
CA ILE A 74 4.21 -0.80 -2.14
C ILE A 74 5.48 -0.90 -1.28
N ASN A 75 5.91 -2.13 -1.02
CA ASN A 75 7.06 -2.40 -0.16
C ASN A 75 8.32 -1.77 -0.73
N ASP A 76 8.51 -1.91 -2.04
CA ASP A 76 9.65 -1.32 -2.73
C ASP A 76 9.65 0.20 -2.59
N LEU A 77 8.47 0.80 -2.71
CA LEU A 77 8.32 2.24 -2.55
C LEU A 77 8.75 2.66 -1.14
N LEU A 78 8.28 1.91 -0.15
CA LEU A 78 8.58 2.19 1.25
C LEU A 78 10.05 1.95 1.56
N GLN A 79 10.65 1.03 0.80
CA GLN A 79 12.04 0.64 1.01
C GLN A 79 12.99 1.84 0.91
N SER A 80 12.73 2.73 -0.03
CA SER A 80 13.59 3.88 -0.26
C SER A 80 13.43 4.90 0.88
N LEU A 81 12.32 4.81 1.61
CA LEU A 81 12.04 5.74 2.68
C LEU A 81 12.44 5.17 4.04
N ARG A 82 13.31 4.17 4.03
CA ARG A 82 13.84 3.59 5.26
C ARG A 82 15.24 3.03 5.02
N GLY A 12 -7.26 -11.07 0.95
CA GLY A 12 -6.13 -10.24 0.61
C GLY A 12 -5.05 -10.31 1.67
N ILE A 13 -4.15 -9.33 1.67
CA ILE A 13 -3.06 -9.29 2.63
C ILE A 13 -3.11 -8.02 3.47
N ASP A 14 -2.50 -8.08 4.64
CA ASP A 14 -2.37 -6.93 5.51
C ASP A 14 -0.91 -6.50 5.55
N VAL A 15 -0.62 -5.31 5.04
CA VAL A 15 0.76 -4.84 4.93
C VAL A 15 1.00 -3.58 5.74
N PRO A 16 2.01 -3.60 6.62
CA PRO A 16 2.38 -2.45 7.44
C PRO A 16 2.99 -1.32 6.62
N VAL A 17 2.28 -0.20 6.56
CA VAL A 17 2.73 0.97 5.84
C VAL A 17 2.89 2.15 6.79
N PRO A 18 4.12 2.64 6.98
CA PRO A 18 4.41 3.77 7.87
C PRO A 18 3.60 5.01 7.49
N ARG A 19 3.00 5.65 8.50
CA ARG A 19 2.15 6.82 8.27
C ARG A 19 2.91 7.99 7.65
N HIS A 20 4.24 7.90 7.67
CA HIS A 20 5.07 8.92 7.02
C HIS A 20 5.23 8.60 5.55
N SER A 21 5.51 7.34 5.25
CA SER A 21 5.76 6.89 3.89
C SER A 21 4.43 6.73 3.14
N VAL A 22 3.36 6.53 3.89
CA VAL A 22 2.03 6.33 3.31
C VAL A 22 1.60 7.57 2.52
N GLY A 23 2.17 8.72 2.89
CA GLY A 23 1.87 9.95 2.18
C GLY A 23 2.42 9.93 0.77
N VAL A 24 3.56 9.28 0.59
CA VAL A 24 4.19 9.17 -0.73
C VAL A 24 3.45 8.13 -1.56
N VAL A 25 2.91 7.12 -0.88
CA VAL A 25 2.13 6.07 -1.54
C VAL A 25 0.87 6.67 -2.16
N ILE A 26 0.29 7.63 -1.46
CA ILE A 26 -0.87 8.34 -1.98
C ILE A 26 -0.42 9.41 -2.98
N GLY A 27 0.53 10.23 -2.57
CA GLY A 27 0.99 11.30 -3.42
C GLY A 27 0.02 12.45 -3.46
N ARG A 28 -0.27 12.94 -4.65
CA ARG A 28 -1.25 14.00 -4.83
C ARG A 28 -2.51 13.44 -5.47
N SER A 29 -3.66 13.70 -4.84
CA SER A 29 -4.94 13.18 -5.32
C SER A 29 -4.99 11.66 -5.31
N GLY A 30 -3.94 11.04 -4.78
CA GLY A 30 -3.86 9.60 -4.78
C GLY A 30 -3.37 9.07 -6.11
N GLU A 31 -2.93 9.95 -7.00
CA GLU A 31 -2.50 9.57 -8.35
C GLU A 31 -1.43 8.49 -8.30
N MET A 32 -0.60 8.51 -7.27
CA MET A 32 0.46 7.54 -7.12
C MET A 32 -0.12 6.17 -6.80
N ILE A 33 -1.06 6.13 -5.85
CA ILE A 33 -1.66 4.88 -5.43
C ILE A 33 -2.64 4.39 -6.52
N LYS A 34 -3.14 5.31 -7.33
CA LYS A 34 -4.00 4.96 -8.45
C LYS A 34 -3.21 4.14 -9.46
N LYS A 35 -1.95 4.51 -9.67
CA LYS A 35 -1.08 3.77 -10.56
C LYS A 35 -0.84 2.36 -10.05
N ILE A 36 -0.59 2.21 -8.77
CA ILE A 36 -0.35 0.90 -8.18
C ILE A 36 -1.54 -0.02 -8.42
N GLN A 37 -2.69 0.45 -7.97
CA GLN A 37 -3.93 -0.30 -8.05
C GLN A 37 -4.33 -0.59 -9.50
N ASN A 38 -3.85 0.23 -10.43
CA ASN A 38 -4.14 0.03 -11.85
C ASN A 38 -3.13 -0.95 -12.47
N ASP A 39 -1.85 -0.76 -12.16
CA ASP A 39 -0.78 -1.56 -12.75
C ASP A 39 -0.82 -2.97 -12.21
N ALA A 40 -1.23 -3.10 -10.95
CA ALA A 40 -1.33 -4.40 -10.32
C ALA A 40 -2.75 -4.94 -10.35
N GLY A 41 -3.70 -4.08 -10.72
CA GLY A 41 -5.10 -4.49 -10.76
C GLY A 41 -5.63 -4.85 -9.39
N VAL A 42 -5.14 -4.17 -8.38
CA VAL A 42 -5.45 -4.49 -6.99
C VAL A 42 -6.26 -3.39 -6.35
N ARG A 43 -6.62 -3.63 -5.09
CA ARG A 43 -7.22 -2.60 -4.26
C ARG A 43 -6.33 -2.36 -3.06
N ILE A 44 -6.05 -1.10 -2.79
CA ILE A 44 -5.27 -0.71 -1.64
C ILE A 44 -6.10 0.19 -0.73
N GLN A 45 -6.50 -0.35 0.40
CA GLN A 45 -7.27 0.41 1.38
C GLN A 45 -6.57 0.40 2.72
N PHE A 46 -6.18 1.55 3.20
CA PHE A 46 -5.51 1.66 4.48
C PHE A 46 -6.52 1.53 5.61
N LYS A 47 -6.46 0.40 6.30
CA LYS A 47 -7.37 0.11 7.39
C LYS A 47 -7.23 1.16 8.48
N GLN A 48 -8.26 1.97 8.66
CA GLN A 48 -8.19 3.12 9.55
C GLN A 48 -8.27 2.71 11.02
N ASP A 49 -8.54 1.44 11.26
CA ASP A 49 -8.58 0.91 12.62
C ASP A 49 -7.27 0.22 12.95
N ASP A 50 -6.76 -0.55 12.00
CA ASP A 50 -5.51 -1.28 12.17
C ASP A 50 -4.32 -0.32 12.12
N GLY A 51 -3.98 0.23 13.27
CA GLY A 51 -2.87 1.15 13.35
C GLY A 51 -1.80 0.66 14.29
N THR A 52 -0.88 -0.13 13.77
CA THR A 52 0.24 -0.65 14.55
C THR A 52 1.28 0.44 14.77
N GLY A 53 1.08 1.24 15.81
CA GLY A 53 1.98 2.33 16.11
C GLY A 53 2.00 3.36 15.01
N PRO A 54 3.19 3.69 14.48
CA PRO A 54 3.33 4.64 13.38
C PRO A 54 3.14 3.99 12.01
N GLU A 55 2.70 2.73 12.02
CA GLU A 55 2.45 2.01 10.79
C GLU A 55 0.98 1.64 10.67
N LYS A 56 0.37 2.07 9.58
CA LYS A 56 -1.00 1.70 9.26
C LYS A 56 -0.99 0.35 8.55
N ILE A 57 -2.12 -0.30 8.46
CA ILE A 57 -2.18 -1.55 7.72
C ILE A 57 -2.92 -1.36 6.41
N ALA A 58 -2.17 -1.49 5.33
CA ALA A 58 -2.74 -1.44 4.00
C ALA A 58 -3.38 -2.79 3.70
N HIS A 59 -4.58 -2.78 3.14
CA HIS A 59 -5.24 -4.02 2.78
C HIS A 59 -5.22 -4.19 1.27
N ILE A 60 -4.30 -5.01 0.79
CA ILE A 60 -4.20 -5.30 -0.63
C ILE A 60 -5.08 -6.49 -0.94
N MET A 61 -5.84 -6.42 -2.03
CA MET A 61 -6.85 -7.43 -2.30
C MET A 61 -6.93 -7.77 -3.77
N GLY A 62 -7.67 -8.83 -4.07
CA GLY A 62 -7.75 -9.34 -5.42
C GLY A 62 -7.26 -10.77 -5.47
N PRO A 63 -6.29 -11.07 -6.33
CA PRO A 63 -5.64 -12.37 -6.38
C PRO A 63 -4.58 -12.49 -5.29
N PRO A 64 -4.58 -13.62 -4.56
CA PRO A 64 -3.68 -13.87 -3.43
C PRO A 64 -2.20 -13.64 -3.75
N ASP A 65 -1.76 -14.08 -4.93
CA ASP A 65 -0.37 -13.87 -5.34
C ASP A 65 -0.17 -12.44 -5.80
N ARG A 66 -1.17 -11.92 -6.50
CA ARG A 66 -1.14 -10.54 -6.98
C ARG A 66 -1.07 -9.56 -5.81
N CYS A 67 -1.69 -9.92 -4.69
CA CYS A 67 -1.63 -9.12 -3.48
C CYS A 67 -0.19 -8.95 -3.04
N GLU A 68 0.58 -10.03 -3.06
CA GLU A 68 1.97 -9.98 -2.62
C GLU A 68 2.86 -9.35 -3.69
N HIS A 69 2.45 -9.42 -4.95
CA HIS A 69 3.20 -8.78 -6.01
C HIS A 69 2.99 -7.27 -5.93
N ALA A 70 1.76 -6.87 -5.63
CA ALA A 70 1.44 -5.47 -5.39
C ALA A 70 2.06 -5.01 -4.09
N ALA A 71 2.21 -5.97 -3.16
CA ALA A 71 2.89 -5.72 -1.90
C ALA A 71 4.33 -5.31 -2.18
N ARG A 72 4.92 -5.91 -3.21
CA ARG A 72 6.27 -5.58 -3.60
C ARG A 72 6.33 -4.17 -4.17
N ILE A 73 5.33 -3.80 -4.97
CA ILE A 73 5.25 -2.45 -5.52
C ILE A 73 5.26 -1.41 -4.40
N ILE A 74 4.46 -1.66 -3.37
CA ILE A 74 4.36 -0.75 -2.23
C ILE A 74 5.61 -0.81 -1.36
N ASN A 75 6.08 -2.02 -1.08
CA ASN A 75 7.26 -2.24 -0.25
C ASN A 75 8.46 -1.56 -0.88
N ASP A 76 8.61 -1.75 -2.18
CA ASP A 76 9.70 -1.12 -2.94
C ASP A 76 9.64 0.39 -2.81
N LEU A 77 8.43 0.94 -2.85
CA LEU A 77 8.20 2.36 -2.68
C LEU A 77 8.64 2.78 -1.27
N LEU A 78 8.18 2.03 -0.27
CA LEU A 78 8.53 2.30 1.13
C LEU A 78 10.04 2.19 1.33
N GLN A 79 10.64 1.22 0.66
CA GLN A 79 12.08 1.00 0.73
C GLN A 79 12.85 2.18 0.14
N SER A 80 12.28 2.78 -0.89
CA SER A 80 12.89 3.94 -1.53
C SER A 80 12.84 5.16 -0.61
N LEU A 81 12.03 5.08 0.43
CA LEU A 81 11.88 6.17 1.38
C LEU A 81 12.66 5.92 2.66
N ARG A 82 13.41 4.83 2.69
CA ARG A 82 14.21 4.51 3.87
C ARG A 82 15.68 4.30 3.50
N GLY A 12 -7.29 -11.13 1.17
CA GLY A 12 -6.13 -10.34 0.80
C GLY A 12 -5.11 -10.30 1.92
N ILE A 13 -4.10 -9.43 1.77
CA ILE A 13 -3.02 -9.34 2.72
C ILE A 13 -3.13 -8.09 3.58
N ASP A 14 -2.45 -8.10 4.71
CA ASP A 14 -2.35 -6.96 5.59
C ASP A 14 -0.91 -6.45 5.53
N VAL A 15 -0.68 -5.34 4.86
CA VAL A 15 0.67 -4.82 4.68
C VAL A 15 0.95 -3.63 5.59
N PRO A 16 1.96 -3.77 6.46
CA PRO A 16 2.42 -2.69 7.33
C PRO A 16 3.07 -1.57 6.53
N VAL A 17 2.34 -0.49 6.36
CA VAL A 17 2.82 0.66 5.63
C VAL A 17 3.02 1.84 6.58
N PRO A 18 4.29 2.21 6.82
CA PRO A 18 4.65 3.32 7.72
C PRO A 18 3.83 4.56 7.45
N ARG A 19 3.25 5.12 8.50
CA ARG A 19 2.30 6.23 8.37
C ARG A 19 2.97 7.46 7.78
N HIS A 20 4.28 7.58 7.95
CA HIS A 20 5.02 8.69 7.38
C HIS A 20 5.25 8.47 5.88
N SER A 21 5.43 7.21 5.52
CA SER A 21 5.68 6.86 4.12
C SER A 21 4.38 6.85 3.34
N VAL A 22 3.27 6.70 4.05
CA VAL A 22 1.93 6.74 3.45
C VAL A 22 1.74 8.05 2.67
N GLY A 23 2.33 9.13 3.18
CA GLY A 23 2.23 10.42 2.51
C GLY A 23 2.79 10.38 1.09
N VAL A 24 3.80 9.55 0.87
CA VAL A 24 4.41 9.42 -0.44
C VAL A 24 3.70 8.34 -1.26
N VAL A 25 3.26 7.29 -0.58
CA VAL A 25 2.51 6.20 -1.22
C VAL A 25 1.18 6.72 -1.76
N ILE A 26 0.58 7.62 -1.00
CA ILE A 26 -0.65 8.26 -1.42
C ILE A 26 -0.33 9.37 -2.41
N GLY A 27 0.74 10.10 -2.12
CA GLY A 27 1.14 11.20 -2.96
C GLY A 27 0.21 12.38 -2.80
N ARG A 28 -0.50 12.71 -3.85
CA ARG A 28 -1.50 13.76 -3.81
C ARG A 28 -2.78 13.27 -4.47
N SER A 29 -3.87 13.27 -3.72
CA SER A 29 -5.17 12.81 -4.21
C SER A 29 -5.14 11.30 -4.45
N GLY A 30 -4.21 10.62 -3.79
CA GLY A 30 -4.06 9.19 -3.96
C GLY A 30 -3.49 8.82 -5.31
N GLU A 31 -2.96 9.83 -6.02
CA GLU A 31 -2.46 9.65 -7.38
C GLU A 31 -1.46 8.49 -7.45
N MET A 32 -0.59 8.39 -6.45
CA MET A 32 0.46 7.38 -6.47
C MET A 32 -0.08 6.01 -6.10
N ILE A 33 -1.04 5.95 -5.18
CA ILE A 33 -1.61 4.68 -4.77
C ILE A 33 -2.57 4.18 -5.85
N LYS A 34 -3.15 5.12 -6.59
CA LYS A 34 -3.99 4.79 -7.73
C LYS A 34 -3.15 4.16 -8.82
N LYS A 35 -1.92 4.62 -8.94
CA LYS A 35 -0.97 4.07 -9.88
C LYS A 35 -0.76 2.59 -9.59
N ILE A 36 -0.59 2.26 -8.32
CA ILE A 36 -0.40 0.89 -7.87
C ILE A 36 -1.63 0.06 -8.21
N GLN A 37 -2.75 0.43 -7.60
CA GLN A 37 -3.99 -0.30 -7.73
C GLN A 37 -4.37 -0.52 -9.19
N ASN A 38 -4.16 0.50 -10.02
CA ASN A 38 -4.52 0.43 -11.42
C ASN A 38 -3.64 -0.56 -12.18
N ASP A 39 -2.33 -0.46 -12.02
CA ASP A 39 -1.40 -1.25 -12.83
C ASP A 39 -1.19 -2.64 -12.26
N ALA A 40 -1.37 -2.78 -10.96
CA ALA A 40 -1.25 -4.08 -10.32
C ALA A 40 -2.54 -4.86 -10.41
N GLY A 41 -3.64 -4.14 -10.55
CA GLY A 41 -4.95 -4.76 -10.61
C GLY A 41 -5.43 -5.20 -9.24
N VAL A 42 -5.16 -4.36 -8.24
CA VAL A 42 -5.50 -4.68 -6.86
C VAL A 42 -6.31 -3.58 -6.23
N ARG A 43 -6.78 -3.86 -5.03
CA ARG A 43 -7.40 -2.85 -4.20
C ARG A 43 -6.58 -2.64 -2.95
N ILE A 44 -6.14 -1.42 -2.73
CA ILE A 44 -5.42 -1.07 -1.53
C ILE A 44 -6.30 -0.18 -0.66
N GLN A 45 -6.77 -0.73 0.44
CA GLN A 45 -7.65 -0.01 1.34
C GLN A 45 -7.08 -0.08 2.75
N PHE A 46 -6.70 1.06 3.29
CA PHE A 46 -6.17 1.12 4.65
C PHE A 46 -7.23 0.68 5.64
N LYS A 47 -6.89 -0.27 6.50
CA LYS A 47 -7.83 -0.81 7.48
C LYS A 47 -8.29 0.25 8.45
N GLN A 48 -9.47 0.82 8.18
CA GLN A 48 -10.02 1.95 8.93
C GLN A 48 -9.13 3.17 8.78
N ASP A 49 -8.21 3.09 7.81
CA ASP A 49 -7.14 4.09 7.63
C ASP A 49 -6.36 4.27 8.93
N ASP A 50 -6.25 3.19 9.70
CA ASP A 50 -5.52 3.19 10.95
C ASP A 50 -4.24 2.37 10.83
N GLY A 51 -3.53 2.32 11.94
CA GLY A 51 -2.32 1.53 12.01
C GLY A 51 -1.99 1.19 13.44
N THR A 52 -1.21 0.15 13.63
CA THR A 52 -0.86 -0.31 14.97
C THR A 52 0.36 0.44 15.50
N GLY A 53 0.28 1.76 15.44
CA GLY A 53 1.38 2.59 15.90
C GLY A 53 1.99 3.39 14.78
N PRO A 54 3.29 3.20 14.49
CA PRO A 54 4.00 3.94 13.46
C PRO A 54 3.64 3.47 12.06
N GLU A 55 3.22 2.21 11.95
CA GLU A 55 2.90 1.63 10.66
C GLU A 55 1.40 1.32 10.57
N LYS A 56 0.81 1.79 9.50
CA LYS A 56 -0.60 1.54 9.21
C LYS A 56 -0.75 0.21 8.51
N ILE A 57 -1.94 -0.33 8.42
CA ILE A 57 -2.13 -1.58 7.72
C ILE A 57 -2.94 -1.37 6.46
N ALA A 58 -2.27 -1.48 5.33
CA ALA A 58 -2.92 -1.43 4.05
C ALA A 58 -3.53 -2.79 3.74
N HIS A 59 -4.72 -2.82 3.18
CA HIS A 59 -5.35 -4.08 2.87
C HIS A 59 -5.39 -4.29 1.37
N ILE A 60 -4.47 -5.10 0.87
CA ILE A 60 -4.41 -5.42 -0.54
C ILE A 60 -5.28 -6.63 -0.81
N MET A 61 -6.04 -6.62 -1.88
CA MET A 61 -7.01 -7.67 -2.10
C MET A 61 -7.05 -8.13 -3.55
N GLY A 62 -7.62 -9.30 -3.73
CA GLY A 62 -7.68 -9.93 -5.04
C GLY A 62 -7.05 -11.30 -5.03
N PRO A 63 -6.12 -11.55 -5.94
CA PRO A 63 -5.39 -12.82 -6.00
C PRO A 63 -4.24 -12.83 -4.99
N PRO A 64 -4.09 -13.93 -4.24
CA PRO A 64 -3.05 -14.09 -3.21
C PRO A 64 -1.64 -13.83 -3.73
N ASP A 65 -1.36 -14.28 -4.95
CA ASP A 65 -0.05 -14.02 -5.58
C ASP A 65 0.05 -12.56 -5.98
N ARG A 66 -1.07 -12.01 -6.45
CA ARG A 66 -1.12 -10.62 -6.88
C ARG A 66 -1.01 -9.68 -5.69
N CYS A 67 -1.48 -10.14 -4.53
CA CYS A 67 -1.32 -9.38 -3.30
C CYS A 67 0.15 -9.19 -2.99
N GLU A 68 0.93 -10.24 -3.18
CA GLU A 68 2.38 -10.18 -2.95
C GLU A 68 3.06 -9.32 -4.01
N HIS A 69 2.55 -9.42 -5.24
CA HIS A 69 3.08 -8.64 -6.36
C HIS A 69 2.79 -7.16 -6.12
N ALA A 70 1.61 -6.88 -5.58
CA ALA A 70 1.23 -5.51 -5.24
C ALA A 70 2.01 -5.03 -4.03
N ALA A 71 2.23 -5.95 -3.09
CA ALA A 71 3.05 -5.68 -1.91
C ALA A 71 4.44 -5.29 -2.35
N ARG A 72 4.91 -5.94 -3.41
CA ARG A 72 6.20 -5.65 -4.00
C ARG A 72 6.25 -4.23 -4.55
N ILE A 73 5.19 -3.83 -5.24
CA ILE A 73 5.12 -2.48 -5.81
C ILE A 73 5.18 -1.43 -4.69
N ILE A 74 4.34 -1.60 -3.69
CA ILE A 74 4.29 -0.67 -2.56
C ILE A 74 5.62 -0.66 -1.80
N ASN A 75 6.16 -1.84 -1.58
CA ASN A 75 7.41 -1.99 -0.83
C ASN A 75 8.59 -1.42 -1.61
N ASP A 76 8.52 -1.56 -2.93
CA ASP A 76 9.54 -1.01 -3.82
C ASP A 76 9.55 0.52 -3.76
N LEU A 77 8.40 1.09 -3.45
CA LEU A 77 8.29 2.53 -3.21
C LEU A 77 8.87 2.84 -1.83
N LEU A 78 8.49 2.03 -0.85
CA LEU A 78 8.89 2.24 0.54
C LEU A 78 10.40 2.11 0.71
N GLN A 79 11.01 1.18 0.00
CA GLN A 79 12.44 0.90 0.17
C GLN A 79 13.29 2.12 -0.16
N SER A 80 12.79 2.98 -1.05
CA SER A 80 13.52 4.19 -1.43
C SER A 80 13.42 5.25 -0.32
N LEU A 81 12.31 5.22 0.41
CA LEU A 81 12.08 6.17 1.50
C LEU A 81 12.69 5.65 2.79
N ARG A 82 12.80 4.34 2.88
CA ARG A 82 13.26 3.66 4.08
C ARG A 82 14.68 4.09 4.44
N GLY A 12 -7.30 -11.06 0.63
CA GLY A 12 -6.21 -10.14 0.38
C GLY A 12 -5.13 -10.23 1.44
N ILE A 13 -4.43 -9.14 1.66
CA ILE A 13 -3.35 -9.10 2.65
C ILE A 13 -3.44 -7.83 3.51
N ASP A 14 -2.71 -7.86 4.62
CA ASP A 14 -2.59 -6.70 5.50
C ASP A 14 -1.13 -6.29 5.59
N VAL A 15 -0.82 -5.12 5.06
CA VAL A 15 0.56 -4.70 4.89
C VAL A 15 0.91 -3.51 5.77
N PRO A 16 1.98 -3.62 6.56
CA PRO A 16 2.47 -2.52 7.40
C PRO A 16 3.09 -1.41 6.56
N VAL A 17 2.38 -0.31 6.42
CA VAL A 17 2.87 0.82 5.65
C VAL A 17 3.06 2.04 6.56
N PRO A 18 4.31 2.51 6.69
CA PRO A 18 4.64 3.69 7.52
C PRO A 18 3.82 4.91 7.11
N ARG A 19 3.30 5.61 8.11
CA ARG A 19 2.39 6.74 7.89
C ARG A 19 3.09 7.86 7.14
N HIS A 20 4.36 8.08 7.46
CA HIS A 20 5.15 9.10 6.78
C HIS A 20 5.40 8.69 5.33
N SER A 21 5.48 7.39 5.11
CA SER A 21 5.70 6.85 3.77
C SER A 21 4.41 6.84 2.96
N VAL A 22 3.28 6.77 3.66
CA VAL A 22 1.96 6.81 3.01
C VAL A 22 1.82 8.08 2.17
N GLY A 23 2.37 9.18 2.67
CA GLY A 23 2.33 10.43 1.94
C GLY A 23 2.97 10.33 0.56
N VAL A 24 3.94 9.43 0.43
CA VAL A 24 4.62 9.22 -0.85
C VAL A 24 3.89 8.18 -1.69
N VAL A 25 3.36 7.15 -1.01
CA VAL A 25 2.58 6.10 -1.68
C VAL A 25 1.31 6.70 -2.28
N ILE A 26 0.73 7.63 -1.55
CA ILE A 26 -0.47 8.31 -2.00
C ILE A 26 -0.12 9.45 -2.95
N GLY A 27 0.93 10.18 -2.62
CA GLY A 27 1.32 11.33 -3.41
C GLY A 27 0.64 12.59 -2.91
N ARG A 28 -0.68 12.60 -3.05
CA ARG A 28 -1.52 13.67 -2.51
C ARG A 28 -3.00 13.30 -2.70
N SER A 29 -3.43 13.28 -3.96
CA SER A 29 -4.78 12.85 -4.29
C SER A 29 -4.90 11.34 -4.13
N GLY A 30 -3.83 10.65 -4.47
CA GLY A 30 -3.83 9.21 -4.48
C GLY A 30 -3.53 8.68 -5.86
N GLU A 31 -3.07 9.57 -6.73
CA GLU A 31 -2.79 9.22 -8.12
C GLU A 31 -1.74 8.10 -8.19
N MET A 32 -0.79 8.14 -7.27
CA MET A 32 0.26 7.14 -7.23
C MET A 32 -0.30 5.77 -6.88
N ILE A 33 -1.13 5.72 -5.83
CA ILE A 33 -1.71 4.44 -5.40
C ILE A 33 -2.76 3.97 -6.40
N LYS A 34 -3.43 4.91 -7.07
CA LYS A 34 -4.36 4.55 -8.13
C LYS A 34 -3.62 3.93 -9.30
N LYS A 35 -2.37 4.33 -9.47
CA LYS A 35 -1.53 3.77 -10.51
C LYS A 35 -1.00 2.41 -10.07
N ILE A 36 -0.64 2.28 -8.80
CA ILE A 36 -0.23 1.00 -8.24
C ILE A 36 -1.35 -0.02 -8.41
N GLN A 37 -2.56 0.41 -8.04
CA GLN A 37 -3.76 -0.40 -8.20
C GLN A 37 -4.02 -0.68 -9.68
N ASN A 38 -3.65 0.27 -10.53
CA ASN A 38 -3.83 0.15 -11.98
C ASN A 38 -2.87 -0.89 -12.57
N ASP A 39 -1.60 -0.77 -12.20
CA ASP A 39 -0.55 -1.64 -12.74
C ASP A 39 -0.72 -3.07 -12.24
N ALA A 40 -1.14 -3.22 -10.99
CA ALA A 40 -1.28 -4.55 -10.41
C ALA A 40 -2.69 -5.10 -10.59
N GLY A 41 -3.66 -4.21 -10.79
CA GLY A 41 -5.05 -4.62 -10.90
C GLY A 41 -5.64 -4.99 -9.56
N VAL A 42 -5.24 -4.24 -8.54
CA VAL A 42 -5.63 -4.56 -7.16
C VAL A 42 -6.42 -3.41 -6.54
N ARG A 43 -6.76 -3.61 -5.27
CA ARG A 43 -7.31 -2.54 -4.46
C ARG A 43 -6.51 -2.42 -3.18
N ILE A 44 -6.03 -1.23 -2.92
CA ILE A 44 -5.27 -0.95 -1.71
C ILE A 44 -6.08 -0.04 -0.80
N GLN A 45 -6.56 -0.60 0.30
CA GLN A 45 -7.33 0.18 1.27
C GLN A 45 -6.45 0.49 2.47
N PHE A 46 -6.87 1.45 3.26
CA PHE A 46 -6.22 1.68 4.53
C PHE A 46 -7.11 1.17 5.66
N LYS A 47 -6.64 0.13 6.32
CA LYS A 47 -7.39 -0.50 7.38
C LYS A 47 -7.64 0.50 8.50
N GLN A 48 -8.91 0.75 8.80
CA GLN A 48 -9.28 1.84 9.70
C GLN A 48 -9.10 1.45 11.17
N ASP A 49 -8.11 0.60 11.43
CA ASP A 49 -7.80 0.15 12.78
C ASP A 49 -6.47 0.75 13.21
N ASP A 50 -6.19 1.97 12.71
CA ASP A 50 -4.90 2.64 12.88
C ASP A 50 -3.82 1.94 12.08
N GLY A 51 -3.65 0.66 12.35
CA GLY A 51 -2.62 -0.13 11.73
C GLY A 51 -1.83 -0.86 12.77
N THR A 52 -0.82 -0.21 13.29
CA THR A 52 -0.05 -0.73 14.41
C THR A 52 0.40 0.43 15.29
N GLY A 53 -0.02 1.63 14.93
CA GLY A 53 0.40 2.82 15.64
C GLY A 53 1.21 3.74 14.75
N PRO A 54 2.55 3.64 14.78
CA PRO A 54 3.43 4.45 13.93
C PRO A 54 3.31 4.08 12.46
N GLU A 55 2.74 2.91 12.20
CA GLU A 55 2.51 2.46 10.84
C GLU A 55 1.05 2.11 10.64
N LYS A 56 0.60 2.24 9.41
CA LYS A 56 -0.76 1.91 9.03
C LYS A 56 -0.78 0.52 8.39
N ILE A 57 -1.97 0.03 8.10
CA ILE A 57 -2.09 -1.25 7.41
C ILE A 57 -2.83 -1.06 6.10
N ALA A 58 -2.13 -1.22 5.02
CA ALA A 58 -2.75 -1.24 3.72
C ALA A 58 -3.39 -2.60 3.52
N HIS A 59 -4.60 -2.65 3.02
CA HIS A 59 -5.26 -3.91 2.83
C HIS A 59 -5.49 -4.13 1.36
N ILE A 60 -4.62 -4.94 0.78
CA ILE A 60 -4.64 -5.21 -0.65
C ILE A 60 -5.53 -6.41 -0.91
N MET A 61 -6.22 -6.42 -2.04
CA MET A 61 -7.22 -7.46 -2.27
C MET A 61 -7.23 -7.91 -3.71
N GLY A 62 -7.80 -9.08 -3.92
CA GLY A 62 -7.87 -9.67 -5.23
C GLY A 62 -7.29 -11.07 -5.20
N PRO A 63 -6.32 -11.36 -6.06
CA PRO A 63 -5.61 -12.64 -6.07
C PRO A 63 -4.52 -12.66 -5.01
N PRO A 64 -4.38 -13.76 -4.25
CA PRO A 64 -3.39 -13.87 -3.17
C PRO A 64 -1.97 -13.51 -3.64
N ASP A 65 -1.54 -14.12 -4.75
CA ASP A 65 -0.23 -13.83 -5.33
C ASP A 65 -0.15 -12.38 -5.77
N ARG A 66 -1.22 -11.91 -6.37
CA ARG A 66 -1.29 -10.53 -6.87
C ARG A 66 -1.25 -9.53 -5.71
N CYS A 67 -1.80 -9.92 -4.58
CA CYS A 67 -1.77 -9.08 -3.39
C CYS A 67 -0.32 -8.83 -2.98
N GLU A 68 0.50 -9.89 -2.99
CA GLU A 68 1.90 -9.75 -2.62
C GLU A 68 2.69 -9.12 -3.76
N HIS A 69 2.24 -9.32 -4.98
CA HIS A 69 2.81 -8.60 -6.13
C HIS A 69 2.64 -7.10 -5.90
N ALA A 70 1.43 -6.72 -5.51
CA ALA A 70 1.11 -5.33 -5.23
C ALA A 70 1.81 -4.85 -3.96
N ALA A 71 1.96 -5.76 -3.00
CA ALA A 71 2.67 -5.49 -1.77
C ALA A 71 4.12 -5.15 -2.08
N ARG A 72 4.69 -5.93 -3.00
CA ARG A 72 6.06 -5.75 -3.41
C ARG A 72 6.25 -4.43 -4.13
N ILE A 73 5.23 -4.02 -4.88
CA ILE A 73 5.24 -2.73 -5.58
C ILE A 73 5.34 -1.59 -4.57
N ILE A 74 4.48 -1.64 -3.54
CA ILE A 74 4.48 -0.64 -2.48
C ILE A 74 5.79 -0.69 -1.69
N ASN A 75 6.22 -1.90 -1.35
CA ASN A 75 7.43 -2.10 -0.56
C ASN A 75 8.65 -1.60 -1.34
N ASP A 76 8.63 -1.81 -2.64
CA ASP A 76 9.69 -1.34 -3.53
C ASP A 76 9.80 0.18 -3.46
N LEU A 77 8.66 0.85 -3.39
CA LEU A 77 8.63 2.30 -3.27
C LEU A 77 9.19 2.73 -1.92
N LEU A 78 9.02 1.88 -0.93
CA LEU A 78 9.44 2.19 0.44
C LEU A 78 10.97 2.07 0.59
N GLN A 79 11.65 1.57 -0.44
CA GLN A 79 13.10 1.40 -0.36
C GLN A 79 13.79 2.74 -0.19
N SER A 80 13.23 3.76 -0.81
CA SER A 80 13.78 5.11 -0.72
C SER A 80 13.23 5.83 0.51
N LEU A 81 12.19 5.25 1.10
CA LEU A 81 11.51 5.89 2.21
C LEU A 81 12.00 5.32 3.54
N ARG A 82 12.87 4.33 3.47
CA ARG A 82 13.46 3.75 4.67
C ARG A 82 14.75 4.49 5.03
N GLY A 12 -7.26 -11.26 1.39
CA GLY A 12 -6.21 -10.36 0.96
C GLY A 12 -5.10 -10.25 1.98
N ILE A 13 -4.19 -9.32 1.77
CA ILE A 13 -3.06 -9.14 2.68
C ILE A 13 -3.16 -7.86 3.48
N ASP A 14 -2.40 -7.81 4.56
CA ASP A 14 -2.34 -6.63 5.42
C ASP A 14 -0.91 -6.17 5.50
N VAL A 15 -0.62 -5.04 4.88
CA VAL A 15 0.75 -4.59 4.71
C VAL A 15 1.03 -3.34 5.53
N PRO A 16 2.08 -3.37 6.34
CA PRO A 16 2.51 -2.22 7.13
C PRO A 16 3.13 -1.13 6.25
N VAL A 17 2.40 -0.06 6.06
CA VAL A 17 2.87 1.08 5.32
C VAL A 17 2.98 2.31 6.23
N PRO A 18 4.21 2.73 6.54
CA PRO A 18 4.48 3.85 7.45
C PRO A 18 3.61 5.07 7.16
N ARG A 19 2.97 5.58 8.21
CA ARG A 19 2.02 6.68 8.09
C ARG A 19 2.69 7.92 7.50
N HIS A 20 3.99 8.03 7.73
CA HIS A 20 4.77 9.15 7.22
C HIS A 20 5.13 8.95 5.75
N SER A 21 5.21 7.69 5.33
CA SER A 21 5.60 7.37 3.96
C SER A 21 4.37 7.31 3.06
N VAL A 22 3.20 7.17 3.67
CA VAL A 22 1.93 7.12 2.94
C VAL A 22 1.78 8.31 1.99
N GLY A 23 2.29 9.46 2.40
CA GLY A 23 2.22 10.66 1.59
C GLY A 23 2.80 10.47 0.20
N VAL A 24 3.89 9.71 0.11
CA VAL A 24 4.55 9.47 -1.17
C VAL A 24 3.83 8.38 -1.95
N VAL A 25 3.37 7.36 -1.22
CA VAL A 25 2.65 6.24 -1.81
C VAL A 25 1.33 6.72 -2.41
N ILE A 26 0.72 7.70 -1.76
CA ILE A 26 -0.53 8.26 -2.21
C ILE A 26 -0.28 9.25 -3.35
N GLY A 27 0.39 10.35 -3.04
CA GLY A 27 0.75 11.32 -4.06
C GLY A 27 -0.46 12.06 -4.62
N ARG A 28 -0.85 13.15 -3.94
CA ARG A 28 -1.87 14.08 -4.46
C ARG A 28 -3.21 13.38 -4.68
N SER A 29 -4.00 13.25 -3.60
CA SER A 29 -5.29 12.56 -3.63
C SER A 29 -5.11 11.05 -3.79
N GLY A 30 -4.01 10.68 -4.38
CA GLY A 30 -3.78 9.29 -4.70
C GLY A 30 -3.77 9.10 -6.19
N GLU A 31 -2.70 9.53 -6.83
CA GLU A 31 -2.54 9.25 -8.25
C GLU A 31 -1.45 8.19 -8.42
N MET A 32 -0.56 8.13 -7.46
CA MET A 32 0.51 7.15 -7.46
C MET A 32 -0.03 5.79 -7.04
N ILE A 33 -0.72 5.75 -5.91
CA ILE A 33 -1.23 4.49 -5.38
C ILE A 33 -2.38 3.96 -6.25
N LYS A 34 -3.08 4.87 -6.91
CA LYS A 34 -4.15 4.49 -7.82
C LYS A 34 -3.55 3.96 -9.11
N LYS A 35 -2.40 4.52 -9.48
CA LYS A 35 -1.62 3.98 -10.58
C LYS A 35 -1.15 2.57 -10.23
N ILE A 36 -0.74 2.39 -8.98
CA ILE A 36 -0.34 1.08 -8.47
C ILE A 36 -1.50 0.09 -8.57
N GLN A 37 -2.65 0.47 -8.02
CA GLN A 37 -3.83 -0.36 -8.06
C GLN A 37 -4.22 -0.74 -9.48
N ASN A 38 -4.09 0.20 -10.40
CA ASN A 38 -4.43 -0.03 -11.81
C ASN A 38 -3.28 -0.74 -12.54
N ASP A 39 -2.09 -0.71 -11.96
CA ASP A 39 -0.92 -1.32 -12.58
C ASP A 39 -0.87 -2.80 -12.22
N ALA A 40 -1.20 -3.11 -10.98
CA ALA A 40 -1.17 -4.48 -10.51
C ALA A 40 -2.55 -5.13 -10.59
N GLY A 41 -3.57 -4.31 -10.80
CA GLY A 41 -4.94 -4.82 -10.82
C GLY A 41 -5.38 -5.24 -9.44
N VAL A 42 -5.12 -4.38 -8.47
CA VAL A 42 -5.37 -4.68 -7.07
C VAL A 42 -6.19 -3.58 -6.42
N ARG A 43 -6.52 -3.79 -5.16
CA ARG A 43 -7.14 -2.75 -4.36
C ARG A 43 -6.35 -2.56 -3.09
N ILE A 44 -6.11 -1.32 -2.73
CA ILE A 44 -5.37 -1.00 -1.53
C ILE A 44 -6.24 -0.18 -0.59
N GLN A 45 -6.69 -0.80 0.50
CA GLN A 45 -7.53 -0.13 1.47
C GLN A 45 -6.78 0.15 2.76
N PHE A 46 -6.66 1.41 3.11
CA PHE A 46 -5.96 1.79 4.33
C PHE A 46 -6.80 1.51 5.56
N LYS A 47 -6.37 0.53 6.34
CA LYS A 47 -7.02 0.21 7.59
C LYS A 47 -6.65 1.22 8.65
N GLN A 48 -7.59 2.10 8.95
CA GLN A 48 -7.39 3.14 9.94
C GLN A 48 -7.58 2.57 11.34
N ASP A 49 -8.23 1.42 11.41
CA ASP A 49 -8.55 0.77 12.67
C ASP A 49 -7.32 0.05 13.23
N ASP A 50 -7.12 0.19 14.54
CA ASP A 50 -5.96 -0.35 15.26
C ASP A 50 -4.69 0.40 14.86
N GLY A 51 -4.19 0.12 13.67
CA GLY A 51 -3.00 0.80 13.17
C GLY A 51 -1.75 0.43 13.94
N THR A 52 -0.92 -0.43 13.35
CA THR A 52 0.28 -0.92 14.01
C THR A 52 1.34 0.17 14.18
N GLY A 53 1.23 0.93 15.26
CA GLY A 53 2.21 1.95 15.58
C GLY A 53 2.27 3.04 14.53
N PRO A 54 3.48 3.40 14.08
CA PRO A 54 3.69 4.49 13.13
C PRO A 54 3.41 4.07 11.69
N GLU A 55 2.83 2.90 11.52
CA GLU A 55 2.54 2.37 10.20
C GLU A 55 1.07 2.03 10.06
N LYS A 56 0.46 2.48 8.97
CA LYS A 56 -0.91 2.10 8.62
C LYS A 56 -0.89 0.72 8.00
N ILE A 57 -2.04 0.09 7.87
CA ILE A 57 -2.10 -1.20 7.22
C ILE A 57 -2.85 -1.09 5.91
N ALA A 58 -2.12 -1.19 4.81
CA ALA A 58 -2.72 -1.24 3.50
C ALA A 58 -3.27 -2.65 3.28
N HIS A 59 -4.53 -2.77 2.91
CA HIS A 59 -5.10 -4.07 2.71
C HIS A 59 -5.26 -4.31 1.23
N ILE A 60 -4.35 -5.08 0.68
CA ILE A 60 -4.31 -5.34 -0.76
C ILE A 60 -5.18 -6.55 -1.08
N MET A 61 -5.86 -6.51 -2.21
CA MET A 61 -6.88 -7.50 -2.51
C MET A 61 -6.91 -7.82 -3.99
N GLY A 62 -7.78 -8.73 -4.36
CA GLY A 62 -7.82 -9.22 -5.71
C GLY A 62 -7.29 -10.64 -5.77
N PRO A 63 -6.29 -10.90 -6.61
CA PRO A 63 -5.66 -12.22 -6.70
C PRO A 63 -4.66 -12.44 -5.57
N PRO A 64 -4.72 -13.61 -4.92
CA PRO A 64 -3.89 -13.94 -3.75
C PRO A 64 -2.40 -13.81 -4.01
N ASP A 65 -1.97 -14.17 -5.22
CA ASP A 65 -0.56 -14.06 -5.58
C ASP A 65 -0.25 -12.62 -5.99
N ARG A 66 -1.21 -12.00 -6.64
CA ARG A 66 -1.05 -10.66 -7.17
C ARG A 66 -0.96 -9.63 -6.05
N CYS A 67 -1.76 -9.82 -5.00
CA CYS A 67 -1.73 -8.90 -3.88
C CYS A 67 -0.34 -8.83 -3.28
N GLU A 68 0.32 -9.98 -3.22
CA GLU A 68 1.70 -10.06 -2.72
C GLU A 68 2.66 -9.31 -3.63
N HIS A 69 2.40 -9.37 -4.93
CA HIS A 69 3.26 -8.70 -5.89
C HIS A 69 3.05 -7.19 -5.83
N ALA A 70 1.80 -6.80 -5.59
CA ALA A 70 1.47 -5.40 -5.40
C ALA A 70 2.04 -4.90 -4.08
N ALA A 71 2.12 -5.82 -3.11
CA ALA A 71 2.73 -5.53 -1.83
C ALA A 71 4.18 -5.15 -2.03
N ARG A 72 4.81 -5.82 -2.98
CA ARG A 72 6.21 -5.56 -3.27
C ARG A 72 6.36 -4.22 -3.99
N ILE A 73 5.36 -3.85 -4.79
CA ILE A 73 5.33 -2.54 -5.42
C ILE A 73 5.41 -1.45 -4.36
N ILE A 74 4.51 -1.53 -3.39
CA ILE A 74 4.44 -0.57 -2.30
C ILE A 74 5.67 -0.66 -1.41
N ASN A 75 6.04 -1.87 -1.04
CA ASN A 75 7.16 -2.13 -0.14
C ASN A 75 8.47 -1.64 -0.74
N ASP A 76 8.62 -1.82 -2.03
CA ASP A 76 9.80 -1.32 -2.76
C ASP A 76 9.89 0.19 -2.64
N LEU A 77 8.75 0.86 -2.81
CA LEU A 77 8.69 2.31 -2.67
C LEU A 77 9.03 2.69 -1.22
N LEU A 78 8.46 1.96 -0.28
CA LEU A 78 8.69 2.20 1.13
C LEU A 78 10.15 2.01 1.50
N GLN A 79 10.78 1.01 0.89
CA GLN A 79 12.19 0.72 1.13
C GLN A 79 13.05 1.94 0.83
N SER A 80 12.75 2.61 -0.27
CA SER A 80 13.51 3.77 -0.71
C SER A 80 13.43 4.89 0.33
N LEU A 81 12.26 5.02 0.97
CA LEU A 81 12.04 6.05 1.98
C LEU A 81 12.46 5.57 3.37
N ARG A 82 12.54 4.25 3.53
CA ARG A 82 12.82 3.64 4.83
C ARG A 82 14.16 4.11 5.38
#